data_8Z3H
# 
_entry.id   8Z3H 
# 
_audit_conform.dict_name       mmcif_pdbx.dic 
_audit_conform.dict_version    5.406 
_audit_conform.dict_location   http://mmcif.pdb.org/dictionaries/ascii/mmcif_pdbx.dic 
# 
loop_
_database_2.database_id 
_database_2.database_code 
_database_2.pdbx_database_accession 
_database_2.pdbx_DOI 
PDB   8Z3H         pdb_00008z3h 10.2210/pdb8z3h/pdb 
WWPDB D_1300046953 ?            ?                   
# 
loop_
_pdbx_audit_revision_history.ordinal 
_pdbx_audit_revision_history.data_content_type 
_pdbx_audit_revision_history.major_revision 
_pdbx_audit_revision_history.minor_revision 
_pdbx_audit_revision_history.revision_date 
_pdbx_audit_revision_history.part_number 
1 'Structure model' 1 0 2025-04-23 ? 
2 'Structure model' 1 1 2025-11-05 ? 
# 
_pdbx_audit_revision_details.ordinal             1 
_pdbx_audit_revision_details.revision_ordinal    1 
_pdbx_audit_revision_details.data_content_type   'Structure model' 
_pdbx_audit_revision_details.provider            repository 
_pdbx_audit_revision_details.type                'Initial release' 
_pdbx_audit_revision_details.description         ? 
_pdbx_audit_revision_details.details             ? 
# 
_pdbx_audit_revision_group.ordinal             1 
_pdbx_audit_revision_group.revision_ordinal    2 
_pdbx_audit_revision_group.data_content_type   'Structure model' 
_pdbx_audit_revision_group.group               'Database references' 
# 
loop_
_pdbx_audit_revision_category.ordinal 
_pdbx_audit_revision_category.revision_ordinal 
_pdbx_audit_revision_category.data_content_type 
_pdbx_audit_revision_category.category 
1 2 'Structure model' citation        
2 2 'Structure model' citation_author 
# 
loop_
_pdbx_audit_revision_item.ordinal 
_pdbx_audit_revision_item.revision_ordinal 
_pdbx_audit_revision_item.data_content_type 
_pdbx_audit_revision_item.item 
1  2 'Structure model' '_citation.country'                 
2  2 'Structure model' '_citation.journal_abbrev'          
3  2 'Structure model' '_citation.journal_id_CSD'          
4  2 'Structure model' '_citation.journal_id_ISSN'         
5  2 'Structure model' '_citation.journal_volume'          
6  2 'Structure model' '_citation.page_first'              
7  2 'Structure model' '_citation.page_last'               
8  2 'Structure model' '_citation.pdbx_database_id_DOI'    
9  2 'Structure model' '_citation.pdbx_database_id_PubMed' 
10 2 'Structure model' '_citation.title'                   
11 2 'Structure model' '_citation.year'                    
# 
_pdbx_database_status.status_code                     REL 
_pdbx_database_status.status_code_sf                  REL 
_pdbx_database_status.status_code_mr                  ? 
_pdbx_database_status.entry_id                        8Z3H 
_pdbx_database_status.recvd_initial_deposition_date   2024-04-15 
_pdbx_database_status.SG_entry                        N 
_pdbx_database_status.deposit_site                    PDBJ 
_pdbx_database_status.process_site                    PDBC 
_pdbx_database_status.status_code_cs                  ? 
_pdbx_database_status.status_code_nmr_data            ? 
_pdbx_database_status.methods_development_category    ? 
_pdbx_database_status.pdb_format_compatible           Y 
# 
_pdbx_contact_author.id                 2 
_pdbx_contact_author.email              nxzhang@simm.ac.cn 
_pdbx_contact_author.name_first         Naixia 
_pdbx_contact_author.name_last          Zhang 
_pdbx_contact_author.name_mi            ? 
_pdbx_contact_author.role               'principal investigator/group leader' 
_pdbx_contact_author.identifier_ORCID   0000-0003-4824-5819 
# 
loop_
_audit_author.name 
_audit_author.pdbx_ordinal 
_audit_author.identifier_ORCID 
'Shi, L.'   1 ? 
'Zhong, Y.' 2 ? 
'Tang, J.'  3 ? 
'Xu, Z.'    4 ? 
'Zhang, N.' 5 ? 
# 
_citation.abstract                  ? 
_citation.abstract_id_CAS           ? 
_citation.book_id_ISBN              ? 
_citation.book_publisher            ? 
_citation.book_publisher_city       ? 
_citation.book_title                ? 
_citation.coordinate_linkage        ? 
_citation.country                   UK 
_citation.database_id_Medline       ? 
_citation.details                   ? 
_citation.id                        primary 
_citation.journal_abbrev            'Commun Biol' 
_citation.journal_id_ASTM           ? 
_citation.journal_id_CSD            ? 
_citation.journal_id_ISSN           2399-3642 
_citation.journal_full              ? 
_citation.journal_issue             ? 
_citation.journal_volume            8 
_citation.language                  ? 
_citation.page_first                761 
_citation.page_last                 761 
_citation.title                     
'Benzbromarone interferes with the interaction between Hsp90 and Aha1 by interacting with both of them.' 
_citation.year                      2025 
_citation.database_id_CSD           ? 
_citation.pdbx_database_id_DOI      10.1038/s42003-025-08189-3 
_citation.pdbx_database_id_PubMed   40379881 
_citation.pdbx_database_id_patent   ? 
_citation.unpublished_flag          ? 
# 
loop_
_citation_author.citation_id 
_citation_author.name 
_citation_author.ordinal 
_citation_author.identifier_ORCID 
primary 'Zhong, Y.' 1  ?                   
primary 'Shi, L.'   2  0000-0003-2013-5511 
primary 'Xu, Z.'    3  ?                   
primary 'Gao, J.'   4  ?                   
primary 'Ma, Q.'    5  ?                   
primary 'Gao, T.'   6  ?                   
primary 'Tang, J.'  7  ?                   
primary 'Xiong, M.' 8  ?                   
primary 'Xu, Y.'    9  0000-0002-1581-6155 
primary 'Dai, H.'   10 ?                   
primary 'Zhou, H.'  11 0000-0001-7006-4737 
primary 'Zhang, N.' 12 0000-0003-4824-5819 
primary 'Zhou, C.'  13 0000-0002-0280-6273 
# 
loop_
_entity.id 
_entity.type 
_entity.src_method 
_entity.pdbx_description 
_entity.formula_weight 
_entity.pdbx_number_of_molecules 
_entity.pdbx_ec 
_entity.pdbx_mutation 
_entity.pdbx_fragment 
_entity.details 
1 polymer man 'Activator of 90 kDa heat shock protein ATPase homolog 1' 15185.155 1  ? ? ? pET15b 
2 water   nat water                                                     18.015    70 ? ? ? ?      
# 
_entity_name_com.entity_id   1 
_entity_name_com.name        AHA1,p38 
# 
_entity_poly.entity_id                      1 
_entity_poly.type                           'polypeptide(L)' 
_entity_poly.nstd_linkage                   no 
_entity_poly.nstd_monomer                   no 
_entity_poly.pdbx_seq_one_letter_code       
;IPTCKITLKETFLTSPEELYRVFTTQELVQAFTHAPATLEADRGGKFHMVDGNVSGEFTDLVPEKHIVMKWRFKSWPEGH
FATITLTFIDKNGETELCMEGRGIPAPEEERTRQGWQRYYFEGIKQTFGYGA
;
_entity_poly.pdbx_seq_one_letter_code_can   
;IPTCKITLKETFLTSPEELYRVFTTQELVQAFTHAPATLEADRGGKFHMVDGNVSGEFTDLVPEKHIVMKWRFKSWPEGH
FATITLTFIDKNGETELCMEGRGIPAPEEERTRQGWQRYYFEGIKQTFGYGA
;
_entity_poly.pdbx_strand_id                 A 
_entity_poly.pdbx_target_identifier         ? 
# 
_pdbx_entity_nonpoly.entity_id   2 
_pdbx_entity_nonpoly.name        water 
_pdbx_entity_nonpoly.comp_id     HOH 
# 
loop_
_entity_poly_seq.entity_id 
_entity_poly_seq.num 
_entity_poly_seq.mon_id 
_entity_poly_seq.hetero 
1 1   ILE n 
1 2   PRO n 
1 3   THR n 
1 4   CYS n 
1 5   LYS n 
1 6   ILE n 
1 7   THR n 
1 8   LEU n 
1 9   LYS n 
1 10  GLU n 
1 11  THR n 
1 12  PHE n 
1 13  LEU n 
1 14  THR n 
1 15  SER n 
1 16  PRO n 
1 17  GLU n 
1 18  GLU n 
1 19  LEU n 
1 20  TYR n 
1 21  ARG n 
1 22  VAL n 
1 23  PHE n 
1 24  THR n 
1 25  THR n 
1 26  GLN n 
1 27  GLU n 
1 28  LEU n 
1 29  VAL n 
1 30  GLN n 
1 31  ALA n 
1 32  PHE n 
1 33  THR n 
1 34  HIS n 
1 35  ALA n 
1 36  PRO n 
1 37  ALA n 
1 38  THR n 
1 39  LEU n 
1 40  GLU n 
1 41  ALA n 
1 42  ASP n 
1 43  ARG n 
1 44  GLY n 
1 45  GLY n 
1 46  LYS n 
1 47  PHE n 
1 48  HIS n 
1 49  MET n 
1 50  VAL n 
1 51  ASP n 
1 52  GLY n 
1 53  ASN n 
1 54  VAL n 
1 55  SER n 
1 56  GLY n 
1 57  GLU n 
1 58  PHE n 
1 59  THR n 
1 60  ASP n 
1 61  LEU n 
1 62  VAL n 
1 63  PRO n 
1 64  GLU n 
1 65  LYS n 
1 66  HIS n 
1 67  ILE n 
1 68  VAL n 
1 69  MET n 
1 70  LYS n 
1 71  TRP n 
1 72  ARG n 
1 73  PHE n 
1 74  LYS n 
1 75  SER n 
1 76  TRP n 
1 77  PRO n 
1 78  GLU n 
1 79  GLY n 
1 80  HIS n 
1 81  PHE n 
1 82  ALA n 
1 83  THR n 
1 84  ILE n 
1 85  THR n 
1 86  LEU n 
1 87  THR n 
1 88  PHE n 
1 89  ILE n 
1 90  ASP n 
1 91  LYS n 
1 92  ASN n 
1 93  GLY n 
1 94  GLU n 
1 95  THR n 
1 96  GLU n 
1 97  LEU n 
1 98  CYS n 
1 99  MET n 
1 100 GLU n 
1 101 GLY n 
1 102 ARG n 
1 103 GLY n 
1 104 ILE n 
1 105 PRO n 
1 106 ALA n 
1 107 PRO n 
1 108 GLU n 
1 109 GLU n 
1 110 GLU n 
1 111 ARG n 
1 112 THR n 
1 113 ARG n 
1 114 GLN n 
1 115 GLY n 
1 116 TRP n 
1 117 GLN n 
1 118 ARG n 
1 119 TYR n 
1 120 TYR n 
1 121 PHE n 
1 122 GLU n 
1 123 GLY n 
1 124 ILE n 
1 125 LYS n 
1 126 GLN n 
1 127 THR n 
1 128 PHE n 
1 129 GLY n 
1 130 TYR n 
1 131 GLY n 
1 132 ALA n 
# 
_entity_src_gen.entity_id                          1 
_entity_src_gen.pdbx_src_id                        1 
_entity_src_gen.pdbx_alt_source_flag               sample 
_entity_src_gen.pdbx_seq_type                      'Biological sequence' 
_entity_src_gen.pdbx_beg_seq_num                   1 
_entity_src_gen.pdbx_end_seq_num                   132 
_entity_src_gen.gene_src_common_name               human 
_entity_src_gen.gene_src_genus                     ? 
_entity_src_gen.pdbx_gene_src_gene                 'AHSA1, C14orf3, HSPC322' 
_entity_src_gen.gene_src_species                   ? 
_entity_src_gen.gene_src_strain                    ? 
_entity_src_gen.gene_src_tissue                    ? 
_entity_src_gen.gene_src_tissue_fraction           ? 
_entity_src_gen.gene_src_details                   ? 
_entity_src_gen.pdbx_gene_src_fragment             ? 
_entity_src_gen.pdbx_gene_src_scientific_name      'Homo sapiens' 
_entity_src_gen.pdbx_gene_src_ncbi_taxonomy_id     9606 
_entity_src_gen.pdbx_gene_src_variant              ? 
_entity_src_gen.pdbx_gene_src_cell_line            ? 
_entity_src_gen.pdbx_gene_src_atcc                 ? 
_entity_src_gen.pdbx_gene_src_organ                ? 
_entity_src_gen.pdbx_gene_src_organelle            ? 
_entity_src_gen.pdbx_gene_src_cell                 ? 
_entity_src_gen.pdbx_gene_src_cellular_location    ? 
_entity_src_gen.host_org_common_name               ? 
_entity_src_gen.pdbx_host_org_scientific_name      Eschenbachia 
_entity_src_gen.pdbx_host_org_ncbi_taxonomy_id     1408200 
_entity_src_gen.host_org_genus                     ? 
_entity_src_gen.pdbx_host_org_gene                 ? 
_entity_src_gen.pdbx_host_org_organ                ? 
_entity_src_gen.host_org_species                   ? 
_entity_src_gen.pdbx_host_org_tissue               ? 
_entity_src_gen.pdbx_host_org_tissue_fraction      ? 
_entity_src_gen.pdbx_host_org_strain               ? 
_entity_src_gen.pdbx_host_org_variant              ? 
_entity_src_gen.pdbx_host_org_cell_line            ? 
_entity_src_gen.pdbx_host_org_atcc                 ? 
_entity_src_gen.pdbx_host_org_culture_collection   ? 
_entity_src_gen.pdbx_host_org_cell                 ? 
_entity_src_gen.pdbx_host_org_organelle            ? 
_entity_src_gen.pdbx_host_org_cellular_location    ? 
_entity_src_gen.pdbx_host_org_vector_type          ? 
_entity_src_gen.pdbx_host_org_vector               ? 
_entity_src_gen.host_org_details                   ? 
_entity_src_gen.expression_system_id               ? 
_entity_src_gen.plasmid_name                       ? 
_entity_src_gen.plasmid_details                    ? 
_entity_src_gen.pdbx_description                   ? 
# 
loop_
_chem_comp.id 
_chem_comp.type 
_chem_comp.mon_nstd_flag 
_chem_comp.name 
_chem_comp.pdbx_synonyms 
_chem_comp.formula 
_chem_comp.formula_weight 
ALA 'L-peptide linking' y ALANINE         ? 'C3 H7 N O2'     89.093  
ARG 'L-peptide linking' y ARGININE        ? 'C6 H15 N4 O2 1' 175.209 
ASN 'L-peptide linking' y ASPARAGINE      ? 'C4 H8 N2 O3'    132.118 
ASP 'L-peptide linking' y 'ASPARTIC ACID' ? 'C4 H7 N O4'     133.103 
CYS 'L-peptide linking' y CYSTEINE        ? 'C3 H7 N O2 S'   121.158 
GLN 'L-peptide linking' y GLUTAMINE       ? 'C5 H10 N2 O3'   146.144 
GLU 'L-peptide linking' y 'GLUTAMIC ACID' ? 'C5 H9 N O4'     147.129 
GLY 'peptide linking'   y GLYCINE         ? 'C2 H5 N O2'     75.067  
HIS 'L-peptide linking' y HISTIDINE       ? 'C6 H10 N3 O2 1' 156.162 
HOH non-polymer         . WATER           ? 'H2 O'           18.015  
ILE 'L-peptide linking' y ISOLEUCINE      ? 'C6 H13 N O2'    131.173 
LEU 'L-peptide linking' y LEUCINE         ? 'C6 H13 N O2'    131.173 
LYS 'L-peptide linking' y LYSINE          ? 'C6 H15 N2 O2 1' 147.195 
MET 'L-peptide linking' y METHIONINE      ? 'C5 H11 N O2 S'  149.211 
PHE 'L-peptide linking' y PHENYLALANINE   ? 'C9 H11 N O2'    165.189 
PRO 'L-peptide linking' y PROLINE         ? 'C5 H9 N O2'     115.130 
SER 'L-peptide linking' y SERINE          ? 'C3 H7 N O3'     105.093 
THR 'L-peptide linking' y THREONINE       ? 'C4 H9 N O3'     119.119 
TRP 'L-peptide linking' y TRYPTOPHAN      ? 'C11 H12 N2 O2'  204.225 
TYR 'L-peptide linking' y TYROSINE        ? 'C9 H11 N O3'    181.189 
VAL 'L-peptide linking' y VALINE          ? 'C5 H11 N O2'    117.146 
# 
loop_
_pdbx_poly_seq_scheme.asym_id 
_pdbx_poly_seq_scheme.entity_id 
_pdbx_poly_seq_scheme.seq_id 
_pdbx_poly_seq_scheme.mon_id 
_pdbx_poly_seq_scheme.ndb_seq_num 
_pdbx_poly_seq_scheme.pdb_seq_num 
_pdbx_poly_seq_scheme.auth_seq_num 
_pdbx_poly_seq_scheme.pdb_mon_id 
_pdbx_poly_seq_scheme.auth_mon_id 
_pdbx_poly_seq_scheme.pdb_strand_id 
_pdbx_poly_seq_scheme.pdb_ins_code 
_pdbx_poly_seq_scheme.hetero 
A 1 1   ILE 1   204 204 ILE ILE A . n 
A 1 2   PRO 2   205 205 PRO PRO A . n 
A 1 3   THR 3   206 206 THR THR A . n 
A 1 4   CYS 4   207 207 CYS CYS A . n 
A 1 5   LYS 5   208 208 LYS LYS A . n 
A 1 6   ILE 6   209 209 ILE ILE A . n 
A 1 7   THR 7   210 210 THR THR A . n 
A 1 8   LEU 8   211 211 LEU LEU A . n 
A 1 9   LYS 9   212 212 LYS LYS A . n 
A 1 10  GLU 10  213 213 GLU GLU A . n 
A 1 11  THR 11  214 214 THR THR A . n 
A 1 12  PHE 12  215 215 PHE PHE A . n 
A 1 13  LEU 13  216 216 LEU LEU A . n 
A 1 14  THR 14  217 217 THR THR A . n 
A 1 15  SER 15  218 218 SER SER A . n 
A 1 16  PRO 16  219 219 PRO PRO A . n 
A 1 17  GLU 17  220 220 GLU GLU A . n 
A 1 18  GLU 18  221 221 GLU GLU A . n 
A 1 19  LEU 19  222 222 LEU LEU A . n 
A 1 20  TYR 20  223 223 TYR TYR A . n 
A 1 21  ARG 21  224 224 ARG ARG A . n 
A 1 22  VAL 22  225 225 VAL VAL A . n 
A 1 23  PHE 23  226 226 PHE PHE A . n 
A 1 24  THR 24  227 227 THR THR A . n 
A 1 25  THR 25  228 228 THR THR A . n 
A 1 26  GLN 26  229 229 GLN GLN A . n 
A 1 27  GLU 27  230 230 GLU GLU A . n 
A 1 28  LEU 28  231 231 LEU LEU A . n 
A 1 29  VAL 29  232 232 VAL VAL A . n 
A 1 30  GLN 30  233 233 GLN GLN A . n 
A 1 31  ALA 31  234 234 ALA ALA A . n 
A 1 32  PHE 32  235 235 PHE PHE A . n 
A 1 33  THR 33  236 236 THR THR A . n 
A 1 34  HIS 34  237 237 HIS HIS A . n 
A 1 35  ALA 35  238 238 ALA ALA A . n 
A 1 36  PRO 36  239 239 PRO PRO A . n 
A 1 37  ALA 37  240 240 ALA ALA A . n 
A 1 38  THR 38  241 241 THR THR A . n 
A 1 39  LEU 39  242 242 LEU LEU A . n 
A 1 40  GLU 40  243 243 GLU GLU A . n 
A 1 41  ALA 41  244 244 ALA ALA A . n 
A 1 42  ASP 42  245 245 ASP ASP A . n 
A 1 43  ARG 43  246 246 ARG ARG A . n 
A 1 44  GLY 44  247 247 GLY GLY A . n 
A 1 45  GLY 45  248 248 GLY GLY A . n 
A 1 46  LYS 46  249 249 LYS LYS A . n 
A 1 47  PHE 47  250 250 PHE PHE A . n 
A 1 48  HIS 48  251 251 HIS HIS A . n 
A 1 49  MET 49  252 252 MET MET A . n 
A 1 50  VAL 50  253 253 VAL VAL A . n 
A 1 51  ASP 51  254 254 ASP ASP A . n 
A 1 52  GLY 52  255 255 GLY GLY A . n 
A 1 53  ASN 53  256 256 ASN ASN A . n 
A 1 54  VAL 54  257 257 VAL VAL A . n 
A 1 55  SER 55  258 258 SER SER A . n 
A 1 56  GLY 56  259 259 GLY GLY A . n 
A 1 57  GLU 57  260 260 GLU GLU A . n 
A 1 58  PHE 58  261 261 PHE PHE A . n 
A 1 59  THR 59  262 262 THR THR A . n 
A 1 60  ASP 60  263 263 ASP ASP A . n 
A 1 61  LEU 61  264 264 LEU LEU A . n 
A 1 62  VAL 62  265 265 VAL VAL A . n 
A 1 63  PRO 63  266 266 PRO PRO A . n 
A 1 64  GLU 64  267 267 GLU GLU A . n 
A 1 65  LYS 65  268 268 LYS LYS A . n 
A 1 66  HIS 66  269 269 HIS HIS A . n 
A 1 67  ILE 67  270 270 ILE ILE A . n 
A 1 68  VAL 68  271 271 VAL VAL A . n 
A 1 69  MET 69  272 272 MET MET A . n 
A 1 70  LYS 70  273 273 LYS LYS A . n 
A 1 71  TRP 71  274 274 TRP TRP A . n 
A 1 72  ARG 72  275 275 ARG ARG A . n 
A 1 73  PHE 73  276 276 PHE PHE A . n 
A 1 74  LYS 74  277 277 LYS LYS A . n 
A 1 75  SER 75  278 278 SER SER A . n 
A 1 76  TRP 76  279 279 TRP TRP A . n 
A 1 77  PRO 77  280 280 PRO PRO A . n 
A 1 78  GLU 78  281 281 GLU GLU A . n 
A 1 79  GLY 79  282 282 GLY GLY A . n 
A 1 80  HIS 80  283 283 HIS HIS A . n 
A 1 81  PHE 81  284 284 PHE PHE A . n 
A 1 82  ALA 82  285 285 ALA ALA A . n 
A 1 83  THR 83  286 286 THR THR A . n 
A 1 84  ILE 84  287 287 ILE ILE A . n 
A 1 85  THR 85  288 288 THR THR A . n 
A 1 86  LEU 86  289 289 LEU LEU A . n 
A 1 87  THR 87  290 290 THR THR A . n 
A 1 88  PHE 88  291 291 PHE PHE A . n 
A 1 89  ILE 89  292 292 ILE ILE A . n 
A 1 90  ASP 90  293 293 ASP ASP A . n 
A 1 91  LYS 91  294 294 LYS LYS A . n 
A 1 92  ASN 92  295 295 ASN ASN A . n 
A 1 93  GLY 93  296 296 GLY GLY A . n 
A 1 94  GLU 94  297 297 GLU GLU A . n 
A 1 95  THR 95  298 298 THR THR A . n 
A 1 96  GLU 96  299 299 GLU GLU A . n 
A 1 97  LEU 97  300 300 LEU LEU A . n 
A 1 98  CYS 98  301 301 CYS CYS A . n 
A 1 99  MET 99  302 302 MET MET A . n 
A 1 100 GLU 100 303 303 GLU GLU A . n 
A 1 101 GLY 101 304 304 GLY GLY A . n 
A 1 102 ARG 102 305 305 ARG ARG A . n 
A 1 103 GLY 103 306 306 GLY GLY A . n 
A 1 104 ILE 104 307 307 ILE ILE A . n 
A 1 105 PRO 105 308 308 PRO PRO A . n 
A 1 106 ALA 106 309 309 ALA ALA A . n 
A 1 107 PRO 107 310 310 PRO PRO A . n 
A 1 108 GLU 108 311 311 GLU GLU A . n 
A 1 109 GLU 109 312 312 GLU GLU A . n 
A 1 110 GLU 110 313 313 GLU GLU A . n 
A 1 111 ARG 111 314 314 ARG ARG A . n 
A 1 112 THR 112 315 315 THR THR A . n 
A 1 113 ARG 113 316 316 ARG ARG A . n 
A 1 114 GLN 114 317 317 GLN GLN A . n 
A 1 115 GLY 115 318 318 GLY GLY A . n 
A 1 116 TRP 116 319 319 TRP TRP A . n 
A 1 117 GLN 117 320 320 GLN GLN A . n 
A 1 118 ARG 118 321 321 ARG ARG A . n 
A 1 119 TYR 119 322 322 TYR TYR A . n 
A 1 120 TYR 120 323 323 TYR TYR A . n 
A 1 121 PHE 121 324 324 PHE PHE A . n 
A 1 122 GLU 122 325 325 GLU GLU A . n 
A 1 123 GLY 123 326 326 GLY GLY A . n 
A 1 124 ILE 124 327 327 ILE ILE A . n 
A 1 125 LYS 125 328 328 LYS LYS A . n 
A 1 126 GLN 126 329 329 GLN GLN A . n 
A 1 127 THR 127 330 330 THR THR A . n 
A 1 128 PHE 128 331 331 PHE PHE A . n 
A 1 129 GLY 129 332 332 GLY GLY A . n 
A 1 130 TYR 130 333 333 TYR TYR A . n 
A 1 131 GLY 131 334 334 GLY GLY A . n 
A 1 132 ALA 132 335 335 ALA ALA A . n 
# 
loop_
_pdbx_nonpoly_scheme.asym_id 
_pdbx_nonpoly_scheme.entity_id 
_pdbx_nonpoly_scheme.mon_id 
_pdbx_nonpoly_scheme.ndb_seq_num 
_pdbx_nonpoly_scheme.pdb_seq_num 
_pdbx_nonpoly_scheme.auth_seq_num 
_pdbx_nonpoly_scheme.pdb_mon_id 
_pdbx_nonpoly_scheme.auth_mon_id 
_pdbx_nonpoly_scheme.pdb_strand_id 
_pdbx_nonpoly_scheme.pdb_ins_code 
B 2 HOH 1  401 46 HOH HOH A . 
B 2 HOH 2  402 61 HOH HOH A . 
B 2 HOH 3  403 48 HOH HOH A . 
B 2 HOH 4  404 17 HOH HOH A . 
B 2 HOH 5  405 14 HOH HOH A . 
B 2 HOH 6  406 44 HOH HOH A . 
B 2 HOH 7  407 18 HOH HOH A . 
B 2 HOH 8  408 64 HOH HOH A . 
B 2 HOH 9  409 24 HOH HOH A . 
B 2 HOH 10 410 57 HOH HOH A . 
B 2 HOH 11 411 31 HOH HOH A . 
B 2 HOH 12 412 22 HOH HOH A . 
B 2 HOH 13 413 41 HOH HOH A . 
B 2 HOH 14 414 38 HOH HOH A . 
B 2 HOH 15 415 49 HOH HOH A . 
B 2 HOH 16 416 1  HOH HOH A . 
B 2 HOH 17 417 16 HOH HOH A . 
B 2 HOH 18 418 45 HOH HOH A . 
B 2 HOH 19 419 5  HOH HOH A . 
B 2 HOH 20 420 52 HOH HOH A . 
B 2 HOH 21 421 25 HOH HOH A . 
B 2 HOH 22 422 2  HOH HOH A . 
B 2 HOH 23 423 9  HOH HOH A . 
B 2 HOH 24 424 37 HOH HOH A . 
B 2 HOH 25 425 11 HOH HOH A . 
B 2 HOH 26 426 51 HOH HOH A . 
B 2 HOH 27 427 15 HOH HOH A . 
B 2 HOH 28 428 13 HOH HOH A . 
B 2 HOH 29 429 35 HOH HOH A . 
B 2 HOH 30 430 34 HOH HOH A . 
B 2 HOH 31 431 4  HOH HOH A . 
B 2 HOH 32 432 23 HOH HOH A . 
B 2 HOH 33 433 69 HOH HOH A . 
B 2 HOH 34 434 30 HOH HOH A . 
B 2 HOH 35 435 3  HOH HOH A . 
B 2 HOH 36 436 33 HOH HOH A . 
B 2 HOH 37 437 39 HOH HOH A . 
B 2 HOH 38 438 47 HOH HOH A . 
B 2 HOH 39 439 65 HOH HOH A . 
B 2 HOH 40 440 26 HOH HOH A . 
B 2 HOH 41 441 36 HOH HOH A . 
B 2 HOH 42 442 7  HOH HOH A . 
B 2 HOH 43 443 12 HOH HOH A . 
B 2 HOH 44 444 63 HOH HOH A . 
B 2 HOH 45 445 28 HOH HOH A . 
B 2 HOH 46 446 70 HOH HOH A . 
B 2 HOH 47 447 59 HOH HOH A . 
B 2 HOH 48 448 60 HOH HOH A . 
B 2 HOH 49 449 6  HOH HOH A . 
B 2 HOH 50 450 20 HOH HOH A . 
B 2 HOH 51 451 10 HOH HOH A . 
B 2 HOH 52 452 58 HOH HOH A . 
B 2 HOH 53 453 32 HOH HOH A . 
B 2 HOH 54 454 21 HOH HOH A . 
B 2 HOH 55 455 27 HOH HOH A . 
B 2 HOH 56 456 54 HOH HOH A . 
B 2 HOH 57 457 50 HOH HOH A . 
B 2 HOH 58 458 66 HOH HOH A . 
B 2 HOH 59 459 8  HOH HOH A . 
B 2 HOH 60 460 55 HOH HOH A . 
B 2 HOH 61 461 62 HOH HOH A . 
B 2 HOH 62 462 29 HOH HOH A . 
B 2 HOH 63 463 53 HOH HOH A . 
B 2 HOH 64 464 67 HOH HOH A . 
B 2 HOH 65 465 68 HOH HOH A . 
B 2 HOH 66 466 40 HOH HOH A . 
B 2 HOH 67 467 42 HOH HOH A . 
B 2 HOH 68 468 19 HOH HOH A . 
B 2 HOH 69 469 43 HOH HOH A . 
B 2 HOH 70 470 56 HOH HOH A . 
# 
loop_
_software.citation_id 
_software.classification 
_software.compiler_name 
_software.compiler_version 
_software.contact_author 
_software.contact_author_email 
_software.date 
_software.description 
_software.dependencies 
_software.hardware 
_software.language 
_software.location 
_software.mods 
_software.name 
_software.os 
_software.os_version 
_software.type 
_software.version 
_software.pdbx_ordinal 
? refinement       ? ? ? ? ? ? ? ? ? ? ? REFMAC ? ? ? 5.8.0267 1 
? 'data scaling'   ? ? ? ? ? ? ? ? ? ? ? xia2   ? ? ? 3.6.1    2 
? 'data reduction' ? ? ? ? ? ? ? ? ? ? ? xia2   ? ? ? 3.6.1    3 
? phasing          ? ? ? ? ? ? ? ? ? ? ? MOLREP ? ? ? 11.7.03  4 
# 
_cell.angle_alpha                  90.00 
_cell.angle_alpha_esd              ? 
_cell.angle_beta                   90.00 
_cell.angle_beta_esd               ? 
_cell.angle_gamma                  90.00 
_cell.angle_gamma_esd              ? 
_cell.entry_id                     8Z3H 
_cell.details                      ? 
_cell.formula_units_Z              ? 
_cell.length_a                     54.200 
_cell.length_a_esd                 ? 
_cell.length_b                     66.340 
_cell.length_b_esd                 ? 
_cell.length_c                     68.270 
_cell.length_c_esd                 ? 
_cell.volume                       ? 
_cell.volume_esd                   ? 
_cell.Z_PDB                        8 
_cell.reciprocal_angle_alpha       ? 
_cell.reciprocal_angle_beta        ? 
_cell.reciprocal_angle_gamma       ? 
_cell.reciprocal_angle_alpha_esd   ? 
_cell.reciprocal_angle_beta_esd    ? 
_cell.reciprocal_angle_gamma_esd   ? 
_cell.reciprocal_length_a          ? 
_cell.reciprocal_length_b          ? 
_cell.reciprocal_length_c          ? 
_cell.reciprocal_length_a_esd      ? 
_cell.reciprocal_length_b_esd      ? 
_cell.reciprocal_length_c_esd      ? 
_cell.pdbx_unique_axis             ? 
_cell.pdbx_esd_method              ? 
# 
_symmetry.entry_id                         8Z3H 
_symmetry.cell_setting                     ? 
_symmetry.Int_Tables_number                23 
_symmetry.space_group_name_Hall            ? 
_symmetry.space_group_name_H-M             'I 2 2 2' 
_symmetry.pdbx_full_space_group_name_H-M   ? 
# 
_exptl.absorpt_coefficient_mu     ? 
_exptl.absorpt_correction_T_max   ? 
_exptl.absorpt_correction_T_min   ? 
_exptl.absorpt_correction_type    ? 
_exptl.absorpt_process_details    ? 
_exptl.entry_id                   8Z3H 
_exptl.crystals_number            1 
_exptl.details                    ? 
_exptl.method                     'X-RAY DIFFRACTION' 
_exptl.method_details             ? 
# 
_exptl_crystal.colour                       ? 
_exptl_crystal.density_diffrn               ? 
_exptl_crystal.density_Matthews             2.02 
_exptl_crystal.density_method               ? 
_exptl_crystal.density_percent_sol          39.13 
_exptl_crystal.description                  ? 
_exptl_crystal.F_000                        ? 
_exptl_crystal.id                           1 
_exptl_crystal.preparation                  ? 
_exptl_crystal.size_max                     ? 
_exptl_crystal.size_mid                     ? 
_exptl_crystal.size_min                     ? 
_exptl_crystal.size_rad                     ? 
_exptl_crystal.colour_lustre                ? 
_exptl_crystal.colour_modifier              ? 
_exptl_crystal.colour_primary               ? 
_exptl_crystal.density_meas                 ? 
_exptl_crystal.density_meas_esd             ? 
_exptl_crystal.density_meas_gt              ? 
_exptl_crystal.density_meas_lt              ? 
_exptl_crystal.density_meas_temp            ? 
_exptl_crystal.density_meas_temp_esd        ? 
_exptl_crystal.density_meas_temp_gt         ? 
_exptl_crystal.density_meas_temp_lt         ? 
_exptl_crystal.pdbx_crystal_image_url       ? 
_exptl_crystal.pdbx_crystal_image_format    ? 
_exptl_crystal.pdbx_mosaicity               ? 
_exptl_crystal.pdbx_mosaicity_esd           ? 
_exptl_crystal.pdbx_mosaic_method           ? 
_exptl_crystal.pdbx_mosaic_block_size       ? 
_exptl_crystal.pdbx_mosaic_block_size_esd   ? 
# 
_exptl_crystal_grow.apparatus       ? 
_exptl_crystal_grow.atmosphere      ? 
_exptl_crystal_grow.crystal_id      1 
_exptl_crystal_grow.details         ? 
_exptl_crystal_grow.method          'VAPOR DIFFUSION, SITTING DROP' 
_exptl_crystal_grow.method_ref      ? 
_exptl_crystal_grow.pH              ? 
_exptl_crystal_grow.pressure        ? 
_exptl_crystal_grow.pressure_esd    ? 
_exptl_crystal_grow.seeding         ? 
_exptl_crystal_grow.seeding_ref     ? 
_exptl_crystal_grow.temp_details    ? 
_exptl_crystal_grow.temp_esd        ? 
_exptl_crystal_grow.time            ? 
_exptl_crystal_grow.pdbx_details    
;0.1 M MIB pH 7.0,
25% PEG1500
;
_exptl_crystal_grow.pdbx_pH_range   ? 
_exptl_crystal_grow.temp            291 
# 
_diffrn.ambient_environment              ? 
_diffrn.ambient_temp                     80 
_diffrn.ambient_temp_details             ? 
_diffrn.ambient_temp_esd                 ? 
_diffrn.crystal_id                       1 
_diffrn.crystal_support                  ? 
_diffrn.crystal_treatment                ? 
_diffrn.details                          ? 
_diffrn.id                               1 
_diffrn.ambient_pressure                 ? 
_diffrn.ambient_pressure_esd             ? 
_diffrn.ambient_pressure_gt              ? 
_diffrn.ambient_pressure_lt              ? 
_diffrn.ambient_temp_gt                  ? 
_diffrn.ambient_temp_lt                  ? 
_diffrn.pdbx_serial_crystal_experiment   N 
# 
_diffrn_detector.details                      ? 
_diffrn_detector.detector                     PIXEL 
_diffrn_detector.diffrn_id                    1 
_diffrn_detector.type                         'DECTRIS EIGER2 S 9M' 
_diffrn_detector.area_resol_mean              ? 
_diffrn_detector.dtime                        ? 
_diffrn_detector.pdbx_frames_total            ? 
_diffrn_detector.pdbx_collection_time_total   ? 
_diffrn_detector.pdbx_collection_date         2022-09-28 
_diffrn_detector.pdbx_frequency               ? 
_diffrn_detector.id                           ? 
_diffrn_detector.number_of_axes               ? 
# 
_diffrn_radiation.collimation                      ? 
_diffrn_radiation.diffrn_id                        1 
_diffrn_radiation.filter_edge                      ? 
_diffrn_radiation.inhomogeneity                    ? 
_diffrn_radiation.monochromator                    ? 
_diffrn_radiation.polarisn_norm                    ? 
_diffrn_radiation.polarisn_ratio                   ? 
_diffrn_radiation.probe                            ? 
_diffrn_radiation.type                             ? 
_diffrn_radiation.xray_symbol                      ? 
_diffrn_radiation.wavelength_id                    1 
_diffrn_radiation.pdbx_monochromatic_or_laue_m_l   M 
_diffrn_radiation.pdbx_wavelength_list             ? 
_diffrn_radiation.pdbx_wavelength                  ? 
_diffrn_radiation.pdbx_diffrn_protocol             'SINGLE WAVELENGTH' 
_diffrn_radiation.pdbx_analyzer                    ? 
_diffrn_radiation.pdbx_scattering_type             x-ray 
# 
_diffrn_radiation_wavelength.id           1 
_diffrn_radiation_wavelength.wavelength   0.979145 
_diffrn_radiation_wavelength.wt           1.0 
# 
_diffrn_source.current                     ? 
_diffrn_source.details                     ? 
_diffrn_source.diffrn_id                   1 
_diffrn_source.power                       ? 
_diffrn_source.size                        ? 
_diffrn_source.source                      SYNCHROTRON 
_diffrn_source.target                      ? 
_diffrn_source.type                        'SSRF BEAMLINE BL02U1' 
_diffrn_source.voltage                     ? 
_diffrn_source.take-off_angle              ? 
_diffrn_source.pdbx_wavelength_list        0.979145 
_diffrn_source.pdbx_wavelength             ? 
_diffrn_source.pdbx_synchrotron_beamline   BL02U1 
_diffrn_source.pdbx_synchrotron_site       SSRF 
# 
_reflns.B_iso_Wilson_estimate                          ? 
_reflns.entry_id                                       8Z3H 
_reflns.data_reduction_details                         ? 
_reflns.data_reduction_method                          ? 
_reflns.d_resolution_high                              1.5 
_reflns.d_resolution_low                               42.45 
_reflns.details                                        ? 
_reflns.limit_h_max                                    ? 
_reflns.limit_h_min                                    ? 
_reflns.limit_k_max                                    ? 
_reflns.limit_k_min                                    ? 
_reflns.limit_l_max                                    ? 
_reflns.limit_l_min                                    ? 
_reflns.number_all                                     ? 
_reflns.number_obs                                     19683 
_reflns.observed_criterion                             ? 
_reflns.observed_criterion_F_max                       ? 
_reflns.observed_criterion_F_min                       ? 
_reflns.observed_criterion_I_max                       ? 
_reflns.observed_criterion_I_min                       ? 
_reflns.observed_criterion_sigma_F                     ? 
_reflns.observed_criterion_sigma_I                     ? 
_reflns.percent_possible_obs                           97.92 
_reflns.R_free_details                                 ? 
_reflns.Rmerge_F_all                                   ? 
_reflns.Rmerge_F_obs                                   ? 
_reflns.Friedel_coverage                               ? 
_reflns.number_gt                                      ? 
_reflns.threshold_expression                           ? 
_reflns.pdbx_redundancy                                2.0 
_reflns.pdbx_netI_over_av_sigmaI                       ? 
_reflns.pdbx_netI_over_sigmaI                          17.71 
_reflns.pdbx_res_netI_over_av_sigmaI_2                 ? 
_reflns.pdbx_res_netI_over_sigmaI_2                    ? 
_reflns.pdbx_chi_squared                               ? 
_reflns.pdbx_scaling_rejects                           ? 
_reflns.pdbx_d_res_high_opt                            ? 
_reflns.pdbx_d_res_low_opt                             ? 
_reflns.pdbx_d_res_opt_method                          ? 
_reflns.phase_calculation_details                      ? 
_reflns.pdbx_Rrim_I_all                                ? 
_reflns.pdbx_Rpim_I_all                                ? 
_reflns.pdbx_d_opt                                     ? 
_reflns.pdbx_number_measured_all                       ? 
_reflns.pdbx_diffrn_id                                 1 
_reflns.pdbx_ordinal                                   1 
_reflns.pdbx_CC_half                                   0.998 
_reflns.pdbx_CC_star                                   ? 
_reflns.pdbx_R_split                                   ? 
_reflns.pdbx_Rmerge_I_obs                              ? 
_reflns.pdbx_Rmerge_I_all                              ? 
_reflns.pdbx_Rsym_value                                ? 
_reflns.pdbx_CC_split_method                           ? 
_reflns.pdbx_aniso_diffraction_limit_axis_1_ortho[1]   ? 
_reflns.pdbx_aniso_diffraction_limit_axis_1_ortho[2]   ? 
_reflns.pdbx_aniso_diffraction_limit_axis_1_ortho[3]   ? 
_reflns.pdbx_aniso_diffraction_limit_axis_2_ortho[1]   ? 
_reflns.pdbx_aniso_diffraction_limit_axis_2_ortho[2]   ? 
_reflns.pdbx_aniso_diffraction_limit_axis_2_ortho[3]   ? 
_reflns.pdbx_aniso_diffraction_limit_axis_3_ortho[1]   ? 
_reflns.pdbx_aniso_diffraction_limit_axis_3_ortho[2]   ? 
_reflns.pdbx_aniso_diffraction_limit_axis_3_ortho[3]   ? 
_reflns.pdbx_aniso_diffraction_limit_1                 ? 
_reflns.pdbx_aniso_diffraction_limit_2                 ? 
_reflns.pdbx_aniso_diffraction_limit_3                 ? 
_reflns.pdbx_aniso_B_tensor_eigenvector_1_ortho[1]     ? 
_reflns.pdbx_aniso_B_tensor_eigenvector_1_ortho[2]     ? 
_reflns.pdbx_aniso_B_tensor_eigenvector_1_ortho[3]     ? 
_reflns.pdbx_aniso_B_tensor_eigenvector_2_ortho[1]     ? 
_reflns.pdbx_aniso_B_tensor_eigenvector_2_ortho[2]     ? 
_reflns.pdbx_aniso_B_tensor_eigenvector_2_ortho[3]     ? 
_reflns.pdbx_aniso_B_tensor_eigenvector_3_ortho[1]     ? 
_reflns.pdbx_aniso_B_tensor_eigenvector_3_ortho[2]     ? 
_reflns.pdbx_aniso_B_tensor_eigenvector_3_ortho[3]     ? 
_reflns.pdbx_aniso_B_tensor_eigenvalue_1               ? 
_reflns.pdbx_aniso_B_tensor_eigenvalue_2               ? 
_reflns.pdbx_aniso_B_tensor_eigenvalue_3               ? 
_reflns.pdbx_orthogonalization_convention              ? 
_reflns.pdbx_percent_possible_ellipsoidal              ? 
_reflns.pdbx_percent_possible_spherical                ? 
_reflns.pdbx_percent_possible_ellipsoidal_anomalous    ? 
_reflns.pdbx_percent_possible_spherical_anomalous      ? 
_reflns.pdbx_redundancy_anomalous                      ? 
_reflns.pdbx_CC_half_anomalous                         ? 
_reflns.pdbx_absDiff_over_sigma_anomalous              ? 
_reflns.pdbx_percent_possible_anomalous                ? 
_reflns.pdbx_observed_signal_threshold                 ? 
_reflns.pdbx_signal_type                               ? 
_reflns.pdbx_signal_details                            ? 
_reflns.pdbx_signal_software_id                        ? 
# 
_reflns_shell.d_res_high                                    1.5 
_reflns_shell.d_res_low                                     1.554 
_reflns_shell.meanI_over_sigI_all                           ? 
_reflns_shell.meanI_over_sigI_obs                           ? 
_reflns_shell.number_measured_all                           ? 
_reflns_shell.number_measured_obs                           ? 
_reflns_shell.number_possible                               ? 
_reflns_shell.number_unique_all                             ? 
_reflns_shell.number_unique_obs                             1875 
_reflns_shell.percent_possible_obs                          ? 
_reflns_shell.Rmerge_F_all                                  ? 
_reflns_shell.Rmerge_F_obs                                  ? 
_reflns_shell.meanI_over_sigI_gt                            ? 
_reflns_shell.meanI_over_uI_all                             ? 
_reflns_shell.meanI_over_uI_gt                              ? 
_reflns_shell.number_measured_gt                            ? 
_reflns_shell.number_unique_gt                              ? 
_reflns_shell.percent_possible_gt                           ? 
_reflns_shell.Rmerge_F_gt                                   ? 
_reflns_shell.Rmerge_I_gt                                   ? 
_reflns_shell.pdbx_redundancy                               ? 
_reflns_shell.pdbx_chi_squared                              ? 
_reflns_shell.pdbx_netI_over_sigmaI_all                     ? 
_reflns_shell.pdbx_netI_over_sigmaI_obs                     ? 
_reflns_shell.pdbx_Rrim_I_all                               ? 
_reflns_shell.pdbx_Rpim_I_all                               ? 
_reflns_shell.pdbx_rejects                                  ? 
_reflns_shell.pdbx_ordinal                                  1 
_reflns_shell.pdbx_diffrn_id                                1 
_reflns_shell.pdbx_CC_half                                  0.955 
_reflns_shell.pdbx_CC_star                                  ? 
_reflns_shell.pdbx_R_split                                  ? 
_reflns_shell.percent_possible_all                          ? 
_reflns_shell.Rmerge_I_all                                  ? 
_reflns_shell.Rmerge_I_obs                                  ? 
_reflns_shell.pdbx_Rsym_value                               ? 
_reflns_shell.pdbx_percent_possible_ellipsoidal             ? 
_reflns_shell.pdbx_percent_possible_spherical               ? 
_reflns_shell.pdbx_percent_possible_ellipsoidal_anomalous   ? 
_reflns_shell.pdbx_percent_possible_spherical_anomalous     ? 
_reflns_shell.pdbx_redundancy_anomalous                     ? 
_reflns_shell.pdbx_CC_half_anomalous                        ? 
_reflns_shell.pdbx_absDiff_over_sigma_anomalous             ? 
_reflns_shell.pdbx_percent_possible_anomalous               ? 
# 
_refine.aniso_B[1][1]                            0.13 
_refine.aniso_B[1][2]                            0.00 
_refine.aniso_B[1][3]                            -0.00 
_refine.aniso_B[2][2]                            0.88 
_refine.aniso_B[2][3]                            0.00 
_refine.aniso_B[3][3]                            -1.01 
_refine.B_iso_max                                ? 
_refine.B_iso_mean                               16.471 
_refine.B_iso_min                                ? 
_refine.correlation_coeff_Fo_to_Fc               0.960 
_refine.correlation_coeff_Fo_to_Fc_free          0.936 
_refine.details                                  'HYDROGENS HAVE BEEN ADDED IN THE RIDING POSITIONS' 
_refine.diff_density_max                         ? 
_refine.diff_density_max_esd                     ? 
_refine.diff_density_min                         ? 
_refine.diff_density_min_esd                     ? 
_refine.diff_density_rms                         ? 
_refine.diff_density_rms_esd                     ? 
_refine.entry_id                                 8Z3H 
_refine.pdbx_refine_id                           'X-RAY DIFFRACTION' 
_refine.ls_abs_structure_details                 ? 
_refine.ls_abs_structure_Flack                   ? 
_refine.ls_abs_structure_Flack_esd               ? 
_refine.ls_abs_structure_Rogers                  ? 
_refine.ls_abs_structure_Rogers_esd              ? 
_refine.ls_d_res_high                            1.50 
_refine.ls_d_res_low                             42.45 
_refine.ls_extinction_coef                       ? 
_refine.ls_extinction_coef_esd                   ? 
_refine.ls_extinction_expression                 ? 
_refine.ls_extinction_method                     ? 
_refine.ls_goodness_of_fit_all                   ? 
_refine.ls_goodness_of_fit_all_esd               ? 
_refine.ls_goodness_of_fit_obs                   ? 
_refine.ls_goodness_of_fit_obs_esd               ? 
_refine.ls_hydrogen_treatment                    ? 
_refine.ls_matrix_type                           ? 
_refine.ls_number_constraints                    ? 
_refine.ls_number_parameters                     ? 
_refine.ls_number_reflns_all                     ? 
_refine.ls_number_reflns_obs                     18688 
_refine.ls_number_reflns_R_free                  995 
_refine.ls_number_reflns_R_work                  ? 
_refine.ls_number_restraints                     ? 
_refine.ls_percent_reflns_obs                    97.95 
_refine.ls_percent_reflns_R_free                 5.1 
_refine.ls_R_factor_all                          ? 
_refine.ls_R_factor_obs                          0.18062 
_refine.ls_R_factor_R_free                       0.21848 
_refine.ls_R_factor_R_free_error                 ? 
_refine.ls_R_factor_R_free_error_details         ? 
_refine.ls_R_factor_R_work                       0.17853 
_refine.ls_R_Fsqd_factor_obs                     ? 
_refine.ls_R_I_factor_obs                        ? 
_refine.ls_redundancy_reflns_all                 ? 
_refine.ls_redundancy_reflns_obs                 ? 
_refine.ls_restrained_S_all                      ? 
_refine.ls_restrained_S_obs                      ? 
_refine.ls_shift_over_esd_max                    ? 
_refine.ls_shift_over_esd_mean                   ? 
_refine.ls_structure_factor_coef                 ? 
_refine.ls_weighting_details                     ? 
_refine.ls_weighting_scheme                      ? 
_refine.ls_wR_factor_all                         ? 
_refine.ls_wR_factor_obs                         ? 
_refine.ls_wR_factor_R_free                      ? 
_refine.ls_wR_factor_R_work                      ? 
_refine.occupancy_max                            ? 
_refine.occupancy_min                            ? 
_refine.solvent_model_details                    MASK 
_refine.solvent_model_param_bsol                 ? 
_refine.solvent_model_param_ksol                 ? 
_refine.pdbx_R_complete                          ? 
_refine.ls_R_factor_gt                           ? 
_refine.ls_goodness_of_fit_gt                    ? 
_refine.ls_goodness_of_fit_ref                   ? 
_refine.ls_shift_over_su_max                     ? 
_refine.ls_shift_over_su_max_lt                  ? 
_refine.ls_shift_over_su_mean                    ? 
_refine.ls_shift_over_su_mean_lt                 ? 
_refine.pdbx_ls_sigma_I                          ? 
_refine.pdbx_ls_sigma_F                          ? 
_refine.pdbx_ls_sigma_Fsqd                       ? 
_refine.pdbx_data_cutoff_high_absF               ? 
_refine.pdbx_data_cutoff_high_rms_absF           ? 
_refine.pdbx_data_cutoff_low_absF                ? 
_refine.pdbx_isotropic_thermal_model             ? 
_refine.pdbx_ls_cross_valid_method               THROUGHOUT 
_refine.pdbx_method_to_determine_struct          'MOLECULAR REPLACEMENT' 
_refine.pdbx_starting_model                      ? 
_refine.pdbx_stereochemistry_target_values       'MAXIMUM LIKELIHOOD' 
_refine.pdbx_R_Free_selection_details            RANDOM 
_refine.pdbx_stereochem_target_val_spec_case     ? 
_refine.pdbx_overall_ESU_R                       0.080 
_refine.pdbx_overall_ESU_R_Free                  0.085 
_refine.pdbx_solvent_vdw_probe_radii             1.20 
_refine.pdbx_solvent_ion_probe_radii             0.80 
_refine.pdbx_solvent_shrinkage_radii             0.80 
_refine.pdbx_real_space_R                        ? 
_refine.pdbx_density_correlation                 ? 
_refine.pdbx_pd_number_of_powder_patterns        ? 
_refine.pdbx_pd_number_of_points                 ? 
_refine.pdbx_pd_meas_number_of_points            ? 
_refine.pdbx_pd_proc_ls_prof_R_factor            ? 
_refine.pdbx_pd_proc_ls_prof_wR_factor           ? 
_refine.pdbx_pd_Marquardt_correlation_coeff      ? 
_refine.pdbx_pd_Fsqrd_R_factor                   ? 
_refine.pdbx_pd_ls_matrix_band_width             ? 
_refine.pdbx_overall_phase_error                 ? 
_refine.pdbx_overall_SU_R_free_Cruickshank_DPI   ? 
_refine.pdbx_overall_SU_R_free_Blow_DPI          ? 
_refine.pdbx_overall_SU_R_Blow_DPI               ? 
_refine.pdbx_TLS_residual_ADP_flag               ? 
_refine.pdbx_diffrn_id                           1 
_refine.overall_SU_B                             1.240 
_refine.overall_SU_ML                            0.047 
_refine.overall_SU_R_Cruickshank_DPI             ? 
_refine.overall_SU_R_free                        ? 
_refine.overall_FOM_free_R_set                   ? 
_refine.overall_FOM_work_R_set                   ? 
_refine.pdbx_average_fsc_overall                 ? 
_refine.pdbx_average_fsc_work                    ? 
_refine.pdbx_average_fsc_free                    ? 
# 
_refine_hist.pdbx_refine_id                   'X-RAY DIFFRACTION' 
_refine_hist.cycle_id                         1 
_refine_hist.details                          ? 
_refine_hist.d_res_high                       1.50 
_refine_hist.d_res_low                        42.45 
_refine_hist.number_atoms_solvent             70 
_refine_hist.number_atoms_total               1140 
_refine_hist.number_reflns_all                ? 
_refine_hist.number_reflns_obs                ? 
_refine_hist.number_reflns_R_free             ? 
_refine_hist.number_reflns_R_work             ? 
_refine_hist.R_factor_all                     ? 
_refine_hist.R_factor_obs                     ? 
_refine_hist.R_factor_R_free                  ? 
_refine_hist.R_factor_R_work                  ? 
_refine_hist.pdbx_number_residues_total       ? 
_refine_hist.pdbx_B_iso_mean_ligand           ? 
_refine_hist.pdbx_B_iso_mean_solvent          ? 
_refine_hist.pdbx_number_atoms_protein        1070 
_refine_hist.pdbx_number_atoms_nucleic_acid   0 
_refine_hist.pdbx_number_atoms_ligand         0 
_refine_hist.pdbx_number_atoms_lipid          ? 
_refine_hist.pdbx_number_atoms_carb           ? 
_refine_hist.pdbx_pseudo_atom_details         ? 
# 
loop_
_refine_ls_restr.pdbx_refine_id 
_refine_ls_restr.criterion 
_refine_ls_restr.dev_ideal 
_refine_ls_restr.dev_ideal_target 
_refine_ls_restr.number 
_refine_ls_restr.rejects 
_refine_ls_restr.type 
_refine_ls_restr.weight 
_refine_ls_restr.pdbx_restraint_function 
'X-RAY DIFFRACTION' ? 0.014  0.013  1100 ? r_bond_refined_d             ? ? 
'X-RAY DIFFRACTION' ? 0.001  0.015  1007 ? r_bond_other_d               ? ? 
'X-RAY DIFFRACTION' ? 1.736  1.664  1488 ? r_angle_refined_deg          ? ? 
'X-RAY DIFFRACTION' ? 1.518  1.576  2328 ? r_angle_other_deg            ? ? 
'X-RAY DIFFRACTION' ? 6.496  5.000  131  ? r_dihedral_angle_1_deg       ? ? 
'X-RAY DIFFRACTION' ? 34.702 21.967 61   ? r_dihedral_angle_2_deg       ? ? 
'X-RAY DIFFRACTION' ? 12.808 15.000 185  ? r_dihedral_angle_3_deg       ? ? 
'X-RAY DIFFRACTION' ? 26.040 15.000 7    ? r_dihedral_angle_4_deg       ? ? 
'X-RAY DIFFRACTION' ? 0.103  0.200  142  ? r_chiral_restr               ? ? 
'X-RAY DIFFRACTION' ? 0.011  0.020  1233 ? r_gen_planes_refined         ? ? 
'X-RAY DIFFRACTION' ? 0.001  0.020  265  ? r_gen_planes_other           ? ? 
'X-RAY DIFFRACTION' ? ?      ?      ?    ? r_nbd_refined                ? ? 
'X-RAY DIFFRACTION' ? ?      ?      ?    ? r_nbd_other                  ? ? 
'X-RAY DIFFRACTION' ? ?      ?      ?    ? r_nbtor_refined              ? ? 
'X-RAY DIFFRACTION' ? ?      ?      ?    ? r_nbtor_other                ? ? 
'X-RAY DIFFRACTION' ? ?      ?      ?    ? r_xyhbond_nbd_refined        ? ? 
'X-RAY DIFFRACTION' ? ?      ?      ?    ? r_xyhbond_nbd_other          ? ? 
'X-RAY DIFFRACTION' ? ?      ?      ?    ? r_metal_ion_refined          ? ? 
'X-RAY DIFFRACTION' ? ?      ?      ?    ? r_metal_ion_other            ? ? 
'X-RAY DIFFRACTION' ? ?      ?      ?    ? r_symmetry_vdw_refined       ? ? 
'X-RAY DIFFRACTION' ? ?      ?      ?    ? r_symmetry_vdw_other         ? ? 
'X-RAY DIFFRACTION' ? ?      ?      ?    ? r_symmetry_hbond_refined     ? ? 
'X-RAY DIFFRACTION' ? ?      ?      ?    ? r_symmetry_hbond_other       ? ? 
'X-RAY DIFFRACTION' ? ?      ?      ?    ? r_symmetry_metal_ion_refined ? ? 
'X-RAY DIFFRACTION' ? ?      ?      ?    ? r_symmetry_metal_ion_other   ? ? 
'X-RAY DIFFRACTION' ? 1.586  1.367  527  ? r_mcbond_it                  ? ? 
'X-RAY DIFFRACTION' ? 1.559  1.364  526  ? r_mcbond_other               ? ? 
'X-RAY DIFFRACTION' ? 2.317  2.044  657  ? r_mcangle_it                 ? ? 
'X-RAY DIFFRACTION' ? 2.318  2.046  658  ? r_mcangle_other              ? ? 
'X-RAY DIFFRACTION' ? 3.152  1.819  573  ? r_scbond_it                  ? ? 
'X-RAY DIFFRACTION' ? 3.149  1.820  574  ? r_scbond_other               ? ? 
'X-RAY DIFFRACTION' ? ?      ?      ?    ? r_scangle_it                 ? ? 
'X-RAY DIFFRACTION' ? 4.866  2.575  832  ? r_scangle_other              ? ? 
'X-RAY DIFFRACTION' ? 6.384  18.183 1243 ? r_long_range_B_refined       ? ? 
'X-RAY DIFFRACTION' ? 6.209  17.556 1215 ? r_long_range_B_other         ? ? 
'X-RAY DIFFRACTION' ? ?      ?      ?    ? r_rigid_bond_restr           ? ? 
'X-RAY DIFFRACTION' ? ?      ?      ?    ? r_sphericity_free            ? ? 
'X-RAY DIFFRACTION' ? ?      ?      ?    ? r_sphericity_bonded          ? ? 
# 
_refine_ls_shell.pdbx_refine_id                   'X-RAY DIFFRACTION' 
_refine_ls_shell.d_res_high                       1.500 
_refine_ls_shell.d_res_low                        1.539 
_refine_ls_shell.number_reflns_all                ? 
_refine_ls_shell.number_reflns_obs                ? 
_refine_ls_shell.number_reflns_R_free             64 
_refine_ls_shell.number_reflns_R_work             1299 
_refine_ls_shell.percent_reflns_obs               93.87 
_refine_ls_shell.percent_reflns_R_free            ? 
_refine_ls_shell.R_factor_all                     ? 
_refine_ls_shell.R_factor_obs                     ? 
_refine_ls_shell.R_factor_R_free_error            ? 
_refine_ls_shell.R_factor_R_work                  0.220 
_refine_ls_shell.redundancy_reflns_all            ? 
_refine_ls_shell.redundancy_reflns_obs            ? 
_refine_ls_shell.wR_factor_all                    ? 
_refine_ls_shell.wR_factor_obs                    ? 
_refine_ls_shell.wR_factor_R_free                 ? 
_refine_ls_shell.wR_factor_R_work                 ? 
_refine_ls_shell.pdbx_R_complete                  ? 
_refine_ls_shell.pdbx_total_number_of_bins_used   20 
_refine_ls_shell.pdbx_phase_error                 ? 
_refine_ls_shell.pdbx_fsc_work                    ? 
_refine_ls_shell.pdbx_fsc_free                    ? 
_refine_ls_shell.R_factor_R_free                  0.217 
# 
_struct.entry_id                     8Z3H 
_struct.title                        
'Benzbromarone interferes with the interaction between Hsp90 and Aha1 by interacting with both of them' 
_struct.pdbx_model_details           ? 
_struct.pdbx_formula_weight          ? 
_struct.pdbx_formula_weight_method   ? 
_struct.pdbx_model_type_details      ? 
_struct.pdbx_CASP_flag               N 
# 
_struct_keywords.entry_id        8Z3H 
_struct_keywords.text            'Holdase, activator of HSP90, STRUCTURAL PROTEIN' 
_struct_keywords.pdbx_keywords   'STRUCTURAL PROTEIN' 
# 
loop_
_struct_asym.id 
_struct_asym.pdbx_blank_PDB_chainid_flag 
_struct_asym.pdbx_modified 
_struct_asym.entity_id 
_struct_asym.details 
A N N 1 ? 
B N N 2 ? 
# 
_struct_ref.id                         1 
_struct_ref.db_name                    UNP 
_struct_ref.db_code                    AHSA1_HUMAN 
_struct_ref.pdbx_db_accession          O95433 
_struct_ref.pdbx_db_isoform            ? 
_struct_ref.entity_id                  1 
_struct_ref.pdbx_seq_one_letter_code   
;IPTCKITLKETFLTSPEELYRVFTTQELVQAFTHAPATLEADRGGKFHMVDGNVSGEFTDLVPEKHIVMKWRFKSWPEGH
FATITLTFIDKNGETELCMEGRGIPAPEEERTRQGWQRYYFEGIKQTFGYGA
;
_struct_ref.pdbx_align_begin           204 
# 
_struct_ref_seq.align_id                      1 
_struct_ref_seq.ref_id                        1 
_struct_ref_seq.pdbx_PDB_id_code              8Z3H 
_struct_ref_seq.pdbx_strand_id                A 
_struct_ref_seq.seq_align_beg                 1 
_struct_ref_seq.pdbx_seq_align_beg_ins_code   ? 
_struct_ref_seq.seq_align_end                 132 
_struct_ref_seq.pdbx_seq_align_end_ins_code   ? 
_struct_ref_seq.pdbx_db_accession             O95433 
_struct_ref_seq.db_align_beg                  204 
_struct_ref_seq.pdbx_db_align_beg_ins_code    ? 
_struct_ref_seq.db_align_end                  335 
_struct_ref_seq.pdbx_db_align_end_ins_code    ? 
_struct_ref_seq.pdbx_auth_seq_align_beg       204 
_struct_ref_seq.pdbx_auth_seq_align_end       335 
# 
_pdbx_struct_assembly.id                   1 
_pdbx_struct_assembly.details              author_defined_assembly 
_pdbx_struct_assembly.method_details       ? 
_pdbx_struct_assembly.oligomeric_details   monomeric 
_pdbx_struct_assembly.oligomeric_count     1 
# 
_pdbx_struct_assembly_gen.assembly_id       1 
_pdbx_struct_assembly_gen.oper_expression   1 
_pdbx_struct_assembly_gen.asym_id_list      A,B 
# 
_pdbx_struct_assembly_auth_evidence.id                     1 
_pdbx_struct_assembly_auth_evidence.assembly_id            1 
_pdbx_struct_assembly_auth_evidence.experimental_support   'gel filtration' 
_pdbx_struct_assembly_auth_evidence.details                ? 
# 
_pdbx_struct_oper_list.id                   1 
_pdbx_struct_oper_list.type                 'identity operation' 
_pdbx_struct_oper_list.name                 1_555 
_pdbx_struct_oper_list.symmetry_operation   x,y,z 
_pdbx_struct_oper_list.matrix[1][1]         1.0000000000 
_pdbx_struct_oper_list.matrix[1][2]         0.0000000000 
_pdbx_struct_oper_list.matrix[1][3]         0.0000000000 
_pdbx_struct_oper_list.vector[1]            0.0000000000 
_pdbx_struct_oper_list.matrix[2][1]         0.0000000000 
_pdbx_struct_oper_list.matrix[2][2]         1.0000000000 
_pdbx_struct_oper_list.matrix[2][3]         0.0000000000 
_pdbx_struct_oper_list.vector[2]            0.0000000000 
_pdbx_struct_oper_list.matrix[3][1]         0.0000000000 
_pdbx_struct_oper_list.matrix[3][2]         0.0000000000 
_pdbx_struct_oper_list.matrix[3][3]         1.0000000000 
_pdbx_struct_oper_list.vector[3]            0.0000000000 
# 
loop_
_struct_conf.conf_type_id 
_struct_conf.id 
_struct_conf.pdbx_PDB_helix_id 
_struct_conf.beg_label_comp_id 
_struct_conf.beg_label_asym_id 
_struct_conf.beg_label_seq_id 
_struct_conf.pdbx_beg_PDB_ins_code 
_struct_conf.end_label_comp_id 
_struct_conf.end_label_asym_id 
_struct_conf.end_label_seq_id 
_struct_conf.pdbx_end_PDB_ins_code 
_struct_conf.beg_auth_comp_id 
_struct_conf.beg_auth_asym_id 
_struct_conf.beg_auth_seq_id 
_struct_conf.end_auth_comp_id 
_struct_conf.end_auth_asym_id 
_struct_conf.end_auth_seq_id 
_struct_conf.pdbx_PDB_helix_class 
_struct_conf.details 
_struct_conf.pdbx_PDB_helix_length 
HELX_P HELX_P1 AA1 SER A 15  ? THR A 25  ? SER A 218 THR A 228 1 ? 11 
HELX_P HELX_P2 AA2 THR A 25  ? HIS A 34  ? THR A 228 HIS A 237 1 ? 10 
HELX_P HELX_P3 AA3 GLU A 108 ? TYR A 120 ? GLU A 311 TYR A 323 1 ? 13 
HELX_P HELX_P4 AA4 TYR A 120 ? GLY A 129 ? TYR A 323 GLY A 332 1 ? 10 
# 
_struct_conf_type.id          HELX_P 
_struct_conf_type.criteria    ? 
_struct_conf_type.reference   ? 
# 
_struct_sheet.id               AA1 
_struct_sheet.type             ? 
_struct_sheet.number_strands   7 
_struct_sheet.details          ? 
# 
loop_
_struct_sheet_order.sheet_id 
_struct_sheet_order.range_id_1 
_struct_sheet_order.range_id_2 
_struct_sheet_order.offset 
_struct_sheet_order.sense 
AA1 1 2 ? anti-parallel 
AA1 2 3 ? anti-parallel 
AA1 3 4 ? anti-parallel 
AA1 4 5 ? anti-parallel 
AA1 5 6 ? anti-parallel 
AA1 6 7 ? anti-parallel 
# 
loop_
_struct_sheet_range.sheet_id 
_struct_sheet_range.id 
_struct_sheet_range.beg_label_comp_id 
_struct_sheet_range.beg_label_asym_id 
_struct_sheet_range.beg_label_seq_id 
_struct_sheet_range.pdbx_beg_PDB_ins_code 
_struct_sheet_range.end_label_comp_id 
_struct_sheet_range.end_label_asym_id 
_struct_sheet_range.end_label_seq_id 
_struct_sheet_range.pdbx_end_PDB_ins_code 
_struct_sheet_range.beg_auth_comp_id 
_struct_sheet_range.beg_auth_asym_id 
_struct_sheet_range.beg_auth_seq_id 
_struct_sheet_range.end_auth_comp_id 
_struct_sheet_range.end_auth_asym_id 
_struct_sheet_range.end_auth_seq_id 
AA1 1 THR A 3  ? PHE A 12  ? THR A 206 PHE A 215 
AA1 2 GLU A 94 ? PRO A 105 ? GLU A 297 PRO A 308 
AA1 3 ALA A 82 ? LYS A 91  ? ALA A 285 LYS A 294 
AA1 4 HIS A 66 ? PHE A 73  ? HIS A 269 PHE A 276 
AA1 5 VAL A 54 ? VAL A 62  ? VAL A 257 VAL A 265 
AA1 6 LYS A 46 ? MET A 49  ? LYS A 249 MET A 252 
AA1 7 THR A 38 ? LEU A 39  ? THR A 241 LEU A 242 
# 
loop_
_pdbx_struct_sheet_hbond.sheet_id 
_pdbx_struct_sheet_hbond.range_id_1 
_pdbx_struct_sheet_hbond.range_id_2 
_pdbx_struct_sheet_hbond.range_1_label_atom_id 
_pdbx_struct_sheet_hbond.range_1_label_comp_id 
_pdbx_struct_sheet_hbond.range_1_label_asym_id 
_pdbx_struct_sheet_hbond.range_1_label_seq_id 
_pdbx_struct_sheet_hbond.range_1_PDB_ins_code 
_pdbx_struct_sheet_hbond.range_1_auth_atom_id 
_pdbx_struct_sheet_hbond.range_1_auth_comp_id 
_pdbx_struct_sheet_hbond.range_1_auth_asym_id 
_pdbx_struct_sheet_hbond.range_1_auth_seq_id 
_pdbx_struct_sheet_hbond.range_2_label_atom_id 
_pdbx_struct_sheet_hbond.range_2_label_comp_id 
_pdbx_struct_sheet_hbond.range_2_label_asym_id 
_pdbx_struct_sheet_hbond.range_2_label_seq_id 
_pdbx_struct_sheet_hbond.range_2_PDB_ins_code 
_pdbx_struct_sheet_hbond.range_2_auth_atom_id 
_pdbx_struct_sheet_hbond.range_2_auth_comp_id 
_pdbx_struct_sheet_hbond.range_2_auth_asym_id 
_pdbx_struct_sheet_hbond.range_2_auth_seq_id 
AA1 1 2 N GLU A 10 ? N GLU A 213 O LEU A 97 ? O LEU A 300 
AA1 2 3 O GLU A 96 ? O GLU A 299 N ILE A 89 ? N ILE A 292 
AA1 3 4 O ALA A 82 ? O ALA A 285 N TRP A 71 ? N TRP A 274 
AA1 4 5 O LYS A 70 ? O LYS A 273 N GLU A 57 ? N GLU A 260 
AA1 5 6 O VAL A 54 ? O VAL A 257 N MET A 49 ? N MET A 252 
AA1 6 7 O HIS A 48 ? O HIS A 251 N THR A 38 ? N THR A 241 
# 
_pdbx_entry_details.entry_id                   8Z3H 
_pdbx_entry_details.compound_details           ? 
_pdbx_entry_details.source_details             ? 
_pdbx_entry_details.nonpolymer_details         ? 
_pdbx_entry_details.sequence_details           ? 
_pdbx_entry_details.has_ligand_of_interest     ? 
_pdbx_entry_details.has_protein_modification   N 
# 
loop_
_pdbx_validate_torsion.id 
_pdbx_validate_torsion.PDB_model_num 
_pdbx_validate_torsion.auth_comp_id 
_pdbx_validate_torsion.auth_asym_id 
_pdbx_validate_torsion.auth_seq_id 
_pdbx_validate_torsion.PDB_ins_code 
_pdbx_validate_torsion.label_alt_id 
_pdbx_validate_torsion.phi 
_pdbx_validate_torsion.psi 
1 1 LYS A 268 ? ? -124.56 -51.79 
2 1 TYR A 323 ? ? -90.64  -67.97 
# 
loop_
_pdbx_struct_special_symmetry.id 
_pdbx_struct_special_symmetry.PDB_model_num 
_pdbx_struct_special_symmetry.auth_asym_id 
_pdbx_struct_special_symmetry.auth_comp_id 
_pdbx_struct_special_symmetry.auth_seq_id 
_pdbx_struct_special_symmetry.PDB_ins_code 
_pdbx_struct_special_symmetry.label_asym_id 
_pdbx_struct_special_symmetry.label_comp_id 
_pdbx_struct_special_symmetry.label_seq_id 
1 1 A HOH 419 ? B HOH . 
2 1 A HOH 468 ? B HOH . 
# 
loop_
_chem_comp_atom.comp_id 
_chem_comp_atom.atom_id 
_chem_comp_atom.type_symbol 
_chem_comp_atom.pdbx_aromatic_flag 
_chem_comp_atom.pdbx_stereo_config 
_chem_comp_atom.pdbx_ordinal 
ALA N    N N N 1   
ALA CA   C N S 2   
ALA C    C N N 3   
ALA O    O N N 4   
ALA CB   C N N 5   
ALA OXT  O N N 6   
ALA H    H N N 7   
ALA H2   H N N 8   
ALA HA   H N N 9   
ALA HB1  H N N 10  
ALA HB2  H N N 11  
ALA HB3  H N N 12  
ALA HXT  H N N 13  
ARG N    N N N 14  
ARG CA   C N S 15  
ARG C    C N N 16  
ARG O    O N N 17  
ARG CB   C N N 18  
ARG CG   C N N 19  
ARG CD   C N N 20  
ARG NE   N N N 21  
ARG CZ   C N N 22  
ARG NH1  N N N 23  
ARG NH2  N N N 24  
ARG OXT  O N N 25  
ARG H    H N N 26  
ARG H2   H N N 27  
ARG HA   H N N 28  
ARG HB2  H N N 29  
ARG HB3  H N N 30  
ARG HG2  H N N 31  
ARG HG3  H N N 32  
ARG HD2  H N N 33  
ARG HD3  H N N 34  
ARG HE   H N N 35  
ARG HH11 H N N 36  
ARG HH12 H N N 37  
ARG HH21 H N N 38  
ARG HH22 H N N 39  
ARG HXT  H N N 40  
ASN N    N N N 41  
ASN CA   C N S 42  
ASN C    C N N 43  
ASN O    O N N 44  
ASN CB   C N N 45  
ASN CG   C N N 46  
ASN OD1  O N N 47  
ASN ND2  N N N 48  
ASN OXT  O N N 49  
ASN H    H N N 50  
ASN H2   H N N 51  
ASN HA   H N N 52  
ASN HB2  H N N 53  
ASN HB3  H N N 54  
ASN HD21 H N N 55  
ASN HD22 H N N 56  
ASN HXT  H N N 57  
ASP N    N N N 58  
ASP CA   C N S 59  
ASP C    C N N 60  
ASP O    O N N 61  
ASP CB   C N N 62  
ASP CG   C N N 63  
ASP OD1  O N N 64  
ASP OD2  O N N 65  
ASP OXT  O N N 66  
ASP H    H N N 67  
ASP H2   H N N 68  
ASP HA   H N N 69  
ASP HB2  H N N 70  
ASP HB3  H N N 71  
ASP HD2  H N N 72  
ASP HXT  H N N 73  
CYS N    N N N 74  
CYS CA   C N R 75  
CYS C    C N N 76  
CYS O    O N N 77  
CYS CB   C N N 78  
CYS SG   S N N 79  
CYS OXT  O N N 80  
CYS H    H N N 81  
CYS H2   H N N 82  
CYS HA   H N N 83  
CYS HB2  H N N 84  
CYS HB3  H N N 85  
CYS HG   H N N 86  
CYS HXT  H N N 87  
GLN N    N N N 88  
GLN CA   C N S 89  
GLN C    C N N 90  
GLN O    O N N 91  
GLN CB   C N N 92  
GLN CG   C N N 93  
GLN CD   C N N 94  
GLN OE1  O N N 95  
GLN NE2  N N N 96  
GLN OXT  O N N 97  
GLN H    H N N 98  
GLN H2   H N N 99  
GLN HA   H N N 100 
GLN HB2  H N N 101 
GLN HB3  H N N 102 
GLN HG2  H N N 103 
GLN HG3  H N N 104 
GLN HE21 H N N 105 
GLN HE22 H N N 106 
GLN HXT  H N N 107 
GLU N    N N N 108 
GLU CA   C N S 109 
GLU C    C N N 110 
GLU O    O N N 111 
GLU CB   C N N 112 
GLU CG   C N N 113 
GLU CD   C N N 114 
GLU OE1  O N N 115 
GLU OE2  O N N 116 
GLU OXT  O N N 117 
GLU H    H N N 118 
GLU H2   H N N 119 
GLU HA   H N N 120 
GLU HB2  H N N 121 
GLU HB3  H N N 122 
GLU HG2  H N N 123 
GLU HG3  H N N 124 
GLU HE2  H N N 125 
GLU HXT  H N N 126 
GLY N    N N N 127 
GLY CA   C N N 128 
GLY C    C N N 129 
GLY O    O N N 130 
GLY OXT  O N N 131 
GLY H    H N N 132 
GLY H2   H N N 133 
GLY HA2  H N N 134 
GLY HA3  H N N 135 
GLY HXT  H N N 136 
HIS N    N N N 137 
HIS CA   C N S 138 
HIS C    C N N 139 
HIS O    O N N 140 
HIS CB   C N N 141 
HIS CG   C Y N 142 
HIS ND1  N Y N 143 
HIS CD2  C Y N 144 
HIS CE1  C Y N 145 
HIS NE2  N Y N 146 
HIS OXT  O N N 147 
HIS H    H N N 148 
HIS H2   H N N 149 
HIS HA   H N N 150 
HIS HB2  H N N 151 
HIS HB3  H N N 152 
HIS HD1  H N N 153 
HIS HD2  H N N 154 
HIS HE1  H N N 155 
HIS HE2  H N N 156 
HIS HXT  H N N 157 
HOH O    O N N 158 
HOH H1   H N N 159 
HOH H2   H N N 160 
ILE N    N N N 161 
ILE CA   C N S 162 
ILE C    C N N 163 
ILE O    O N N 164 
ILE CB   C N S 165 
ILE CG1  C N N 166 
ILE CG2  C N N 167 
ILE CD1  C N N 168 
ILE OXT  O N N 169 
ILE H    H N N 170 
ILE H2   H N N 171 
ILE HA   H N N 172 
ILE HB   H N N 173 
ILE HG12 H N N 174 
ILE HG13 H N N 175 
ILE HG21 H N N 176 
ILE HG22 H N N 177 
ILE HG23 H N N 178 
ILE HD11 H N N 179 
ILE HD12 H N N 180 
ILE HD13 H N N 181 
ILE HXT  H N N 182 
LEU N    N N N 183 
LEU CA   C N S 184 
LEU C    C N N 185 
LEU O    O N N 186 
LEU CB   C N N 187 
LEU CG   C N N 188 
LEU CD1  C N N 189 
LEU CD2  C N N 190 
LEU OXT  O N N 191 
LEU H    H N N 192 
LEU H2   H N N 193 
LEU HA   H N N 194 
LEU HB2  H N N 195 
LEU HB3  H N N 196 
LEU HG   H N N 197 
LEU HD11 H N N 198 
LEU HD12 H N N 199 
LEU HD13 H N N 200 
LEU HD21 H N N 201 
LEU HD22 H N N 202 
LEU HD23 H N N 203 
LEU HXT  H N N 204 
LYS N    N N N 205 
LYS CA   C N S 206 
LYS C    C N N 207 
LYS O    O N N 208 
LYS CB   C N N 209 
LYS CG   C N N 210 
LYS CD   C N N 211 
LYS CE   C N N 212 
LYS NZ   N N N 213 
LYS OXT  O N N 214 
LYS H    H N N 215 
LYS H2   H N N 216 
LYS HA   H N N 217 
LYS HB2  H N N 218 
LYS HB3  H N N 219 
LYS HG2  H N N 220 
LYS HG3  H N N 221 
LYS HD2  H N N 222 
LYS HD3  H N N 223 
LYS HE2  H N N 224 
LYS HE3  H N N 225 
LYS HZ1  H N N 226 
LYS HZ2  H N N 227 
LYS HZ3  H N N 228 
LYS HXT  H N N 229 
MET N    N N N 230 
MET CA   C N S 231 
MET C    C N N 232 
MET O    O N N 233 
MET CB   C N N 234 
MET CG   C N N 235 
MET SD   S N N 236 
MET CE   C N N 237 
MET OXT  O N N 238 
MET H    H N N 239 
MET H2   H N N 240 
MET HA   H N N 241 
MET HB2  H N N 242 
MET HB3  H N N 243 
MET HG2  H N N 244 
MET HG3  H N N 245 
MET HE1  H N N 246 
MET HE2  H N N 247 
MET HE3  H N N 248 
MET HXT  H N N 249 
PHE N    N N N 250 
PHE CA   C N S 251 
PHE C    C N N 252 
PHE O    O N N 253 
PHE CB   C N N 254 
PHE CG   C Y N 255 
PHE CD1  C Y N 256 
PHE CD2  C Y N 257 
PHE CE1  C Y N 258 
PHE CE2  C Y N 259 
PHE CZ   C Y N 260 
PHE OXT  O N N 261 
PHE H    H N N 262 
PHE H2   H N N 263 
PHE HA   H N N 264 
PHE HB2  H N N 265 
PHE HB3  H N N 266 
PHE HD1  H N N 267 
PHE HD2  H N N 268 
PHE HE1  H N N 269 
PHE HE2  H N N 270 
PHE HZ   H N N 271 
PHE HXT  H N N 272 
PRO N    N N N 273 
PRO CA   C N S 274 
PRO C    C N N 275 
PRO O    O N N 276 
PRO CB   C N N 277 
PRO CG   C N N 278 
PRO CD   C N N 279 
PRO OXT  O N N 280 
PRO H    H N N 281 
PRO HA   H N N 282 
PRO HB2  H N N 283 
PRO HB3  H N N 284 
PRO HG2  H N N 285 
PRO HG3  H N N 286 
PRO HD2  H N N 287 
PRO HD3  H N N 288 
PRO HXT  H N N 289 
SER N    N N N 290 
SER CA   C N S 291 
SER C    C N N 292 
SER O    O N N 293 
SER CB   C N N 294 
SER OG   O N N 295 
SER OXT  O N N 296 
SER H    H N N 297 
SER H2   H N N 298 
SER HA   H N N 299 
SER HB2  H N N 300 
SER HB3  H N N 301 
SER HG   H N N 302 
SER HXT  H N N 303 
THR N    N N N 304 
THR CA   C N S 305 
THR C    C N N 306 
THR O    O N N 307 
THR CB   C N R 308 
THR OG1  O N N 309 
THR CG2  C N N 310 
THR OXT  O N N 311 
THR H    H N N 312 
THR H2   H N N 313 
THR HA   H N N 314 
THR HB   H N N 315 
THR HG1  H N N 316 
THR HG21 H N N 317 
THR HG22 H N N 318 
THR HG23 H N N 319 
THR HXT  H N N 320 
TRP N    N N N 321 
TRP CA   C N S 322 
TRP C    C N N 323 
TRP O    O N N 324 
TRP CB   C N N 325 
TRP CG   C Y N 326 
TRP CD1  C Y N 327 
TRP CD2  C Y N 328 
TRP NE1  N Y N 329 
TRP CE2  C Y N 330 
TRP CE3  C Y N 331 
TRP CZ2  C Y N 332 
TRP CZ3  C Y N 333 
TRP CH2  C Y N 334 
TRP OXT  O N N 335 
TRP H    H N N 336 
TRP H2   H N N 337 
TRP HA   H N N 338 
TRP HB2  H N N 339 
TRP HB3  H N N 340 
TRP HD1  H N N 341 
TRP HE1  H N N 342 
TRP HE3  H N N 343 
TRP HZ2  H N N 344 
TRP HZ3  H N N 345 
TRP HH2  H N N 346 
TRP HXT  H N N 347 
TYR N    N N N 348 
TYR CA   C N S 349 
TYR C    C N N 350 
TYR O    O N N 351 
TYR CB   C N N 352 
TYR CG   C Y N 353 
TYR CD1  C Y N 354 
TYR CD2  C Y N 355 
TYR CE1  C Y N 356 
TYR CE2  C Y N 357 
TYR CZ   C Y N 358 
TYR OH   O N N 359 
TYR OXT  O N N 360 
TYR H    H N N 361 
TYR H2   H N N 362 
TYR HA   H N N 363 
TYR HB2  H N N 364 
TYR HB3  H N N 365 
TYR HD1  H N N 366 
TYR HD2  H N N 367 
TYR HE1  H N N 368 
TYR HE2  H N N 369 
TYR HH   H N N 370 
TYR HXT  H N N 371 
VAL N    N N N 372 
VAL CA   C N S 373 
VAL C    C N N 374 
VAL O    O N N 375 
VAL CB   C N N 376 
VAL CG1  C N N 377 
VAL CG2  C N N 378 
VAL OXT  O N N 379 
VAL H    H N N 380 
VAL H2   H N N 381 
VAL HA   H N N 382 
VAL HB   H N N 383 
VAL HG11 H N N 384 
VAL HG12 H N N 385 
VAL HG13 H N N 386 
VAL HG21 H N N 387 
VAL HG22 H N N 388 
VAL HG23 H N N 389 
VAL HXT  H N N 390 
# 
loop_
_chem_comp_bond.comp_id 
_chem_comp_bond.atom_id_1 
_chem_comp_bond.atom_id_2 
_chem_comp_bond.value_order 
_chem_comp_bond.pdbx_aromatic_flag 
_chem_comp_bond.pdbx_stereo_config 
_chem_comp_bond.pdbx_ordinal 
ALA N   CA   sing N N 1   
ALA N   H    sing N N 2   
ALA N   H2   sing N N 3   
ALA CA  C    sing N N 4   
ALA CA  CB   sing N N 5   
ALA CA  HA   sing N N 6   
ALA C   O    doub N N 7   
ALA C   OXT  sing N N 8   
ALA CB  HB1  sing N N 9   
ALA CB  HB2  sing N N 10  
ALA CB  HB3  sing N N 11  
ALA OXT HXT  sing N N 12  
ARG N   CA   sing N N 13  
ARG N   H    sing N N 14  
ARG N   H2   sing N N 15  
ARG CA  C    sing N N 16  
ARG CA  CB   sing N N 17  
ARG CA  HA   sing N N 18  
ARG C   O    doub N N 19  
ARG C   OXT  sing N N 20  
ARG CB  CG   sing N N 21  
ARG CB  HB2  sing N N 22  
ARG CB  HB3  sing N N 23  
ARG CG  CD   sing N N 24  
ARG CG  HG2  sing N N 25  
ARG CG  HG3  sing N N 26  
ARG CD  NE   sing N N 27  
ARG CD  HD2  sing N N 28  
ARG CD  HD3  sing N N 29  
ARG NE  CZ   sing N N 30  
ARG NE  HE   sing N N 31  
ARG CZ  NH1  sing N N 32  
ARG CZ  NH2  doub N N 33  
ARG NH1 HH11 sing N N 34  
ARG NH1 HH12 sing N N 35  
ARG NH2 HH21 sing N N 36  
ARG NH2 HH22 sing N N 37  
ARG OXT HXT  sing N N 38  
ASN N   CA   sing N N 39  
ASN N   H    sing N N 40  
ASN N   H2   sing N N 41  
ASN CA  C    sing N N 42  
ASN CA  CB   sing N N 43  
ASN CA  HA   sing N N 44  
ASN C   O    doub N N 45  
ASN C   OXT  sing N N 46  
ASN CB  CG   sing N N 47  
ASN CB  HB2  sing N N 48  
ASN CB  HB3  sing N N 49  
ASN CG  OD1  doub N N 50  
ASN CG  ND2  sing N N 51  
ASN ND2 HD21 sing N N 52  
ASN ND2 HD22 sing N N 53  
ASN OXT HXT  sing N N 54  
ASP N   CA   sing N N 55  
ASP N   H    sing N N 56  
ASP N   H2   sing N N 57  
ASP CA  C    sing N N 58  
ASP CA  CB   sing N N 59  
ASP CA  HA   sing N N 60  
ASP C   O    doub N N 61  
ASP C   OXT  sing N N 62  
ASP CB  CG   sing N N 63  
ASP CB  HB2  sing N N 64  
ASP CB  HB3  sing N N 65  
ASP CG  OD1  doub N N 66  
ASP CG  OD2  sing N N 67  
ASP OD2 HD2  sing N N 68  
ASP OXT HXT  sing N N 69  
CYS N   CA   sing N N 70  
CYS N   H    sing N N 71  
CYS N   H2   sing N N 72  
CYS CA  C    sing N N 73  
CYS CA  CB   sing N N 74  
CYS CA  HA   sing N N 75  
CYS C   O    doub N N 76  
CYS C   OXT  sing N N 77  
CYS CB  SG   sing N N 78  
CYS CB  HB2  sing N N 79  
CYS CB  HB3  sing N N 80  
CYS SG  HG   sing N N 81  
CYS OXT HXT  sing N N 82  
GLN N   CA   sing N N 83  
GLN N   H    sing N N 84  
GLN N   H2   sing N N 85  
GLN CA  C    sing N N 86  
GLN CA  CB   sing N N 87  
GLN CA  HA   sing N N 88  
GLN C   O    doub N N 89  
GLN C   OXT  sing N N 90  
GLN CB  CG   sing N N 91  
GLN CB  HB2  sing N N 92  
GLN CB  HB3  sing N N 93  
GLN CG  CD   sing N N 94  
GLN CG  HG2  sing N N 95  
GLN CG  HG3  sing N N 96  
GLN CD  OE1  doub N N 97  
GLN CD  NE2  sing N N 98  
GLN NE2 HE21 sing N N 99  
GLN NE2 HE22 sing N N 100 
GLN OXT HXT  sing N N 101 
GLU N   CA   sing N N 102 
GLU N   H    sing N N 103 
GLU N   H2   sing N N 104 
GLU CA  C    sing N N 105 
GLU CA  CB   sing N N 106 
GLU CA  HA   sing N N 107 
GLU C   O    doub N N 108 
GLU C   OXT  sing N N 109 
GLU CB  CG   sing N N 110 
GLU CB  HB2  sing N N 111 
GLU CB  HB3  sing N N 112 
GLU CG  CD   sing N N 113 
GLU CG  HG2  sing N N 114 
GLU CG  HG3  sing N N 115 
GLU CD  OE1  doub N N 116 
GLU CD  OE2  sing N N 117 
GLU OE2 HE2  sing N N 118 
GLU OXT HXT  sing N N 119 
GLY N   CA   sing N N 120 
GLY N   H    sing N N 121 
GLY N   H2   sing N N 122 
GLY CA  C    sing N N 123 
GLY CA  HA2  sing N N 124 
GLY CA  HA3  sing N N 125 
GLY C   O    doub N N 126 
GLY C   OXT  sing N N 127 
GLY OXT HXT  sing N N 128 
HIS N   CA   sing N N 129 
HIS N   H    sing N N 130 
HIS N   H2   sing N N 131 
HIS CA  C    sing N N 132 
HIS CA  CB   sing N N 133 
HIS CA  HA   sing N N 134 
HIS C   O    doub N N 135 
HIS C   OXT  sing N N 136 
HIS CB  CG   sing N N 137 
HIS CB  HB2  sing N N 138 
HIS CB  HB3  sing N N 139 
HIS CG  ND1  sing Y N 140 
HIS CG  CD2  doub Y N 141 
HIS ND1 CE1  doub Y N 142 
HIS ND1 HD1  sing N N 143 
HIS CD2 NE2  sing Y N 144 
HIS CD2 HD2  sing N N 145 
HIS CE1 NE2  sing Y N 146 
HIS CE1 HE1  sing N N 147 
HIS NE2 HE2  sing N N 148 
HIS OXT HXT  sing N N 149 
HOH O   H1   sing N N 150 
HOH O   H2   sing N N 151 
ILE N   CA   sing N N 152 
ILE N   H    sing N N 153 
ILE N   H2   sing N N 154 
ILE CA  C    sing N N 155 
ILE CA  CB   sing N N 156 
ILE CA  HA   sing N N 157 
ILE C   O    doub N N 158 
ILE C   OXT  sing N N 159 
ILE CB  CG1  sing N N 160 
ILE CB  CG2  sing N N 161 
ILE CB  HB   sing N N 162 
ILE CG1 CD1  sing N N 163 
ILE CG1 HG12 sing N N 164 
ILE CG1 HG13 sing N N 165 
ILE CG2 HG21 sing N N 166 
ILE CG2 HG22 sing N N 167 
ILE CG2 HG23 sing N N 168 
ILE CD1 HD11 sing N N 169 
ILE CD1 HD12 sing N N 170 
ILE CD1 HD13 sing N N 171 
ILE OXT HXT  sing N N 172 
LEU N   CA   sing N N 173 
LEU N   H    sing N N 174 
LEU N   H2   sing N N 175 
LEU CA  C    sing N N 176 
LEU CA  CB   sing N N 177 
LEU CA  HA   sing N N 178 
LEU C   O    doub N N 179 
LEU C   OXT  sing N N 180 
LEU CB  CG   sing N N 181 
LEU CB  HB2  sing N N 182 
LEU CB  HB3  sing N N 183 
LEU CG  CD1  sing N N 184 
LEU CG  CD2  sing N N 185 
LEU CG  HG   sing N N 186 
LEU CD1 HD11 sing N N 187 
LEU CD1 HD12 sing N N 188 
LEU CD1 HD13 sing N N 189 
LEU CD2 HD21 sing N N 190 
LEU CD2 HD22 sing N N 191 
LEU CD2 HD23 sing N N 192 
LEU OXT HXT  sing N N 193 
LYS N   CA   sing N N 194 
LYS N   H    sing N N 195 
LYS N   H2   sing N N 196 
LYS CA  C    sing N N 197 
LYS CA  CB   sing N N 198 
LYS CA  HA   sing N N 199 
LYS C   O    doub N N 200 
LYS C   OXT  sing N N 201 
LYS CB  CG   sing N N 202 
LYS CB  HB2  sing N N 203 
LYS CB  HB3  sing N N 204 
LYS CG  CD   sing N N 205 
LYS CG  HG2  sing N N 206 
LYS CG  HG3  sing N N 207 
LYS CD  CE   sing N N 208 
LYS CD  HD2  sing N N 209 
LYS CD  HD3  sing N N 210 
LYS CE  NZ   sing N N 211 
LYS CE  HE2  sing N N 212 
LYS CE  HE3  sing N N 213 
LYS NZ  HZ1  sing N N 214 
LYS NZ  HZ2  sing N N 215 
LYS NZ  HZ3  sing N N 216 
LYS OXT HXT  sing N N 217 
MET N   CA   sing N N 218 
MET N   H    sing N N 219 
MET N   H2   sing N N 220 
MET CA  C    sing N N 221 
MET CA  CB   sing N N 222 
MET CA  HA   sing N N 223 
MET C   O    doub N N 224 
MET C   OXT  sing N N 225 
MET CB  CG   sing N N 226 
MET CB  HB2  sing N N 227 
MET CB  HB3  sing N N 228 
MET CG  SD   sing N N 229 
MET CG  HG2  sing N N 230 
MET CG  HG3  sing N N 231 
MET SD  CE   sing N N 232 
MET CE  HE1  sing N N 233 
MET CE  HE2  sing N N 234 
MET CE  HE3  sing N N 235 
MET OXT HXT  sing N N 236 
PHE N   CA   sing N N 237 
PHE N   H    sing N N 238 
PHE N   H2   sing N N 239 
PHE CA  C    sing N N 240 
PHE CA  CB   sing N N 241 
PHE CA  HA   sing N N 242 
PHE C   O    doub N N 243 
PHE C   OXT  sing N N 244 
PHE CB  CG   sing N N 245 
PHE CB  HB2  sing N N 246 
PHE CB  HB3  sing N N 247 
PHE CG  CD1  doub Y N 248 
PHE CG  CD2  sing Y N 249 
PHE CD1 CE1  sing Y N 250 
PHE CD1 HD1  sing N N 251 
PHE CD2 CE2  doub Y N 252 
PHE CD2 HD2  sing N N 253 
PHE CE1 CZ   doub Y N 254 
PHE CE1 HE1  sing N N 255 
PHE CE2 CZ   sing Y N 256 
PHE CE2 HE2  sing N N 257 
PHE CZ  HZ   sing N N 258 
PHE OXT HXT  sing N N 259 
PRO N   CA   sing N N 260 
PRO N   CD   sing N N 261 
PRO N   H    sing N N 262 
PRO CA  C    sing N N 263 
PRO CA  CB   sing N N 264 
PRO CA  HA   sing N N 265 
PRO C   O    doub N N 266 
PRO C   OXT  sing N N 267 
PRO CB  CG   sing N N 268 
PRO CB  HB2  sing N N 269 
PRO CB  HB3  sing N N 270 
PRO CG  CD   sing N N 271 
PRO CG  HG2  sing N N 272 
PRO CG  HG3  sing N N 273 
PRO CD  HD2  sing N N 274 
PRO CD  HD3  sing N N 275 
PRO OXT HXT  sing N N 276 
SER N   CA   sing N N 277 
SER N   H    sing N N 278 
SER N   H2   sing N N 279 
SER CA  C    sing N N 280 
SER CA  CB   sing N N 281 
SER CA  HA   sing N N 282 
SER C   O    doub N N 283 
SER C   OXT  sing N N 284 
SER CB  OG   sing N N 285 
SER CB  HB2  sing N N 286 
SER CB  HB3  sing N N 287 
SER OG  HG   sing N N 288 
SER OXT HXT  sing N N 289 
THR N   CA   sing N N 290 
THR N   H    sing N N 291 
THR N   H2   sing N N 292 
THR CA  C    sing N N 293 
THR CA  CB   sing N N 294 
THR CA  HA   sing N N 295 
THR C   O    doub N N 296 
THR C   OXT  sing N N 297 
THR CB  OG1  sing N N 298 
THR CB  CG2  sing N N 299 
THR CB  HB   sing N N 300 
THR OG1 HG1  sing N N 301 
THR CG2 HG21 sing N N 302 
THR CG2 HG22 sing N N 303 
THR CG2 HG23 sing N N 304 
THR OXT HXT  sing N N 305 
TRP N   CA   sing N N 306 
TRP N   H    sing N N 307 
TRP N   H2   sing N N 308 
TRP CA  C    sing N N 309 
TRP CA  CB   sing N N 310 
TRP CA  HA   sing N N 311 
TRP C   O    doub N N 312 
TRP C   OXT  sing N N 313 
TRP CB  CG   sing N N 314 
TRP CB  HB2  sing N N 315 
TRP CB  HB3  sing N N 316 
TRP CG  CD1  doub Y N 317 
TRP CG  CD2  sing Y N 318 
TRP CD1 NE1  sing Y N 319 
TRP CD1 HD1  sing N N 320 
TRP CD2 CE2  doub Y N 321 
TRP CD2 CE3  sing Y N 322 
TRP NE1 CE2  sing Y N 323 
TRP NE1 HE1  sing N N 324 
TRP CE2 CZ2  sing Y N 325 
TRP CE3 CZ3  doub Y N 326 
TRP CE3 HE3  sing N N 327 
TRP CZ2 CH2  doub Y N 328 
TRP CZ2 HZ2  sing N N 329 
TRP CZ3 CH2  sing Y N 330 
TRP CZ3 HZ3  sing N N 331 
TRP CH2 HH2  sing N N 332 
TRP OXT HXT  sing N N 333 
TYR N   CA   sing N N 334 
TYR N   H    sing N N 335 
TYR N   H2   sing N N 336 
TYR CA  C    sing N N 337 
TYR CA  CB   sing N N 338 
TYR CA  HA   sing N N 339 
TYR C   O    doub N N 340 
TYR C   OXT  sing N N 341 
TYR CB  CG   sing N N 342 
TYR CB  HB2  sing N N 343 
TYR CB  HB3  sing N N 344 
TYR CG  CD1  doub Y N 345 
TYR CG  CD2  sing Y N 346 
TYR CD1 CE1  sing Y N 347 
TYR CD1 HD1  sing N N 348 
TYR CD2 CE2  doub Y N 349 
TYR CD2 HD2  sing N N 350 
TYR CE1 CZ   doub Y N 351 
TYR CE1 HE1  sing N N 352 
TYR CE2 CZ   sing Y N 353 
TYR CE2 HE2  sing N N 354 
TYR CZ  OH   sing N N 355 
TYR OH  HH   sing N N 356 
TYR OXT HXT  sing N N 357 
VAL N   CA   sing N N 358 
VAL N   H    sing N N 359 
VAL N   H2   sing N N 360 
VAL CA  C    sing N N 361 
VAL CA  CB   sing N N 362 
VAL CA  HA   sing N N 363 
VAL C   O    doub N N 364 
VAL C   OXT  sing N N 365 
VAL CB  CG1  sing N N 366 
VAL CB  CG2  sing N N 367 
VAL CB  HB   sing N N 368 
VAL CG1 HG11 sing N N 369 
VAL CG1 HG12 sing N N 370 
VAL CG1 HG13 sing N N 371 
VAL CG2 HG21 sing N N 372 
VAL CG2 HG22 sing N N 373 
VAL CG2 HG23 sing N N 374 
VAL OXT HXT  sing N N 375 
# 
_pdbx_audit_support.funding_organization   'Not funded' 
_pdbx_audit_support.country                ? 
_pdbx_audit_support.grant_number           ? 
_pdbx_audit_support.ordinal                1 
# 
_pdbx_initial_refinement_model.id               1 
_pdbx_initial_refinement_model.entity_id_list   ? 
_pdbx_initial_refinement_model.type             'experimental model' 
_pdbx_initial_refinement_model.source_name      PDB 
_pdbx_initial_refinement_model.accession_code   1X53 
_pdbx_initial_refinement_model.details          ? 
# 
_atom_sites.entry_id                    8Z3H 
_atom_sites.Cartn_transf_matrix[1][1]   ? 
_atom_sites.Cartn_transf_matrix[1][2]   ? 
_atom_sites.Cartn_transf_matrix[1][3]   ? 
_atom_sites.Cartn_transf_matrix[2][1]   ? 
_atom_sites.Cartn_transf_matrix[2][2]   ? 
_atom_sites.Cartn_transf_matrix[2][3]   ? 
_atom_sites.Cartn_transf_matrix[3][1]   ? 
_atom_sites.Cartn_transf_matrix[3][2]   ? 
_atom_sites.Cartn_transf_matrix[3][3]   ? 
_atom_sites.Cartn_transf_vector[1]      ? 
_atom_sites.Cartn_transf_vector[2]      ? 
_atom_sites.Cartn_transf_vector[3]      ? 
_atom_sites.Cartn_transform_axes        ? 
_atom_sites.fract_transf_matrix[1][1]   -0.01719437 
_atom_sites.fract_transf_matrix[1][2]   0.00614354 
_atom_sites.fract_transf_matrix[1][3]   0.00264820 
_atom_sites.fract_transf_matrix[2][1]   -0.00519453 
_atom_sites.fract_transf_matrix[2][2]   -0.01040362 
_atom_sites.fract_transf_matrix[2][3]   -0.00959203 
_atom_sites.fract_transf_matrix[3][1]   -0.00165265 
_atom_sites.fract_transf_matrix[3][2]   -0.00941113 
_atom_sites.fract_transf_matrix[3][3]   0.01110240 
_atom_sites.fract_transf_vector[1]      -0.259024 
_atom_sites.fract_transf_vector[2]      -0.295200 
_atom_sites.fract_transf_vector[3]      -0.108038 
_atom_sites.solution_primary            ? 
_atom_sites.solution_secondary          ? 
_atom_sites.solution_hydrogens          ? 
_atom_sites.special_details             ? 
# 
loop_
_atom_type.symbol 
C 
N 
O 
S 
# 
loop_
_atom_site.group_PDB 
_atom_site.id 
_atom_site.type_symbol 
_atom_site.label_atom_id 
_atom_site.label_alt_id 
_atom_site.label_comp_id 
_atom_site.label_asym_id 
_atom_site.label_entity_id 
_atom_site.label_seq_id 
_atom_site.pdbx_PDB_ins_code 
_atom_site.Cartn_x 
_atom_site.Cartn_y 
_atom_site.Cartn_z 
_atom_site.occupancy 
_atom_site.B_iso_or_equiv 
_atom_site.pdbx_formal_charge 
_atom_site.auth_seq_id 
_atom_site.auth_comp_id 
_atom_site.auth_asym_id 
_atom_site.auth_atom_id 
_atom_site.pdbx_PDB_model_num 
ATOM   1    N N   . ILE A 1 1   ? 17.422  11.930  -10.115 1.00 38.25 ? 204 ILE A N   1 
ATOM   2    C CA  . ILE A 1 1   ? 17.249  11.199  -8.814  1.00 30.77 ? 204 ILE A CA  1 
ATOM   3    C C   . ILE A 1 1   ? 17.609  9.721   -9.012  1.00 26.82 ? 204 ILE A C   1 
ATOM   4    O O   . ILE A 1 1   ? 16.987  9.005   -9.816  1.00 30.94 ? 204 ILE A O   1 
ATOM   5    C CB  . ILE A 1 1   ? 15.806  11.405  -8.289  1.00 35.30 ? 204 ILE A CB  1 
ATOM   6    C CG1 . ILE A 1 1   ? 15.580  10.825  -6.896  1.00 37.22 ? 204 ILE A CG1 1 
ATOM   7    C CG2 . ILE A 1 1   ? 14.768  10.884  -9.273  1.00 38.23 ? 204 ILE A CG2 1 
ATOM   8    C CD1 . ILE A 1 1   ? 14.188  11.034  -6.394  1.00 38.84 ? 204 ILE A CD1 1 
ATOM   9    N N   . PRO A 1 2   ? 18.641  9.181   -8.321  1.00 21.05 ? 205 PRO A N   1 
ATOM   10   C CA  . PRO A 1 2   ? 18.861  7.746   -8.307  1.00 17.60 ? 205 PRO A CA  1 
ATOM   11   C C   . PRO A 1 2   ? 17.680  7.056   -7.604  1.00 14.30 ? 205 PRO A C   1 
ATOM   12   O O   . PRO A 1 2   ? 17.258  7.503   -6.552  1.00 14.46 ? 205 PRO A O   1 
ATOM   13   C CB  . PRO A 1 2   ? 20.140  7.506   -7.506  1.00 19.38 ? 205 PRO A CB  1 
ATOM   14   C CG  . PRO A 1 2   ? 20.423  8.832   -6.830  1.00 22.51 ? 205 PRO A CG  1 
ATOM   15   C CD  . PRO A 1 2   ? 19.695  9.909   -7.600  1.00 22.44 ? 205 PRO A CD  1 
ATOM   16   N N   . THR A 1 3   ? 17.217  5.966   -8.173  1.00 12.67 ? 206 THR A N   1 
ATOM   17   C CA  . THR A 1 3   ? 16.054  5.234   -7.611  1.00 12.95 ? 206 THR A CA  1 
ATOM   18   C C   . THR A 1 3   ? 16.369  3.762   -7.477  1.00 12.39 ? 206 THR A C   1 
ATOM   19   O O   . THR A 1 3   ? 17.425  3.253   -7.975  1.00 12.06 ? 206 THR A O   1 
ATOM   20   C CB  . THR A 1 3   ? 14.806  5.391   -8.466  1.00 13.11 ? 206 THR A CB  1 
ATOM   21   O OG1 . THR A 1 3   ? 15.110  5.055   -9.809  1.00 15.93 ? 206 THR A OG1 1 
ATOM   22   C CG2 . THR A 1 3   ? 14.259  6.800   -8.461  1.00 12.44 ? 206 THR A CG2 1 
ATOM   23   N N   . CYS A 1 4   ? 15.483  3.091   -6.742  1.00 10.81 ? 207 CYS A N   1 
ATOM   24   C CA  . CYS A 1 4   ? 15.611  1.659   -6.489  1.00 11.73 ? 207 CYS A CA  1 
ATOM   25   C C   . CYS A 1 4   ? 14.276  0.966   -6.592  1.00 10.53 ? 207 CYS A C   1 
ATOM   26   O O   . CYS A 1 4   ? 13.211  1.628   -6.611  1.00 12.17 ? 207 CYS A O   1 
ATOM   27   C CB  . CYS A 1 4   ? 16.188  1.375   -5.123  1.00 13.44 ? 207 CYS A CB  1 
ATOM   28   S SG  . CYS A 1 4   ? 15.116  1.871   -3.762  1.00 16.69 ? 207 CYS A SG  1 
ATOM   29   N N   . LYS A 1 5   ? 14.343  -0.341  -6.758  1.00 10.05 ? 208 LYS A N   1 
ATOM   30   C CA  . LYS A 1 5   ? 13.160  -1.212  -6.865  1.00 12.07 ? 208 LYS A CA  1 
ATOM   31   C C   . LYS A 1 5   ? 13.156  -2.099  -5.649  1.00 13.11 ? 208 LYS A C   1 
ATOM   32   O O   . LYS A 1 5   ? 14.235  -2.670  -5.311  1.00 14.74 ? 208 LYS A O   1 
ATOM   33   C CB  . LYS A 1 5   ? 13.246  -2.000  -8.168  1.00 13.31 ? 208 LYS A CB  1 
ATOM   34   C CG  . LYS A 1 5   ? 12.120  -2.997  -8.363  1.00 14.96 ? 208 LYS A CG  1 
ATOM   35   C CD  . LYS A 1 5   ? 12.347  -3.716  -9.662  1.00 15.68 ? 208 LYS A CD  1 
ATOM   36   C CE  . LYS A 1 5   ? 11.199  -4.680  -9.911  1.00 18.84 ? 208 LYS A CE  1 
ATOM   37   N NZ  . LYS A 1 5   ? 11.464  -5.601  -11.037 1.00 20.98 ? 208 LYS A NZ  1 
ATOM   38   N N   . ILE A 1 6   ? 12.001  -2.292  -5.043  1.00 12.31 ? 209 ILE A N   1 
ATOM   39   C CA  . ILE A 1 6   ? 11.845  -3.228  -3.926  1.00 14.34 ? 209 ILE A CA  1 
ATOM   40   C C   . ILE A 1 6   ? 10.702  -4.175  -4.227  1.00 13.99 ? 209 ILE A C   1 
ATOM   41   O O   . ILE A 1 6   ? 9.754   -3.816  -4.935  1.00 12.69 ? 209 ILE A O   1 
ATOM   42   C CB  . ILE A 1 6   ? 11.683  -2.477  -2.608  1.00 17.08 ? 209 ILE A CB  1 
ATOM   43   C CG1 . ILE A 1 6   ? 10.348  -1.799  -2.481  1.00 16.27 ? 209 ILE A CG1 1 
ATOM   44   C CG2 . ILE A 1 6   ? 12.827  -1.506  -2.387  1.00 17.00 ? 209 ILE A CG2 1 
ATOM   45   C CD1 . ILE A 1 6   ? 9.989   -1.502  -1.034  1.00 19.66 ? 209 ILE A CD1 1 
ATOM   46   N N   . THR A 1 7   ? 10.843  -5.397  -3.740  1.00 13.91 ? 210 THR A N   1 
ATOM   47   C CA  . THR A 1 7   ? 9.807   -6.443  -3.878  1.00 14.39 ? 210 THR A CA  1 
ATOM   48   C C   . THR A 1 7   ? 9.577   -7.049  -2.508  1.00 14.88 ? 210 THR A C   1 
ATOM   49   O O   . THR A 1 7   ? 10.570  -7.525  -1.893  1.00 15.68 ? 210 THR A O   1 
ATOM   50   C CB  . THR A 1 7   ? 10.187  -7.542  -4.869  1.00 18.02 ? 210 THR A CB  1 
ATOM   51   O OG1 . THR A 1 7   ? 10.452  -6.909  -6.119  1.00 21.02 ? 210 THR A OG1 1 
ATOM   52   C CG2 . THR A 1 7   ? 9.070   -8.548  -5.042  1.00 19.44 ? 210 THR A CG2 1 
ATOM   53   N N   . LEU A 1 8   ? 8.331   -7.056  -2.042  1.00 13.91 ? 211 LEU A N   1 
ATOM   54   C CA  . LEU A 1 8   ? 7.952   -7.617  -0.728  1.00 13.86 ? 211 LEU A CA  1 
ATOM   55   C C   . LEU A 1 8   ? 6.855   -8.642  -0.946  1.00 14.56 ? 211 LEU A C   1 
ATOM   56   O O   . LEU A 1 8   ? 5.981   -8.429  -1.810  1.00 14.01 ? 211 LEU A O   1 
ATOM   57   C CB  . LEU A 1 8   ? 7.478   -6.524  0.224   1.00 16.05 ? 211 LEU A CB  1 
ATOM   58   C CG  . LEU A 1 8   ? 8.475   -5.408  0.513   1.00 18.26 ? 211 LEU A CG  1 
ATOM   59   C CD1 . LEU A 1 8   ? 7.866   -4.357  1.435   1.00 20.89 ? 211 LEU A CD1 1 
ATOM   60   C CD2 . LEU A 1 8   ? 9.752   -5.964  1.131   1.00 22.43 ? 211 LEU A CD2 1 
ATOM   61   N N   . LYS A 1 9   ? 6.860   -9.708  -0.170  1.00 14.24 ? 212 LYS A N   1 
ATOM   62   C CA  . LYS A 1 9   ? 5.788   -10.702 -0.245  1.00 16.58 ? 212 LYS A CA  1 
ATOM   63   C C   . LYS A 1 9   ? 5.393   -10.987 1.194   1.00 15.13 ? 212 LYS A C   1 
ATOM   64   O O   . LYS A 1 9   ? 6.295   -11.187 2.051   1.00 18.13 ? 212 LYS A O   1 
ATOM   65   C CB  . LYS A 1 9   ? 6.225   -11.957 -0.982  1.00 19.85 ? 212 LYS A CB  1 
ATOM   66   C CG  . LYS A 1 9   ? 6.488   -11.794 -2.466  1.00 28.34 ? 212 LYS A CG  1 
ATOM   67   C CD  . LYS A 1 9   ? 7.133   -13.024 -3.106  1.00 35.95 ? 212 LYS A CD  1 
ATOM   68   C CE  . LYS A 1 9   ? 6.551   -13.369 -4.465  1.00 40.20 ? 212 LYS A CE  1 
ATOM   69   N NZ  . LYS A 1 9   ? 7.006   -12.432 -5.522  1.00 43.75 ? 212 LYS A NZ  1 
ATOM   70   N N   . GLU A 1 10  ? 4.093   -10.999 1.437   1.00 13.94 ? 213 GLU A N   1 
ATOM   71   C CA  . GLU A 1 10  ? 3.512   -11.180 2.790   1.00 15.74 ? 213 GLU A CA  1 
ATOM   72   C C   . GLU A 1 10  ? 2.256   -12.053 2.626   1.00 16.07 ? 213 GLU A C   1 
ATOM   73   O O   . GLU A 1 10  ? 1.446   -11.791 1.718   1.00 14.55 ? 213 GLU A O   1 
ATOM   74   C CB  . GLU A 1 10  ? 3.200   -9.786  3.352   1.00 18.25 ? 213 GLU A CB  1 
ATOM   75   C CG  . GLU A 1 10  ? 2.796   -9.711  4.828   1.00 19.39 ? 213 GLU A CG  1 
ATOM   76   C CD  . GLU A 1 10  ? 3.940   -9.752  5.834   1.00 21.48 ? 213 GLU A CD  1 
ATOM   77   O OE1 . GLU A 1 10  ? 5.133   -9.731  5.413   1.00 23.68 ? 213 GLU A OE1 1 
ATOM   78   O OE2 . GLU A 1 10  ? 3.650   -9.819  7.046   1.00 22.59 ? 213 GLU A OE2 1 
ATOM   79   N N   . THR A 1 11  ? 2.018   -12.988 3.538   1.00 14.45 ? 214 THR A N   1 
ATOM   80   C CA  . THR A 1 11  ? 0.807   -13.820 3.556   1.00 13.54 ? 214 THR A CA  1 
ATOM   81   C C   . THR A 1 11  ? -0.083  -13.360 4.722   1.00 11.43 ? 214 THR A C   1 
ATOM   82   O O   . THR A 1 11  ? 0.419   -13.085 5.809   1.00 12.85 ? 214 THR A O   1 
ATOM   83   C CB  . THR A 1 11  ? 1.122   -15.314 3.596   1.00 16.64 ? 214 THR A CB  1 
ATOM   84   O OG1 . THR A 1 11  ? 1.960   -15.651 2.480   1.00 20.90 ? 214 THR A OG1 1 
ATOM   85   C CG2 . THR A 1 11  ? -0.142  -16.146 3.586   1.00 16.26 ? 214 THR A CG2 1 
ATOM   86   N N   . PHE A 1 12  ? -1.363  -13.197 4.425   1.00 11.27 ? 215 PHE A N   1 
ATOM   87   C CA  . PHE A 1 12  ? -2.423  -12.751 5.343   1.00 10.79 ? 215 PHE A CA  1 
ATOM   88   C C   . PHE A 1 12  ? -3.473  -13.844 5.502   1.00 11.25 ? 215 PHE A C   1 
ATOM   89   O O   . PHE A 1 12  ? -3.887  -14.431 4.496   1.00 11.02 ? 215 PHE A O   1 
ATOM   90   C CB  . PHE A 1 12  ? -3.086  -11.478 4.809   1.00 10.03 ? 215 PHE A CB  1 
ATOM   91   C CG  . PHE A 1 12  ? -2.157  -10.300 4.700   1.00 10.08 ? 215 PHE A CG  1 
ATOM   92   C CD1 . PHE A 1 12  ? -1.296  -10.172 3.623   1.00 10.56 ? 215 PHE A CD1 1 
ATOM   93   C CD2 . PHE A 1 12  ? -2.178  -9.309  5.644   1.00 9.54  ? 215 PHE A CD2 1 
ATOM   94   C CE1 . PHE A 1 12  ? -0.468  -9.063  3.537   1.00 10.59 ? 215 PHE A CE1 1 
ATOM   95   C CE2 . PHE A 1 12  ? -1.343  -8.215  5.552   1.00 10.43 ? 215 PHE A CE2 1 
ATOM   96   C CZ  . PHE A 1 12  ? -0.536  -8.079  4.454   1.00 11.22 ? 215 PHE A CZ  1 
ATOM   97   N N   . LEU A 1 13  ? -3.972  -13.987 6.722   1.00 10.59 ? 216 LEU A N   1 
ATOM   98   C CA  . LEU A 1 13  ? -5.079  -14.928 6.988   1.00 12.09 ? 216 LEU A CA  1 
ATOM   99   C C   . LEU A 1 13  ? -6.393  -14.210 6.731   1.00 12.33 ? 216 LEU A C   1 
ATOM   100  O O   . LEU A 1 13  ? -7.223  -14.003 7.631   1.00 13.74 ? 216 LEU A O   1 
ATOM   101  C CB  . LEU A 1 13  ? -4.962  -15.467 8.411   1.00 12.43 ? 216 LEU A CB  1 
ATOM   102  C CG  . LEU A 1 13  ? -3.689  -16.228 8.708   1.00 13.66 ? 216 LEU A CG  1 
ATOM   103  C CD1 . LEU A 1 13  ? -3.764  -16.807 10.121  1.00 15.17 ? 216 LEU A CD1 1 
ATOM   104  C CD2 . LEU A 1 13  ? -3.419  -17.314 7.687   1.00 15.21 ? 216 LEU A CD2 1 
ATOM   105  N N   . THR A 1 14  ? -6.613  -13.826 5.491   1.00 12.55 ? 217 THR A N   1 
ATOM   106  C CA  . THR A 1 14  ? -7.896  -13.304 5.034   1.00 14.01 ? 217 THR A CA  1 
ATOM   107  C C   . THR A 1 14  ? -7.974  -13.567 3.540   1.00 14.09 ? 217 THR A C   1 
ATOM   108  O O   . THR A 1 14  ? -6.995  -14.031 2.918   1.00 13.29 ? 217 THR A O   1 
ATOM   109  C CB  . THR A 1 14  ? -8.054  -11.819 5.346   1.00 13.63 ? 217 THR A CB  1 
ATOM   110  O OG1 . THR A 1 14  ? -9.445  -11.523 5.260   1.00 14.85 ? 217 THR A OG1 1 
ATOM   111  C CG2 . THR A 1 14  ? -7.230  -10.936 4.441   1.00 14.54 ? 217 THR A CG2 1 
ATOM   112  N N   . SER A 1 15  ? -9.128  -13.340 2.994   1.00 12.79 ? 218 SER A N   1 
ATOM   113  C CA  . SER A 1 15  ? -9.370  -13.557 1.552   1.00 12.97 ? 218 SER A CA  1 
ATOM   114  C C   . SER A 1 15  ? -8.893  -12.365 0.740   1.00 13.78 ? 218 SER A C   1 
ATOM   115  O O   . SER A 1 15  ? -8.722  -11.257 1.267   1.00 12.87 ? 218 SER A O   1 
ATOM   116  C CB  . SER A 1 15  ? -10.839 -13.731 1.273   1.00 14.15 ? 218 SER A CB  1 
ATOM   117  O OG  . SER A 1 15  ? -11.551 -12.530 1.509   1.00 16.26 ? 218 SER A OG  1 
ATOM   118  N N   . PRO A 1 16  ? -8.607  -12.554 -0.552  1.00 12.93 ? 219 PRO A N   1 
ATOM   119  C CA  . PRO A 1 16  ? -8.188  -11.430 -1.376  1.00 13.12 ? 219 PRO A CA  1 
ATOM   120  C C   . PRO A 1 16  ? -9.249  -10.335 -1.349  1.00 12.95 ? 219 PRO A C   1 
ATOM   121  O O   . PRO A 1 16  ? -8.897  -9.164  -1.354  1.00 12.47 ? 219 PRO A O   1 
ATOM   122  C CB  . PRO A 1 16  ? -8.027  -12.070 -2.750  1.00 14.36 ? 219 PRO A CB  1 
ATOM   123  C CG  . PRO A 1 16  ? -7.587  -13.471 -2.441  1.00 16.24 ? 219 PRO A CG  1 
ATOM   124  C CD  . PRO A 1 16  ? -8.419  -13.844 -1.249  1.00 14.85 ? 219 PRO A CD  1 
ATOM   125  N N   . GLU A 1 17  ? -10.519 -10.689 -1.350  1.00 13.18 ? 220 GLU A N   1 
ATOM   126  C CA  . GLU A 1 17  ? -11.629 -9.684  -1.280  1.00 14.39 ? 220 GLU A CA  1 
ATOM   127  C C   . GLU A 1 17  ? -11.439 -8.771  -0.070  1.00 13.65 ? 220 GLU A C   1 
ATOM   128  O O   . GLU A 1 17  ? -11.465 -7.527  -0.202  1.00 14.53 ? 220 GLU A O   1 
ATOM   129  C CB  . GLU A 1 17  ? -13.029 -10.316 -1.191  1.00 19.65 ? 220 GLU A CB  1 
ATOM   130  C CG  . GLU A 1 17  ? -14.126 -9.289  -1.244  1.00 24.45 ? 220 GLU A CG  1 
ATOM   131  C CD  . GLU A 1 17  ? -15.530 -9.759  -0.894  1.00 31.47 ? 220 GLU A CD  1 
ATOM   132  O OE1 . GLU A 1 17  ? -15.828 -10.969 -1.087  1.00 34.70 ? 220 GLU A OE1 1 
ATOM   133  O OE2 . GLU A 1 17  ? -16.308 -8.900  -0.423  1.00 33.44 ? 220 GLU A OE2 1 
ATOM   134  N N   . GLU A 1 18  ? -11.247 -9.361  1.096   1.00 11.97 ? 221 GLU A N   1 
ATOM   135  C CA  . GLU A 1 18  ? -11.173 -8.587  2.348   1.00 13.32 ? 221 GLU A CA  1 
ATOM   136  C C   . GLU A 1 18  ? -9.897  -7.766  2.312   1.00 12.22 ? 221 GLU A C   1 
ATOM   137  O O   . GLU A 1 18  ? -9.932  -6.574  2.705   1.00 12.03 ? 221 GLU A O   1 
ATOM   138  C CB  . GLU A 1 18  ? -11.219 -9.480  3.561   1.00 14.88 ? 221 GLU A CB  1 
ATOM   139  C CG  . GLU A 1 18  ? -12.548 -10.157 3.729   1.00 19.04 ? 221 GLU A CG  1 
ATOM   140  C CD  . GLU A 1 18  ? -12.504 -11.397 4.580   1.00 26.28 ? 221 GLU A CD  1 
ATOM   141  O OE1 . GLU A 1 18  ? -12.151 -12.511 4.029   1.00 24.66 ? 221 GLU A OE1 1 
ATOM   142  O OE2 . GLU A 1 18  ? -12.826 -11.241 5.782   1.00 30.30 ? 221 GLU A OE2 1 
ATOM   143  N N   . LEU A 1 19  ? -8.789  -8.344  1.881   1.00 10.42 ? 222 LEU A N   1 
ATOM   144  C CA  . LEU A 1 19  ? -7.526  -7.567  1.922   1.00 10.51 ? 222 LEU A CA  1 
ATOM   145  C C   . LEU A 1 19  ? -7.601  -6.394  0.957   1.00 9.58  ? 222 LEU A C   1 
ATOM   146  O O   . LEU A 1 19  ? -7.152  -5.276  1.263   1.00 9.53  ? 222 LEU A O   1 
ATOM   147  C CB  . LEU A 1 19  ? -6.332  -8.476  1.651   1.00 10.66 ? 222 LEU A CB  1 
ATOM   148  C CG  . LEU A 1 19  ? -5.002  -7.842  1.999   1.00 10.68 ? 222 LEU A CG  1 
ATOM   149  C CD1 . LEU A 1 19  ? -4.951  -7.511  3.473   1.00 10.80 ? 222 LEU A CD1 1 
ATOM   150  C CD2 . LEU A 1 19  ? -3.872  -8.761  1.596   1.00 10.73 ? 222 LEU A CD2 1 
ATOM   151  N N   . TYR A 1 20  ? -8.137  -6.638  -0.228  1.00 10.83 ? 223 TYR A N   1 
ATOM   152  C CA  . TYR A 1 20  ? -8.294  -5.572  -1.231  1.00 10.05 ? 223 TYR A CA  1 
ATOM   153  C C   . TYR A 1 20  ? -9.187  -4.468  -0.672  1.00 10.02 ? 223 TYR A C   1 
ATOM   154  O O   . TYR A 1 20  ? -8.865  -3.295  -0.841  1.00 10.12 ? 223 TYR A O   1 
ATOM   155  C CB  . TYR A 1 20  ? -8.899  -6.159  -2.499  1.00 11.35 ? 223 TYR A CB  1 
ATOM   156  C CG  . TYR A 1 20  ? -9.107  -5.153  -3.582  1.00 12.91 ? 223 TYR A CG  1 
ATOM   157  C CD1 . TYR A 1 20  ? -10.276 -4.423  -3.629  1.00 14.27 ? 223 TYR A CD1 1 
ATOM   158  C CD2 . TYR A 1 20  ? -8.118  -4.931  -4.531  1.00 13.22 ? 223 TYR A CD2 1 
ATOM   159  C CE1 . TYR A 1 20  ? -10.504 -3.517  -4.664  1.00 15.83 ? 223 TYR A CE1 1 
ATOM   160  C CE2 . TYR A 1 20  ? -8.341  -4.039  -5.566  1.00 14.98 ? 223 TYR A CE2 1 
ATOM   161  C CZ  . TYR A 1 20  ? -9.500  -3.295  -5.590  1.00 16.34 ? 223 TYR A CZ  1 
ATOM   162  O OH  . TYR A 1 20  ? -9.664  -2.417  -6.661  1.00 18.84 ? 223 TYR A OH  1 
ATOM   163  N N   . ARG A 1 21  ? -10.253 -4.821  0.025   1.00 10.44 ? 224 ARG A N   1 
ATOM   164  C CA  . ARG A 1 21  ? -11.138 -3.823  0.666   1.00 12.78 ? 224 ARG A CA  1 
ATOM   165  C C   . ARG A 1 21  ? -10.336 -2.992  1.655   1.00 11.68 ? 224 ARG A C   1 
ATOM   166  O O   . ARG A 1 21  ? -10.484 -1.732  1.717   1.00 11.94 ? 224 ARG A O   1 
ATOM   167  C CB  . ARG A 1 21  ? -12.300 -4.547  1.338   1.00 15.71 ? 224 ARG A CB  1 
ATOM   168  C CG  . ARG A 1 21  ? -13.280 -3.636  2.032   1.00 22.24 ? 224 ARG A CG  1 
ATOM   169  C CD  . ARG A 1 21  ? -14.421 -4.444  2.588   1.00 27.08 ? 224 ARG A CD  1 
ATOM   170  N NE  . ARG A 1 21  ? -15.455 -4.553  1.588   1.00 32.92 ? 224 ARG A NE  1 
ATOM   171  C CZ  . ARG A 1 21  ? -15.756 -5.650  0.910   1.00 30.02 ? 224 ARG A CZ  1 
ATOM   172  N NH1 . ARG A 1 21  ? -15.114 -6.777  1.143   1.00 36.20 ? 224 ARG A NH1 1 
ATOM   173  N NH2 . ARG A 1 21  ? -16.754 -5.619  0.045   1.00 40.25 ? 224 ARG A NH2 1 
ATOM   174  N N   . VAL A 1 22  ? -9.504  -3.627  2.490   1.00 10.78 ? 225 VAL A N   1 
ATOM   175  C CA  . VAL A 1 22  ? -8.730  -2.866  3.484   1.00 11.25 ? 225 VAL A CA  1 
ATOM   176  C C   . VAL A 1 22  ? -7.873  -1.790  2.785   1.00 10.53 ? 225 VAL A C   1 
ATOM   177  O O   . VAL A 1 22  ? -7.765  -0.676  3.299   1.00 12.36 ? 225 VAL A O   1 
ATOM   178  C CB  . VAL A 1 22  ? -7.895  -3.837  4.323   1.00 12.47 ? 225 VAL A CB  1 
ATOM   179  C CG1 . VAL A 1 22  ? -6.829  -3.086  5.048   1.00 13.40 ? 225 VAL A CG1 1 
ATOM   180  C CG2 . VAL A 1 22  ? -8.796  -4.634  5.275   1.00 12.89 ? 225 VAL A CG2 1 
ATOM   181  N N   . PHE A 1 23  ? -7.227  -2.123  1.666   1.00 11.11 ? 226 PHE A N   1 
ATOM   182  C CA  . PHE A 1 23  ? -6.330  -1.185  0.944   1.00 11.03 ? 226 PHE A CA  1 
ATOM   183  C C   . PHE A 1 23  ? -7.144  -0.095  0.271   1.00 11.85 ? 226 PHE A C   1 
ATOM   184  O O   . PHE A 1 23  ? -6.531  0.943   -0.020  1.00 14.04 ? 226 PHE A O   1 
ATOM   185  C CB  . PHE A 1 23  ? -5.430  -1.912  -0.062  1.00 11.25 ? 226 PHE A CB  1 
ATOM   186  C CG  . PHE A 1 23  ? -4.198  -2.526  0.552   1.00 10.38 ? 226 PHE A CG  1 
ATOM   187  C CD1 . PHE A 1 23  ? -3.047  -1.767  0.769   1.00 10.76 ? 226 PHE A CD1 1 
ATOM   188  C CD2 . PHE A 1 23  ? -4.154  -3.855  0.892   1.00 10.39 ? 226 PHE A CD2 1 
ATOM   189  C CE1 . PHE A 1 23  ? -1.931  -2.365  1.306   1.00 9.88  ? 226 PHE A CE1 1 
ATOM   190  C CE2 . PHE A 1 23  ? -3.019  -4.443  1.428   1.00 10.79 ? 226 PHE A CE2 1 
ATOM   191  C CZ  . PHE A 1 23  ? -1.918  -3.673  1.648   1.00 10.05 ? 226 PHE A CZ  1 
ATOM   192  N N   . THR A 1 24  ? -8.437  -0.310  -0.009  1.00 10.91 ? 227 THR A N   1 
ATOM   193  C CA  . THR A 1 24  ? -9.182  0.610   -0.891  1.00 10.71 ? 227 THR A CA  1 
ATOM   194  C C   . THR A 1 24  ? -10.426 1.178   -0.233  1.00 11.49 ? 227 THR A C   1 
ATOM   195  O O   . THR A 1 24  ? -11.273 1.705   -0.937  1.00 12.29 ? 227 THR A O   1 
ATOM   196  C CB  . THR A 1 24  ? -9.563  -0.097  -2.184  1.00 11.99 ? 227 THR A CB  1 
ATOM   197  O OG1 . THR A 1 24  ? -10.421 -1.199  -1.868  1.00 12.44 ? 227 THR A OG1 1 
ATOM   198  C CG2 . THR A 1 24  ? -8.315  -0.539  -2.923  1.00 13.14 ? 227 THR A CG2 1 
ATOM   199  N N   . THR A 1 25  ? -10.458 1.199   1.097   1.00 10.09 ? 228 THR A N   1 
ATOM   200  C CA  . THR A 1 25  ? -11.605 1.766   1.845   1.00 10.38 ? 228 THR A CA  1 
ATOM   201  C C   . THR A 1 25  ? -11.047 2.814   2.812   1.00 10.08 ? 228 THR A C   1 
ATOM   202  O O   . THR A 1 25  ? -10.280 2.463   3.708   1.00 9.70  ? 228 THR A O   1 
ATOM   203  C CB  . THR A 1 25  ? -12.424 0.685   2.576   1.00 10.52 ? 228 THR A CB  1 
ATOM   204  O OG1 . THR A 1 25  ? -12.831 -0.344  1.648   1.00 11.28 ? 228 THR A OG1 1 
ATOM   205  C CG2 . THR A 1 25  ? -13.648 1.212   3.280   1.00 11.48 ? 228 THR A CG2 1 
ATOM   206  N N   . GLN A 1 26  ? -11.407 4.078   2.658   1.00 10.33 ? 229 GLN A N   1 
ATOM   207  C CA  . GLN A 1 26  ? -10.852 5.183   3.448   1.00 11.92 ? 229 GLN A CA  1 
ATOM   208  C C   . GLN A 1 26  ? -10.929 4.895   4.947   1.00 10.50 ? 229 GLN A C   1 
ATOM   209  O O   . GLN A 1 26  ? -9.977  5.113   5.647   1.00 12.48 ? 229 GLN A O   1 
ATOM   210  C CB  . GLN A 1 26  ? -11.657 6.416   3.030   1.00 14.99 ? 229 GLN A CB  1 
ATOM   211  C CG  . GLN A 1 26  ? -11.329 7.652   3.808   1.00 14.97 ? 229 GLN A CG  1 
ATOM   212  C CD  . GLN A 1 26  ? -12.060 8.803   3.163   1.00 17.42 ? 229 GLN A CD  1 
ATOM   213  O OE1 . GLN A 1 26  ? -11.838 9.117   2.009   1.00 14.40 ? 229 GLN A OE1 1 
ATOM   214  N NE2 . GLN A 1 26  ? -13.026 9.368   3.863   1.00 18.57 ? 229 GLN A NE2 1 
ATOM   215  N N   . GLU A 1 27  ? -12.054 4.359   5.409   1.00 10.31 ? 230 GLU A N   1 
ATOM   216  C CA  . GLU A 1 27  ? -12.315 4.185   6.847   1.00 10.58 ? 230 GLU A CA  1 
ATOM   217  C C   . GLU A 1 27  ? -11.497 3.012   7.375   1.00 10.51 ? 230 GLU A C   1 
ATOM   218  O O   . GLU A 1 27  ? -11.145 3.022   8.557   1.00 12.24 ? 230 GLU A O   1 
ATOM   219  C CB  . GLU A 1 27  ? -13.795 3.970   7.137   1.00 11.75 ? 230 GLU A CB  1 
ATOM   220  C CG  . GLU A 1 27  ? -14.603 5.190   6.741   1.00 12.87 ? 230 GLU A CG  1 
ATOM   221  C CD  . GLU A 1 27  ? -14.950 5.337   5.260   1.00 15.15 ? 230 GLU A CD  1 
ATOM   222  O OE1 . GLU A 1 27  ? -14.763 4.374   4.444   1.00 16.08 ? 230 GLU A OE1 1 
ATOM   223  O OE2 . GLU A 1 27  ? -15.396 6.457   4.911   1.00 17.43 ? 230 GLU A OE2 1 
ATOM   224  N N   . LEU A 1 28  ? -11.189 2.038   6.531   1.00 9.37  ? 231 LEU A N   1 
ATOM   225  C CA  . LEU A 1 28  ? -10.313 0.926   6.967   1.00 9.52  ? 231 LEU A CA  1 
ATOM   226  C C   . LEU A 1 28  ? -8.863  1.408   7.014   1.00 9.22  ? 231 LEU A C   1 
ATOM   227  O O   . LEU A 1 28  ? -8.151  1.037   7.935   1.00 9.95  ? 231 LEU A O   1 
ATOM   228  C CB  . LEU A 1 28  ? -10.515 -0.272  6.043   1.00 9.99  ? 231 LEU A CB  1 
ATOM   229  C CG  . LEU A 1 28  ? -11.952 -0.800  6.004   1.00 9.80  ? 231 LEU A CG  1 
ATOM   230  C CD1 . LEU A 1 28  ? -12.051 -2.019  5.071   1.00 10.15 ? 231 LEU A CD1 1 
ATOM   231  C CD2 . LEU A 1 28  ? -12.503 -1.188  7.375   1.00 11.21 ? 231 LEU A CD2 1 
ATOM   232  N N   . VAL A 1 29  ? -8.441  2.204   6.049   1.00 8.91  ? 232 VAL A N   1 
ATOM   233  C CA  . VAL A 1 29  ? -7.084  2.778   6.027   1.00 9.47  ? 232 VAL A CA  1 
ATOM   234  C C   . VAL A 1 29  ? -6.926  3.663   7.282   1.00 9.66  ? 232 VAL A C   1 
ATOM   235  O O   . VAL A 1 29  ? -5.869  3.643   7.920   1.00 10.57 ? 232 VAL A O   1 
ATOM   236  C CB  . VAL A 1 29  ? -6.800  3.510   4.718   1.00 10.49 ? 232 VAL A CB  1 
ATOM   237  C CG1 . VAL A 1 29  ? -5.525  4.301   4.814   1.00 10.79 ? 232 VAL A CG1 1 
ATOM   238  C CG2 . VAL A 1 29  ? -6.736  2.546   3.545   1.00 10.27 ? 232 VAL A CG2 1 
ATOM   239  N N   . GLN A 1 30  ? -7.917  4.494   7.572   1.00 11.28 ? 233 GLN A N   1 
ATOM   240  C CA  . GLN A 1 30  ? -7.887  5.341   8.785   1.00 13.78 ? 233 GLN A CA  1 
ATOM   241  C C   . GLN A 1 30  ? -7.645  4.450   9.989   1.00 12.99 ? 233 GLN A C   1 
ATOM   242  O O   . GLN A 1 30  ? -6.887  4.809   10.896  1.00 13.48 ? 233 GLN A O   1 
ATOM   243  C CB  . GLN A 1 30  ? -9.208  6.059   8.941   1.00 16.13 ? 233 GLN A CB  1 
ATOM   244  C CG  . GLN A 1 30  ? -9.335  7.163   7.953   1.00 21.52 ? 233 GLN A CG  1 
ATOM   245  C CD  . GLN A 1 30  ? -10.499 8.063   8.270   1.00 26.13 ? 233 GLN A CD  1 
ATOM   246  O OE1 . GLN A 1 30  ? -10.489 9.221   7.861   1.00 27.19 ? 233 GLN A OE1 1 
ATOM   247  N NE2 . GLN A 1 30  ? -11.505 7.507   8.941   1.00 27.81 ? 233 GLN A NE2 1 
ATOM   248  N N   . ALA A 1 31  ? -8.303  3.290   10.057  1.00 11.04 ? 234 ALA A N   1 
ATOM   249  C CA  . ALA A 1 31  ? -8.177  2.432   11.250  1.00 11.43 ? 234 ALA A CA  1 
ATOM   250  C C   . ALA A 1 31  ? -6.748  1.903   11.398  1.00 12.15 ? 234 ALA A C   1 
ATOM   251  O O   . ALA A 1 31  ? -6.161  1.999   12.477  1.00 14.13 ? 234 ALA A O   1 
ATOM   252  C CB  . ALA A 1 31  ? -9.159  1.299   11.208  1.00 11.47 ? 234 ALA A CB  1 
ATOM   253  N N   . PHE A 1 32  ? -6.138  1.367   10.364  1.00 9.97  ? 235 PHE A N   1 
ATOM   254  C CA  . PHE A 1 32  ? -4.825  0.703   10.523  1.00 10.74 ? 235 PHE A CA  1 
ATOM   255  C C   . PHE A 1 32  ? -3.666  1.699   10.524  1.00 11.04 ? 235 PHE A C   1 
ATOM   256  O O   . PHE A 1 32  ? -2.617  1.321   11.021  1.00 14.10 ? 235 PHE A O   1 
ATOM   257  C CB  . PHE A 1 32  ? -4.612  -0.472  9.570   1.00 11.48 ? 235 PHE A CB  1 
ATOM   258  C CG  . PHE A 1 32  ? -4.281  -0.166  8.127   1.00 10.65 ? 235 PHE A CG  1 
ATOM   259  C CD1 . PHE A 1 32  ? -3.005  0.185   7.740   1.00 10.30 ? 235 PHE A CD1 1 
ATOM   260  C CD2 . PHE A 1 32  ? -5.244  -0.304  7.132   1.00 10.18 ? 235 PHE A CD2 1 
ATOM   261  C CE1 . PHE A 1 32  ? -2.696  0.425   6.403   1.00 11.00 ? 235 PHE A CE1 1 
ATOM   262  C CE2 . PHE A 1 32  ? -4.932  -0.098  5.787   1.00 10.92 ? 235 PHE A CE2 1 
ATOM   263  C CZ  . PHE A 1 32  ? -3.674  0.317   5.441   1.00 10.72 ? 235 PHE A CZ  1 
ATOM   264  N N   . THR A 1 33  ? -3.848  2.893   9.980   1.00 10.82 ? 236 THR A N   1 
ATOM   265  C CA  . THR A 1 33  ? -2.802  3.950   10.013  1.00 11.46 ? 236 THR A CA  1 
ATOM   266  C C   . THR A 1 33  ? -2.980  4.867   11.235  1.00 13.38 ? 236 THR A C   1 
ATOM   267  O O   . THR A 1 33  ? -2.085  5.711   11.441  1.00 14.93 ? 236 THR A O   1 
ATOM   268  C CB  . THR A 1 33  ? -2.842  4.757   8.723   1.00 11.51 ? 236 THR A CB  1 
ATOM   269  O OG1 . THR A 1 33  ? -4.061  5.476   8.588   1.00 11.92 ? 236 THR A OG1 1 
ATOM   270  C CG2 . THR A 1 33  ? -2.635  3.874   7.504   1.00 12.71 ? 236 THR A CG2 1 
ATOM   271  N N   . HIS A 1 34  ? -4.081  4.756   11.962  1.00 12.30 ? 237 HIS A N   1 
ATOM   272  C CA  . HIS A 1 34  ? -4.330  5.551   13.198  1.00 14.54 ? 237 HIS A CA  1 
ATOM   273  C C   . HIS A 1 34  ? -4.333  7.046   12.863  1.00 16.08 ? 237 HIS A C   1 
ATOM   274  O O   . HIS A 1 34  ? -3.888  7.845   13.666  1.00 17.90 ? 237 HIS A O   1 
ATOM   275  C CB  . HIS A 1 34  ? -3.290  5.198   14.264  1.00 14.09 ? 237 HIS A CB  1 
ATOM   276  C CG  . HIS A 1 34  ? -3.186  3.730   14.463  1.00 16.94 ? 237 HIS A CG  1 
ATOM   277  N ND1 . HIS A 1 34  ? -4.098  3.022   15.189  1.00 22.67 ? 237 HIS A ND1 1 
ATOM   278  C CD2 . HIS A 1 34  ? -2.303  2.836   13.981  1.00 17.39 ? 237 HIS A CD2 1 
ATOM   279  C CE1 . HIS A 1 34  ? -3.784  1.737   15.142  1.00 19.85 ? 237 HIS A CE1 1 
ATOM   280  N NE2 . HIS A 1 34  ? -2.693  1.593   14.437  1.00 22.43 ? 237 HIS A NE2 1 
ATOM   281  N N   . ALA A 1 35  ? -4.864  7.435   11.717  1.00 15.16 ? 238 ALA A N   1 
ATOM   282  C CA  . ALA A 1 35  ? -4.893  8.848   11.301  1.00 16.48 ? 238 ALA A CA  1 
ATOM   283  C C   . ALA A 1 35  ? -5.966  9.032   10.254  1.00 16.38 ? 238 ALA A C   1 
ATOM   284  O O   . ALA A 1 35  ? -6.339  8.084   9.518   1.00 14.46 ? 238 ALA A O   1 
ATOM   285  C CB  . ALA A 1 35  ? -3.555  9.219   10.752  1.00 17.33 ? 238 ALA A CB  1 
ATOM   286  N N   . PRO A 1 36  ? -6.521  10.248  10.147  1.00 16.16 ? 239 PRO A N   1 
ATOM   287  C CA  . PRO A 1 36  ? -7.477  10.529  9.097   1.00 15.41 ? 239 PRO A CA  1 
ATOM   288  C C   . PRO A 1 36  ? -6.843  10.221  7.732   1.00 13.98 ? 239 PRO A C   1 
ATOM   289  O O   . PRO A 1 36  ? -5.659  10.325  7.527   1.00 15.35 ? 239 PRO A O   1 
ATOM   290  C CB  . PRO A 1 36  ? -7.765  12.021  9.272   1.00 17.99 ? 239 PRO A CB  1 
ATOM   291  C CG  . PRO A 1 36  ? -7.533  12.235  10.763  1.00 18.45 ? 239 PRO A CG  1 
ATOM   292  C CD  . PRO A 1 36  ? -6.304  11.407  11.047  1.00 18.63 ? 239 PRO A CD  1 
ATOM   293  N N   . ALA A 1 37  ? -7.686  9.757   6.848   1.00 14.35 ? 240 ALA A N   1 
ATOM   294  C CA  . ALA A 1 37  ? -7.264  9.448   5.471   1.00 15.11 ? 240 ALA A CA  1 
ATOM   295  C C   . ALA A 1 37  ? -8.356  9.914   4.534   1.00 15.69 ? 240 ALA A C   1 
ATOM   296  O O   . ALA A 1 37  ? -9.527  9.878   4.888   1.00 16.99 ? 240 ALA A O   1 
ATOM   297  C CB  . ALA A 1 37  ? -6.987  7.973   5.374   1.00 15.42 ? 240 ALA A CB  1 
ATOM   298  N N   . THR A 1 38  ? -7.951  10.289  3.338   1.00 14.35 ? 241 THR A N   1 
ATOM   299  C CA  . THR A 1 38  ? -8.882  10.507  2.220   1.00 14.75 ? 241 THR A CA  1 
ATOM   300  C C   . THR A 1 38  ? -8.458  9.542   1.127   1.00 12.90 ? 241 THR A C   1 
ATOM   301  O O   . THR A 1 38  ? -7.246  9.427   0.879   1.00 13.71 ? 241 THR A O   1 
ATOM   302  C CB  . THR A 1 38  ? -8.934  11.961  1.759   1.00 19.20 ? 241 THR A CB  1 
ATOM   303  O OG1 . THR A 1 38  ? -7.652  12.414  1.397   1.00 24.46 ? 241 THR A OG1 1 
ATOM   304  C CG2 . THR A 1 38  ? -9.461  12.873  2.846   1.00 21.95 ? 241 THR A CG2 1 
ATOM   305  N N   . LEU A 1 39  ? -9.397  8.806   0.590   1.00 12.11 ? 242 LEU A N   1 
ATOM   306  C CA  . LEU A 1 39  ? -9.087  7.754   -0.402  1.00 13.10 ? 242 LEU A CA  1 
ATOM   307  C C   . LEU A 1 39  ? -10.223 7.630   -1.403  1.00 12.78 ? 242 LEU A C   1 
ATOM   308  O O   . LEU A 1 39  ? -11.355 7.287   -1.007  1.00 13.00 ? 242 LEU A O   1 
ATOM   309  C CB  . LEU A 1 39  ? -8.844  6.448   0.336   1.00 13.33 ? 242 LEU A CB  1 
ATOM   310  C CG  . LEU A 1 39  ? -8.254  5.309   -0.453  1.00 14.40 ? 242 LEU A CG  1 
ATOM   311  C CD1 . LEU A 1 39  ? -7.546  4.324   0.455   1.00 14.48 ? 242 LEU A CD1 1 
ATOM   312  C CD2 . LEU A 1 39  ? -9.348  4.605   -1.250  1.00 14.51 ? 242 LEU A CD2 1 
ATOM   313  N N   . GLU A 1 40  ? -9.935  7.949   -2.647  1.00 11.47 ? 243 GLU A N   1 
ATOM   314  C CA  . GLU A 1 40  ? -10.921 7.907   -3.753  1.00 11.36 ? 243 GLU A CA  1 
ATOM   315  C C   . GLU A 1 40  ? -10.602 6.601   -4.477  1.00 10.47 ? 243 GLU A C   1 
ATOM   316  O O   . GLU A 1 40  ? -9.621  6.582   -5.243  1.00 10.88 ? 243 GLU A O   1 
ATOM   317  C CB  . GLU A 1 40  ? -10.766 9.130   -4.650  1.00 13.05 ? 243 GLU A CB  1 
ATOM   318  C CG  . GLU A 1 40  ? -10.884 10.434  -3.889  1.00 15.74 ? 243 GLU A CG  1 
ATOM   319  C CD  . GLU A 1 40  ? -10.602 11.648  -4.751  1.00 16.94 ? 243 GLU A CD  1 
ATOM   320  O OE1 . GLU A 1 40  ? -9.840  11.542  -5.714  1.00 16.48 ? 243 GLU A OE1 1 
ATOM   321  O OE2 . GLU A 1 40  ? -11.238 12.709  -4.486  1.00 22.71 ? 243 GLU A OE2 1 
ATOM   322  N N   . ALA A 1 41  ? -11.380 5.560   -4.251  1.00 12.31 ? 244 ALA A N   1 
ATOM   323  C CA  . ALA A 1 41  ? -11.083 4.207   -4.749  1.00 12.65 ? 244 ALA A CA  1 
ATOM   324  C C   . ALA A 1 41  ? -11.537 4.077   -6.198  1.00 12.31 ? 244 ALA A C   1 
ATOM   325  O O   . ALA A 1 41  ? -12.365 3.254   -6.538  1.00 13.32 ? 244 ALA A O   1 
ATOM   326  C CB  . ALA A 1 41  ? -11.746 3.161   -3.893  1.00 14.15 ? 244 ALA A CB  1 
ATOM   327  N N   . ASP A 1 42  ? -10.909 4.876   -7.039  1.00 11.54 ? 245 ASP A N   1 
ATOM   328  C CA  . ASP A 1 42  ? -11.198 4.966   -8.492  1.00 11.63 ? 245 ASP A CA  1 
ATOM   329  C C   . ASP A 1 42  ? -9.856  5.038   -9.215  1.00 10.58 ? 245 ASP A C   1 
ATOM   330  O O   . ASP A 1 42  ? -8.908  5.617   -8.665  1.00 10.94 ? 245 ASP A O   1 
ATOM   331  C CB  . ASP A 1 42  ? -11.927 6.251   -8.846  1.00 11.63 ? 245 ASP A CB  1 
ATOM   332  C CG  . ASP A 1 42  ? -13.315 6.487   -8.244  1.00 14.08 ? 245 ASP A CG  1 
ATOM   333  O OD1 . ASP A 1 42  ? -14.083 5.576   -8.206  1.00 15.08 ? 245 ASP A OD1 1 
ATOM   334  O OD2 . ASP A 1 42  ? -13.608 7.628   -7.904  1.00 20.48 ? 245 ASP A OD2 1 
ATOM   335  N N   . ARG A 1 43  ? -9.816  4.577   -10.450 1.00 10.03 ? 246 ARG A N   1 
ATOM   336  C CA  . ARG A 1 43  ? -8.712  4.916   -11.367 1.00 10.58 ? 246 ARG A CA  1 
ATOM   337  C C   . ARG A 1 43  ? -8.704  6.418   -11.523 1.00 10.94 ? 246 ARG A C   1 
ATOM   338  O O   . ARG A 1 43  ? -9.799  7.015   -11.829 1.00 12.05 ? 246 ARG A O   1 
ATOM   339  C CB  . ARG A 1 43  ? -8.910  4.249   -12.721 1.00 12.18 ? 246 ARG A CB  1 
ATOM   340  C CG  . ARG A 1 43  ? -7.834  4.646   -13.707 1.00 15.21 ? 246 ARG A CG  1 
ATOM   341  C CD  . ARG A 1 43  ? -7.902  3.742   -14.926 1.00 19.51 ? 246 ARG A CD  1 
ATOM   342  N NE  . ARG A 1 43  ? -6.587  3.823   -15.536 1.00 29.21 ? 246 ARG A NE  1 
ATOM   343  C CZ  . ARG A 1 43  ? -6.182  4.828   -16.308 1.00 32.11 ? 246 ARG A CZ  1 
ATOM   344  N NH1 . ARG A 1 43  ? -7.026  5.784   -16.653 1.00 36.25 ? 246 ARG A NH1 1 
ATOM   345  N NH2 . ARG A 1 43  ? -4.933  4.866   -16.747 1.00 35.80 ? 246 ARG A NH2 1 
ATOM   346  N N   . GLY A 1 44  ? -7.595  7.080   -11.239 1.00 9.55  ? 247 GLY A N   1 
ATOM   347  C CA  . GLY A 1 44  ? -7.526  8.540   -11.218 1.00 10.36 ? 247 GLY A CA  1 
ATOM   348  C C   . GLY A 1 44  ? -7.762  9.110   -9.852  1.00 10.12 ? 247 GLY A C   1 
ATOM   349  O O   . GLY A 1 44  ? -7.586  10.295  -9.679  1.00 13.56 ? 247 GLY A O   1 
ATOM   350  N N   . GLY A 1 45  ? -8.285  8.313   -8.959  1.00 9.46  ? 248 GLY A N   1 
ATOM   351  C CA  . GLY A 1 45  ? -8.591  8.782   -7.604  1.00 10.07 ? 248 GLY A CA  1 
ATOM   352  C C   . GLY A 1 45  ? -7.340  9.040   -6.778  1.00 10.48 ? 248 GLY A C   1 
ATOM   353  O O   . GLY A 1 45  ? -6.303  8.357   -6.962  1.00 9.87  ? 248 GLY A O   1 
ATOM   354  N N   . LYS A 1 46  ? -7.384  10.047  -5.929  1.00 10.85 ? 249 LYS A N   1 
ATOM   355  C CA  . LYS A 1 46  ? -6.278  10.444  -5.040  1.00 11.39 ? 249 LYS A CA  1 
ATOM   356  C C   . LYS A 1 46  ? -6.399  9.795   -3.679  1.00 11.60 ? 249 LYS A C   1 
ATOM   357  O O   . LYS A 1 46  ? -7.531  9.457   -3.220  1.00 11.87 ? 249 LYS A O   1 
ATOM   358  C CB  . LYS A 1 46  ? -6.221  11.971  -4.952  1.00 13.42 ? 249 LYS A CB  1 
ATOM   359  C CG  . LYS A 1 46  ? -6.174  12.686  -6.298  1.00 17.11 ? 249 LYS A CG  1 
ATOM   360  C CD  . LYS A 1 46  ? -5.061  12.282  -7.168  1.00 19.95 ? 249 LYS A CD  1 
ATOM   361  C CE  . LYS A 1 46  ? -4.821  13.264  -8.311  1.00 24.65 ? 249 LYS A CE  1 
ATOM   362  N NZ  . LYS A 1 46  ? -3.414  13.170  -8.807  1.00 30.16 ? 249 LYS A NZ  1 
ATOM   363  N N   . PHE A 1 47  ? -5.274  9.680   -2.986  1.00 10.22 ? 250 PHE A N   1 
ATOM   364  C CA  . PHE A 1 47  ? -5.261  9.288   -1.572  1.00 9.82  ? 250 PHE A CA  1 
ATOM   365  C C   . PHE A 1 47  ? -4.262  10.160  -0.840  1.00 11.50 ? 250 PHE A C   1 
ATOM   366  O O   . PHE A 1 47  ? -3.241  10.567  -1.422  1.00 10.96 ? 250 PHE A O   1 
ATOM   367  C CB  . PHE A 1 47  ? -5.005  7.804   -1.358  1.00 10.00 ? 250 PHE A CB  1 
ATOM   368  C CG  . PHE A 1 47  ? -3.740  7.241   -1.914  1.00 10.08 ? 250 PHE A CG  1 
ATOM   369  C CD1 . PHE A 1 47  ? -2.557  7.322   -1.212  1.00 9.47  ? 250 PHE A CD1 1 
ATOM   370  C CD2 . PHE A 1 47  ? -3.751  6.687   -3.185  1.00 9.95  ? 250 PHE A CD2 1 
ATOM   371  C CE1 . PHE A 1 47  ? -1.398  6.818   -1.789  1.00 9.48  ? 250 PHE A CE1 1 
ATOM   372  C CE2 . PHE A 1 47  ? -2.586  6.192   -3.747  1.00 10.54 ? 250 PHE A CE2 1 
ATOM   373  C CZ  . PHE A 1 47  ? -1.427  6.241   -3.033  1.00 10.83 ? 250 PHE A CZ  1 
ATOM   374  N N   . HIS A 1 48  ? -4.562  10.394  0.428   1.00 11.82 ? 251 HIS A N   1 
ATOM   375  C CA  . HIS A 1 48  ? -3.728  11.189  1.343   1.00 13.43 ? 251 HIS A CA  1 
ATOM   376  C C   . HIS A 1 48  ? -3.896  10.557  2.723   1.00 12.15 ? 251 HIS A C   1 
ATOM   377  O O   . HIS A 1 48  ? -5.054  10.340  3.176   1.00 13.91 ? 251 HIS A O   1 
ATOM   378  C CB  . HIS A 1 48  ? -4.175  12.673  1.368   1.00 16.19 ? 251 HIS A CB  1 
ATOM   379  C CG  . HIS A 1 48  ? -3.970  13.396  0.081   1.00 20.75 ? 251 HIS A CG  1 
ATOM   380  N ND1 . HIS A 1 48  ? -4.951  13.527  -0.877  1.00 27.94 ? 251 HIS A ND1 1 
ATOM   381  C CD2 . HIS A 1 48  ? -2.869  13.995  -0.420  1.00 23.18 ? 251 HIS A CD2 1 
ATOM   382  C CE1 . HIS A 1 48  ? -4.460  14.193  -1.912  1.00 25.60 ? 251 HIS A CE1 1 
ATOM   383  N NE2 . HIS A 1 48  ? -3.190  14.496  -1.655  1.00 25.84 ? 251 HIS A NE2 1 
ATOM   384  N N   . MET A 1 49  ? -2.805  10.211  3.358   1.00 11.24 ? 252 MET A N   1 
ATOM   385  C CA  . MET A 1 49  ? -2.797  9.430   4.615   1.00 13.54 ? 252 MET A CA  1 
ATOM   386  C C   . MET A 1 49  ? -1.742  10.003  5.553   1.00 16.00 ? 252 MET A C   1 
ATOM   387  O O   . MET A 1 49  ? -0.861  10.733  5.094   1.00 14.65 ? 252 MET A O   1 
ATOM   388  C CB  . MET A 1 49  ? -2.522  7.946   4.343   1.00 17.77 ? 252 MET A CB  1 
ATOM   389  C CG  . MET A 1 49  ? -3.527  7.417   3.421   1.00 19.68 ? 252 MET A CG  1 
ATOM   390  S SD  . MET A 1 49  ? -2.963  6.028   2.438   1.00 23.53 ? 252 MET A SD  1 
ATOM   391  C CE  . MET A 1 49  ? -2.230  5.070   3.741   1.00 18.98 ? 252 MET A CE  1 
ATOM   392  N N   . VAL A 1 50  ? -1.869  9.669   6.831   1.00 16.12 ? 253 VAL A N   1 
ATOM   393  C CA  . VAL A 1 50  ? -0.929  10.032  7.946   1.00 19.71 ? 253 VAL A CA  1 
ATOM   394  C C   . VAL A 1 50  ? -0.495  11.497  7.898   1.00 21.09 ? 253 VAL A C   1 
ATOM   395  O O   . VAL A 1 50  ? 0.735   11.776  7.716   1.00 21.50 ? 253 VAL A O   1 
ATOM   396  C CB  . VAL A 1 50  ? 0.238   9.051   8.029   1.00 23.12 ? 253 VAL A CB  1 
ATOM   397  C CG1 . VAL A 1 50  ? -0.258  7.741   8.638   1.00 26.27 ? 253 VAL A CG1 1 
ATOM   398  C CG2 . VAL A 1 50  ? 0.948   8.839   6.716   1.00 23.34 ? 253 VAL A CG2 1 
ATOM   399  N N   . ASP A 1 51  ? -1.460  12.400  8.071   1.00 25.39 ? 254 ASP A N   1 
ATOM   400  C CA  . ASP A 1 51  ? -1.262  13.873  8.121   1.00 31.17 ? 254 ASP A CA  1 
ATOM   401  C C   . ASP A 1 51  ? -0.602  14.335  6.817   1.00 30.31 ? 254 ASP A C   1 
ATOM   402  O O   . ASP A 1 51  ? 0.217   15.298  6.813   1.00 32.17 ? 254 ASP A O   1 
ATOM   403  C CB  . ASP A 1 51  ? -0.464  14.274  9.362   1.00 37.57 ? 254 ASP A CB  1 
ATOM   404  C CG  . ASP A 1 51  ? -0.758  15.697  9.811   1.00 44.87 ? 254 ASP A CG  1 
ATOM   405  O OD1 . ASP A 1 51  ? -1.838  15.905  10.400  1.00 46.06 ? 254 ASP A OD1 1 
ATOM   406  O OD2 . ASP A 1 51  ? 0.092   16.593  9.550   1.00 44.96 ? 254 ASP A OD2 1 
ATOM   407  N N   . GLY A 1 52  ? -0.937  13.667  5.715   1.00 23.50 ? 255 GLY A N   1 
ATOM   408  C CA  . GLY A 1 52  ? -0.417  14.043  4.400   1.00 22.40 ? 255 GLY A CA  1 
ATOM   409  C C   . GLY A 1 52  ? 0.997   13.571  4.202   1.00 21.00 ? 255 GLY A C   1 
ATOM   410  O O   . GLY A 1 52  ? 1.577   13.946  3.184   1.00 25.06 ? 255 GLY A O   1 
ATOM   411  N N   . ASN A 1 53  ? 1.536   12.718  5.064   1.00 17.72 ? 256 ASN A N   1 
ATOM   412  C CA  . ASN A 1 53  ? 2.920   12.200  4.898   1.00 17.87 ? 256 ASN A CA  1 
ATOM   413  C C   . ASN A 1 53  ? 2.996   11.171  3.769   1.00 14.38 ? 256 ASN A C   1 
ATOM   414  O O   . ASN A 1 53  ? 4.133   10.868  3.304   1.00 14.92 ? 256 ASN A O   1 
ATOM   415  C CB  . ASN A 1 53  ? 3.494   11.604  6.176   1.00 19.47 ? 256 ASN A CB  1 
ATOM   416  C CG  . ASN A 1 53  ? 4.068   12.683  7.069   1.00 26.57 ? 256 ASN A CG  1 
ATOM   417  O OD1 . ASN A 1 53  ? 5.071   13.313  6.715   1.00 30.56 ? 256 ASN A OD1 1 
ATOM   418  N ND2 . ASN A 1 53  ? 3.438   12.911  8.207   1.00 28.74 ? 256 ASN A ND2 1 
ATOM   419  N N   . VAL A 1 54  ? 1.862   10.588  3.395   1.00 13.28 ? 257 VAL A N   1 
ATOM   420  C CA  . VAL A 1 54  ? 1.792   9.613   2.278   1.00 13.38 ? 257 VAL A CA  1 
ATOM   421  C C   . VAL A 1 54  ? 0.694   10.072  1.359   1.00 12.28 ? 257 VAL A C   1 
ATOM   422  O O   . VAL A 1 54  ? -0.425  10.356  1.816   1.00 13.01 ? 257 VAL A O   1 
ATOM   423  C CB  . VAL A 1 54  ? 1.564   8.184   2.765   1.00 13.65 ? 257 VAL A CB  1 
ATOM   424  C CG1 . VAL A 1 54  ? 1.223   7.208   1.617   1.00 14.04 ? 257 VAL A CG1 1 
ATOM   425  C CG2 . VAL A 1 54  ? 2.726   7.718   3.600   1.00 14.88 ? 257 VAL A CG2 1 
ATOM   426  N N   . SER A 1 55  ? 0.943   10.061  0.069   1.00 10.93 ? 258 SER A N   1 
ATOM   427  C CA  . SER A 1 55  ? -0.076  10.457  -0.910  1.00 11.36 ? 258 SER A CA  1 
ATOM   428  C C   . SER A 1 55  ? 0.186   9.822   -2.256  1.00 10.22 ? 258 SER A C   1 
ATOM   429  O O   . SER A 1 55  ? 1.258   9.284   -2.479  1.00 9.58  ? 258 SER A O   1 
ATOM   430  C CB  . SER A 1 55  ? -0.150  11.936  -1.011  1.00 13.75 ? 258 SER A CB  1 
ATOM   431  O OG  . SER A 1 55  ? 1.063   12.463  -1.512  1.00 14.74 ? 258 SER A OG  1 
ATOM   432  N N   . GLY A 1 56  ? -0.795  9.922   -3.118  1.00 9.75  ? 259 GLY A N   1 
ATOM   433  C CA  . GLY A 1 56  ? -0.652  9.402   -4.464  1.00 10.12 ? 259 GLY A CA  1 
ATOM   434  C C   . GLY A 1 56  ? -1.971  9.283   -5.164  1.00 10.00 ? 259 GLY A C   1 
ATOM   435  O O   . GLY A 1 56  ? -2.949  9.983   -4.824  1.00 9.95  ? 259 GLY A O   1 
ATOM   436  N N   . GLU A 1 57  ? -1.951  8.498   -6.230  1.00 9.49  ? 260 GLU A N   1 
ATOM   437  C CA  . GLU A 1 57  ? -3.125  8.316   -7.122  1.00 11.62 ? 260 GLU A CA  1 
ATOM   438  C C   . GLU A 1 57  ? -3.195  6.868   -7.531  1.00 10.54 ? 260 GLU A C   1 
ATOM   439  O O   . GLU A 1 57  ? -2.145  6.276   -7.856  1.00 10.01 ? 260 GLU A O   1 
ATOM   440  C CB  . GLU A 1 57  ? -2.976  9.216   -8.329  1.00 14.29 ? 260 GLU A CB  1 
ATOM   441  C CG  . GLU A 1 57  ? -4.099  9.107   -9.342  1.00 15.72 ? 260 GLU A CG  1 
ATOM   442  C CD  . GLU A 1 57  ? -3.742  9.756   -10.664 1.00 23.36 ? 260 GLU A CD  1 
ATOM   443  O OE1 . GLU A 1 57  ? -3.556  10.965  -10.645 1.00 26.35 ? 260 GLU A OE1 1 
ATOM   444  O OE2 . GLU A 1 57  ? -3.632  9.017   -11.681 1.00 26.61 ? 260 GLU A OE2 1 
ATOM   445  N N   . PHE A 1 58  ? -4.388  6.275   -7.573  1.00 8.79  ? 261 PHE A N   1 
ATOM   446  C CA  . PHE A 1 58  ? -4.568  4.930   -8.161  1.00 9.43  ? 261 PHE A CA  1 
ATOM   447  C C   . PHE A 1 58  ? -4.560  5.036   -9.687  1.00 10.39 ? 261 PHE A C   1 
ATOM   448  O O   . PHE A 1 58  ? -5.275  5.896   -10.256 1.00 10.53 ? 261 PHE A O   1 
ATOM   449  C CB  . PHE A 1 58  ? -5.879  4.301   -7.717  1.00 9.43  ? 261 PHE A CB  1 
ATOM   450  C CG  . PHE A 1 58  ? -5.980  4.152   -6.230  1.00 10.81 ? 261 PHE A CG  1 
ATOM   451  C CD1 . PHE A 1 58  ? -5.188  3.189   -5.579  1.00 11.08 ? 261 PHE A CD1 1 
ATOM   452  C CD2 . PHE A 1 58  ? -6.813  4.951   -5.474  1.00 11.31 ? 261 PHE A CD2 1 
ATOM   453  C CE1 . PHE A 1 58  ? -5.268  3.036   -4.206  1.00 12.52 ? 261 PHE A CE1 1 
ATOM   454  C CE2 . PHE A 1 58  ? -6.911  4.785   -4.103  1.00 13.51 ? 261 PHE A CE2 1 
ATOM   455  C CZ  . PHE A 1 58  ? -6.132  3.839   -3.452  1.00 12.61 ? 261 PHE A CZ  1 
ATOM   456  N N   . THR A 1 59  ? -3.778  4.190   -10.357 1.00 10.33 ? 262 THR A N   1 
ATOM   457  C CA  . THR A 1 59  ? -3.775  4.182   -11.828 1.00 11.33 ? 262 THR A CA  1 
ATOM   458  C C   . THR A 1 59  ? -4.415  2.919   -12.372 1.00 12.35 ? 262 THR A C   1 
ATOM   459  O O   . THR A 1 59  ? -4.795  2.956   -13.545 1.00 14.98 ? 262 THR A O   1 
ATOM   460  C CB  . THR A 1 59  ? -2.372  4.429   -12.366 1.00 12.78 ? 262 THR A CB  1 
ATOM   461  O OG1 . THR A 1 59  ? -1.589  3.296   -12.012 1.00 12.55 ? 262 THR A OG1 1 
ATOM   462  C CG2 . THR A 1 59  ? -1.763  5.702   -11.850 1.00 12.53 ? 262 THR A CG2 1 
ATOM   463  N N   . ASP A 1 60  ? -4.592  1.859   -11.592 1.00 12.22 ? 263 ASP A N   1 
ATOM   464  C CA  . ASP A 1 60  ? -5.302  0.649   -12.086 1.00 14.45 ? 263 ASP A CA  1 
ATOM   465  C C   . ASP A 1 60  ? -5.885  -0.047  -10.864 1.00 16.07 ? 263 ASP A C   1 
ATOM   466  O O   . ASP A 1 60  ? -5.153  -0.223  -9.849  1.00 14.19 ? 263 ASP A O   1 
ATOM   467  C CB  . ASP A 1 60  ? -4.371  -0.282  -12.857 1.00 18.40 ? 263 ASP A CB  1 
ATOM   468  C CG  . ASP A 1 60  ? -5.084  -1.411  -13.602 1.00 22.55 ? 263 ASP A CG  1 
ATOM   469  O OD1 . ASP A 1 60  ? -6.335  -1.357  -13.713 1.00 29.56 ? 263 ASP A OD1 1 
ATOM   470  O OD2 . ASP A 1 60  ? -4.396  -2.314  -14.056 1.00 31.63 ? 263 ASP A OD2 1 
ATOM   471  N N   . LEU A 1 61  ? -7.151  -0.383  -10.885 1.00 14.87 ? 264 LEU A N   1 
ATOM   472  C CA  . LEU A 1 61  ? -7.814  -1.051  -9.746  1.00 14.83 ? 264 LEU A CA  1 
ATOM   473  C C   . LEU A 1 61  ? -8.630  -2.191  -10.312 1.00 19.33 ? 264 LEU A C   1 
ATOM   474  O O   . LEU A 1 61  ? -9.592  -1.909  -11.053 1.00 19.12 ? 264 LEU A O   1 
ATOM   475  C CB  . LEU A 1 61  ? -8.706  -0.102  -8.945  1.00 16.28 ? 264 LEU A CB  1 
ATOM   476  C CG  . LEU A 1 61  ? -8.020  1.010   -8.173  1.00 16.97 ? 264 LEU A CG  1 
ATOM   477  C CD1 . LEU A 1 61  ? -9.045  1.998   -7.645  1.00 18.34 ? 264 LEU A CD1 1 
ATOM   478  C CD2 . LEU A 1 61  ? -7.183  0.454   -7.043  1.00 18.04 ? 264 LEU A CD2 1 
ATOM   479  N N   . VAL A 1 62  ? -8.273  -3.413  -9.951  1.00 15.81 ? 265 VAL A N   1 
ATOM   480  C CA  . VAL A 1 62  ? -8.957  -4.661  -10.427 1.00 17.84 ? 265 VAL A CA  1 
ATOM   481  C C   . VAL A 1 62  ? -9.349  -5.403  -9.168  1.00 18.95 ? 265 VAL A C   1 
ATOM   482  O O   . VAL A 1 62  ? -8.502  -6.068  -8.550  1.00 16.40 ? 265 VAL A O   1 
ATOM   483  C CB  . VAL A 1 62  ? -8.076  -5.505  -11.354 1.00 19.85 ? 265 VAL A CB  1 
ATOM   484  C CG1 . VAL A 1 62  ? -8.800  -6.799  -11.754 1.00 20.77 ? 265 VAL A CG1 1 
ATOM   485  C CG2 . VAL A 1 62  ? -7.702  -4.698  -12.584 1.00 23.32 ? 265 VAL A CG2 1 
ATOM   486  N N   . PRO A 1 63  ? -10.611 -5.266  -8.725  1.00 18.84 ? 266 PRO A N   1 
ATOM   487  C CA  . PRO A 1 63  ? -11.037 -5.766  -7.425  1.00 20.69 ? 266 PRO A CA  1 
ATOM   488  C C   . PRO A 1 63  ? -10.628 -7.216  -7.176  1.00 19.40 ? 266 PRO A C   1 
ATOM   489  O O   . PRO A 1 63  ? -10.789 -8.087  -8.016  1.00 19.25 ? 266 PRO A O   1 
ATOM   490  C CB  . PRO A 1 63  ? -12.562 -5.601  -7.447  1.00 22.90 ? 266 PRO A CB  1 
ATOM   491  C CG  . PRO A 1 63  ? -12.766 -4.439  -8.401  1.00 22.19 ? 266 PRO A CG  1 
ATOM   492  C CD  . PRO A 1 63  ? -11.689 -4.555  -9.445  1.00 21.42 ? 266 PRO A CD  1 
ATOM   493  N N   . GLU A 1 64  ? -10.018 -7.429  -6.009  1.00 17.12 ? 267 GLU A N   1 
ATOM   494  C CA  . GLU A 1 64  ? -9.569  -8.723  -5.505  1.00 17.73 ? 267 GLU A CA  1 
ATOM   495  C C   . GLU A 1 64  ? -8.301  -9.168  -6.234  1.00 16.97 ? 267 GLU A C   1 
ATOM   496  O O   . GLU A 1 64  ? -7.824  -10.256 -5.919  1.00 19.92 ? 267 GLU A O   1 
ATOM   497  C CB  . GLU A 1 64  ? -10.656 -9.825  -5.600  1.00 20.52 ? 267 GLU A CB  1 
ATOM   498  C CG  . GLU A 1 64  ? -12.030 -9.428  -5.101  1.00 23.62 ? 267 GLU A CG  1 
ATOM   499  C CD  . GLU A 1 64  ? -12.986 -10.591 -4.850  1.00 27.44 ? 267 GLU A CD  1 
ATOM   500  O OE1 . GLU A 1 64  ? -12.517 -11.791 -4.765  1.00 30.66 ? 267 GLU A OE1 1 
ATOM   501  O OE2 . GLU A 1 64  ? -14.182 -10.303 -4.704  1.00 32.62 ? 267 GLU A OE2 1 
ATOM   502  N N   . LYS A 1 65  ? -7.736  -8.411  -7.183  1.00 14.09 ? 268 LYS A N   1 
ATOM   503  C CA  . LYS A 1 65  ? -6.637  -8.924  -8.011  1.00 16.02 ? 268 LYS A CA  1 
ATOM   504  C C   . LYS A 1 65  ? -5.420  -8.029  -7.943  1.00 13.70 ? 268 LYS A C   1 
ATOM   505  O O   . LYS A 1 65  ? -4.311  -8.524  -7.679  1.00 13.24 ? 268 LYS A O   1 
ATOM   506  C CB  . LYS A 1 65  ? -7.077  -9.067  -9.468  1.00 20.25 ? 268 LYS A CB  1 
ATOM   507  C CG  . LYS A 1 65  ? -8.278  -9.987  -9.654  1.00 25.51 ? 268 LYS A CG  1 
ATOM   508  C CD  . LYS A 1 65  ? -7.954  -11.414 -9.311  1.00 27.41 ? 268 LYS A CD  1 
ATOM   509  C CE  . LYS A 1 65  ? -6.710  -11.918 -9.999  1.00 32.98 ? 268 LYS A CE  1 
ATOM   510  N NZ  . LYS A 1 65  ? -6.682  -13.400 -10.108 1.00 37.02 ? 268 LYS A NZ  1 
ATOM   511  N N   . HIS A 1 66  ? -5.591  -6.741  -8.180  1.00 12.54 ? 269 HIS A N   1 
ATOM   512  C CA  . HIS A 1 66  ? -4.392  -5.889  -8.186  1.00 14.86 ? 269 HIS A CA  1 
ATOM   513  C C   . HIS A 1 66  ? -4.745  -4.439  -8.040  1.00 12.15 ? 269 HIS A C   1 
ATOM   514  O O   . HIS A 1 66  ? -5.862  -3.997  -8.352  1.00 11.59 ? 269 HIS A O   1 
ATOM   515  C CB  . HIS A 1 66  ? -3.435  -6.074  -9.342  1.00 19.95 ? 269 HIS A CB  1 
ATOM   516  C CG  . HIS A 1 66  ? -3.950  -5.678  -10.651 1.00 23.46 ? 269 HIS A CG  1 
ATOM   517  N ND1 . HIS A 1 66  ? -4.228  -6.631  -11.624 1.00 26.74 ? 269 HIS A ND1 1 
ATOM   518  C CD2 . HIS A 1 66  ? -4.190  -4.465  -11.186 1.00 27.54 ? 269 HIS A CD2 1 
ATOM   519  C CE1 . HIS A 1 66  ? -4.626  -6.005  -12.716 1.00 29.25 ? 269 HIS A CE1 1 
ATOM   520  N NE2 . HIS A 1 66  ? -4.618  -4.684  -12.475 1.00 31.28 ? 269 HIS A NE2 1 
ATOM   521  N N   . ILE A 1 67  ? -3.777  -3.727  -7.500  1.00 10.71 ? 270 ILE A N   1 
ATOM   522  C CA  . ILE A 1 67  ? -3.784  -2.274  -7.381  1.00 10.37 ? 270 ILE A CA  1 
ATOM   523  C C   . ILE A 1 67  ? -2.484  -1.763  -7.952  1.00 11.55 ? 270 ILE A C   1 
ATOM   524  O O   . ILE A 1 67  ? -1.417  -2.289  -7.597  1.00 10.94 ? 270 ILE A O   1 
ATOM   525  C CB  . ILE A 1 67  ? -3.902  -1.875  -5.899  1.00 10.44 ? 270 ILE A CB  1 
ATOM   526  C CG1 . ILE A 1 67  ? -5.212  -2.367  -5.287  1.00 11.00 ? 270 ILE A CG1 1 
ATOM   527  C CG2 . ILE A 1 67  ? -3.722  -0.369  -5.698  1.00 11.35 ? 270 ILE A CG2 1 
ATOM   528  C CD1 . ILE A 1 67  ? -5.273  -2.223  -3.817  1.00 11.44 ? 270 ILE A CD1 1 
ATOM   529  N N   . VAL A 1 68  ? -2.548  -0.765  -8.802  1.00 10.44 ? 271 VAL A N   1 
ATOM   530  C CA  . VAL A 1 68  ? -1.342  -0.061  -9.280  1.00 10.38 ? 271 VAL A CA  1 
ATOM   531  C C   . VAL A 1 68  ? -1.513  1.382   -8.873  1.00 10.67 ? 271 VAL A C   1 
ATOM   532  O O   . VAL A 1 68  ? -2.592  1.970   -9.076  1.00 10.22 ? 271 VAL A O   1 
ATOM   533  C CB  . VAL A 1 68  ? -1.095  -0.177  -10.796 1.00 11.33 ? 271 VAL A CB  1 
ATOM   534  C CG1 . VAL A 1 68  ? 0.151   0.548   -11.151 1.00 12.74 ? 271 VAL A CG1 1 
ATOM   535  C CG2 . VAL A 1 68  ? -1.085  -1.594  -11.317 1.00 12.15 ? 271 VAL A CG2 1 
ATOM   536  N N   . MET A 1 69  ? -0.504  1.961   -8.278  1.00 9.14  ? 272 MET A N   1 
ATOM   537  C CA  . MET A 1 69  ? -0.624  3.343   -7.822  1.00 10.94 ? 272 MET A CA  1 
ATOM   538  C C   . MET A 1 69  ? 0.673   4.098   -7.964  1.00 9.99  ? 272 MET A C   1 
ATOM   539  O O   . MET A 1 69  ? 1.756   3.512   -7.919  1.00 10.91 ? 272 MET A O   1 
ATOM   540  C CB  . MET A 1 69  ? -1.083  3.440   -6.372  1.00 13.24 ? 272 MET A CB  1 
ATOM   541  C CG  . MET A 1 69  ? -0.294  2.685   -5.417  1.00 13.68 ? 272 MET A CG  1 
ATOM   542  S SD  . MET A 1 69  ? -1.145  2.506   -3.753  1.00 15.01 ? 272 MET A SD  1 
ATOM   543  C CE  . MET A 1 69  ? -0.044  1.320   -3.019  1.00 20.07 ? 272 MET A CE  1 
ATOM   544  N N   . LYS A 1 70  ? 0.529   5.399   -8.088  1.00 9.10  ? 273 LYS A N   1 
ATOM   545  C CA  . LYS A 1 70  ? 1.628   6.359   -7.890  1.00 9.59  ? 273 LYS A CA  1 
ATOM   546  C C   . LYS A 1 70  ? 1.609   6.702   -6.416  1.00 8.83  ? 273 LYS A C   1 
ATOM   547  O O   . LYS A 1 70  ? 0.523   6.915   -5.856  1.00 10.71 ? 273 LYS A O   1 
ATOM   548  C CB  . LYS A 1 70  ? 1.395   7.565   -8.780  1.00 10.54 ? 273 LYS A CB  1 
ATOM   549  C CG  . LYS A 1 70  ? 1.637   7.245   -10.235 1.00 10.90 ? 273 LYS A CG  1 
ATOM   550  C CD  . LYS A 1 70  ? 3.094   7.188   -10.630 1.00 12.95 ? 273 LYS A CD  1 
ATOM   551  C CE  . LYS A 1 70  ? 3.342   6.934   -12.102 1.00 14.15 ? 273 LYS A CE  1 
ATOM   552  N NZ  . LYS A 1 70  ? 4.750   7.221   -12.473 1.00 15.63 ? 273 LYS A NZ  1 
ATOM   553  N N   . TRP A 1 71  ? 2.761   6.680   -5.769  1.00 8.47  ? 274 TRP A N   1 
ATOM   554  C CA  . TRP A 1 71  ? 2.822   6.724   -4.302  1.00 9.13  ? 274 TRP A CA  1 
ATOM   555  C C   . TRP A 1 71  ? 4.077   7.486   -3.889  1.00 9.72  ? 274 TRP A C   1 
ATOM   556  O O   . TRP A 1 71  ? 5.136   7.286   -4.497  1.00 9.87  ? 274 TRP A O   1 
ATOM   557  C CB  . TRP A 1 71  ? 2.844   5.265   -3.819  1.00 8.61  ? 274 TRP A CB  1 
ATOM   558  C CG  . TRP A 1 71  ? 2.792   5.059   -2.343  1.00 8.70  ? 274 TRP A CG  1 
ATOM   559  C CD1 . TRP A 1 71  ? 1.689   4.616   -1.660  1.00 8.46  ? 274 TRP A CD1 1 
ATOM   560  C CD2 . TRP A 1 71  ? 3.847   5.174   -1.352  1.00 9.04  ? 274 TRP A CD2 1 
ATOM   561  N NE1 . TRP A 1 71  ? 1.982   4.453   -0.340  1.00 10.40 ? 274 TRP A NE1 1 
ATOM   562  C CE2 . TRP A 1 71  ? 3.289   4.782   -0.120  1.00 9.57  ? 274 TRP A CE2 1 
ATOM   563  C CE3 . TRP A 1 71  ? 5.214   5.492   -1.384  1.00 10.08 ? 274 TRP A CE3 1 
ATOM   564  C CZ2 . TRP A 1 71  ? 4.013   4.810   1.072   1.00 10.37 ? 274 TRP A CZ2 1 
ATOM   565  C CZ3 . TRP A 1 71  ? 5.919   5.544   -0.203  1.00 11.00 ? 274 TRP A CZ3 1 
ATOM   566  C CH2 . TRP A 1 71  ? 5.326   5.176   1.012   1.00 10.59 ? 274 TRP A CH2 1 
ATOM   567  N N   . ARG A 1 72  ? 3.947   8.334   -2.875  1.00 8.98  ? 275 ARG A N   1 
ATOM   568  C CA  . ARG A 1 72  ? 5.123   9.071   -2.358  1.00 9.57  ? 275 ARG A CA  1 
ATOM   569  C C   . ARG A 1 72  ? 5.013   9.357   -0.886  1.00 10.36 ? 275 ARG A C   1 
ATOM   570  O O   . ARG A 1 72  ? 3.913   9.405   -0.329  1.00 10.12 ? 275 ARG A O   1 
ATOM   571  C CB  . ARG A 1 72  ? 5.314   10.390  -3.098  1.00 10.31 ? 275 ARG A CB  1 
ATOM   572  C CG  . ARG A 1 72  ? 4.118   11.297  -3.009  1.00 10.88 ? 275 ARG A CG  1 
ATOM   573  C CD  . ARG A 1 72  ? 4.325   12.618  -3.681  1.00 12.26 ? 275 ARG A CD  1 
ATOM   574  N NE  . ARG A 1 72  ? 5.022   13.561  -2.786  1.00 13.82 ? 275 ARG A NE  1 
ATOM   575  C CZ  . ARG A 1 72  ? 6.256   14.049  -2.979  1.00 12.86 ? 275 ARG A CZ  1 
ATOM   576  N NH1 . ARG A 1 72  ? 6.994   13.570  -3.956  1.00 13.86 ? 275 ARG A NH1 1 
ATOM   577  N NH2 . ARG A 1 72  ? 6.757   14.999  -2.165  1.00 13.39 ? 275 ARG A NH2 1 
ATOM   578  N N   . PHE A 1 73  ? 6.162   9.542   -0.259  1.00 10.33 ? 276 PHE A N   1 
ATOM   579  C CA  . PHE A 1 73  ? 6.242   10.241  1.042   1.00 11.30 ? 276 PHE A CA  1 
ATOM   580  C C   . PHE A 1 73  ? 6.369   11.760  0.798   1.00 12.39 ? 276 PHE A C   1 
ATOM   581  O O   . PHE A 1 73  ? 6.980   12.170  -0.196  1.00 12.94 ? 276 PHE A O   1 
ATOM   582  C CB  . PHE A 1 73  ? 7.463   9.797   1.830   1.00 13.38 ? 276 PHE A CB  1 
ATOM   583  C CG  . PHE A 1 73  ? 7.380   8.490   2.540   1.00 13.65 ? 276 PHE A CG  1 
ATOM   584  C CD1 . PHE A 1 73  ? 6.531   8.326   3.625   1.00 14.83 ? 276 PHE A CD1 1 
ATOM   585  C CD2 . PHE A 1 73  ? 8.256   7.476   2.239   1.00 13.68 ? 276 PHE A CD2 1 
ATOM   586  C CE1 . PHE A 1 73  ? 6.547   7.146   4.353   1.00 14.88 ? 276 PHE A CE1 1 
ATOM   587  C CE2 . PHE A 1 73  ? 8.263   6.297   2.947   1.00 14.75 ? 276 PHE A CE2 1 
ATOM   588  C CZ  . PHE A 1 73  ? 7.399   6.125   3.996   1.00 15.44 ? 276 PHE A CZ  1 
ATOM   589  N N   . LYS A 1 74  ? 5.834   12.545  1.704   1.00 14.88 ? 277 LYS A N   1 
ATOM   590  C CA  . LYS A 1 74  ? 5.781   14.037  1.569   1.00 15.07 ? 277 LYS A CA  1 
ATOM   591  C C   . LYS A 1 74  ? 7.191   14.609  1.394   1.00 14.88 ? 277 LYS A C   1 
ATOM   592  O O   . LYS A 1 74  ? 7.356   15.616  0.655   1.00 16.08 ? 277 LYS A O   1 
ATOM   593  C CB  . LYS A 1 74  ? 5.062   14.649  2.767   1.00 18.37 ? 277 LYS A CB  1 
ATOM   594  C CG  . LYS A 1 74  ? 4.799   16.155  2.645   1.00 21.93 ? 277 LYS A CG  1 
ATOM   595  C CD  . LYS A 1 74  ? 4.067   16.698  3.835   1.00 26.62 ? 277 LYS A CD  1 
ATOM   596  C CE  . LYS A 1 74  ? 3.806   18.183  3.682   1.00 32.70 ? 277 LYS A CE  1 
ATOM   597  N NZ  . LYS A 1 74  ? 3.204   18.773  4.895   1.00 37.12 ? 277 LYS A NZ  1 
ATOM   598  N N   . SER A 1 75  ? 8.174   14.006  2.030   1.00 14.94 ? 278 SER A N   1 
ATOM   599  C CA  . SER A 1 75  ? 9.559   14.553  2.026   1.00 16.17 ? 278 SER A CA  1 
ATOM   600  C C   . SER A 1 75  ? 10.275  14.263  0.706   1.00 15.96 ? 278 SER A C   1 
ATOM   601  O O   . SER A 1 75  ? 11.411  14.779  0.450   1.00 17.03 ? 278 SER A O   1 
ATOM   602  C CB  . SER A 1 75  ? 10.346  14.025  3.201   1.00 18.69 ? 278 SER A CB  1 
ATOM   603  O OG  . SER A 1 75  ? 10.569  12.637  3.039   1.00 20.33 ? 278 SER A OG  1 
ATOM   604  N N   . TRP A 1 76  ? 9.741   13.409  -0.169  1.00 13.03 ? 279 TRP A N   1 
ATOM   605  C CA  . TRP A 1 76  ? 10.423  13.118  -1.450  1.00 13.36 ? 279 TRP A CA  1 
ATOM   606  C C   . TRP A 1 76  ? 10.456  14.376  -2.308  1.00 13.68 ? 279 TRP A C   1 
ATOM   607  O O   . TRP A 1 76  ? 9.629   15.255  -2.119  1.00 13.80 ? 279 TRP A O   1 
ATOM   608  C CB  . TRP A 1 76  ? 9.703   11.970  -2.157  1.00 12.51 ? 279 TRP A CB  1 
ATOM   609  C CG  . TRP A 1 76  ? 9.867   10.643  -1.504  1.00 12.09 ? 279 TRP A CG  1 
ATOM   610  C CD1 . TRP A 1 76  ? 10.489  10.330  -0.326  1.00 12.20 ? 279 TRP A CD1 1 
ATOM   611  C CD2 . TRP A 1 76  ? 9.387   9.387   -2.031  1.00 10.61 ? 279 TRP A CD2 1 
ATOM   612  N NE1 . TRP A 1 76  ? 10.441  8.986   -0.103  1.00 11.43 ? 279 TRP A NE1 1 
ATOM   613  C CE2 . TRP A 1 76  ? 9.783   8.372   -1.153  1.00 10.33 ? 279 TRP A CE2 1 
ATOM   614  C CE3 . TRP A 1 76  ? 8.709   9.028   -3.194  1.00 10.02 ? 279 TRP A CE3 1 
ATOM   615  C CZ2 . TRP A 1 76  ? 9.407   7.030   -1.325  1.00 10.85 ? 279 TRP A CZ2 1 
ATOM   616  C CZ3 . TRP A 1 76  ? 8.398   7.691   -3.392  1.00 10.20 ? 279 TRP A CZ3 1 
ATOM   617  C CH2 . TRP A 1 76  ? 8.769   6.708   -2.489  1.00 9.95  ? 279 TRP A CH2 1 
ATOM   618  N N   . PRO A 1 77  ? 11.359  14.461  -3.318  1.00 16.54 ? 280 PRO A N   1 
ATOM   619  C CA  . PRO A 1 77  ? 11.382  15.611  -4.217  1.00 18.66 ? 280 PRO A CA  1 
ATOM   620  C C   . PRO A 1 77  ? 9.974   15.823  -4.780  1.00 20.93 ? 280 PRO A C   1 
ATOM   621  O O   . PRO A 1 77  ? 9.268   14.857  -5.071  1.00 16.61 ? 280 PRO A O   1 
ATOM   622  C CB  . PRO A 1 77  ? 12.420  15.202  -5.263  1.00 19.96 ? 280 PRO A CB  1 
ATOM   623  C CG  . PRO A 1 77  ? 13.323  14.231  -4.545  1.00 20.05 ? 280 PRO A CG  1 
ATOM   624  C CD  . PRO A 1 77  ? 12.403  13.480  -3.602  1.00 17.33 ? 280 PRO A CD  1 
ATOM   625  N N   . GLU A 1 78  ? 9.537   17.069  -4.828  1.00 20.66 ? 281 GLU A N   1 
ATOM   626  C CA  . GLU A 1 78  ? 8.201   17.440  -5.332  1.00 21.18 ? 281 GLU A CA  1 
ATOM   627  C C   . GLU A 1 78  ? 7.925   16.777  -6.686  1.00 17.72 ? 281 GLU A C   1 
ATOM   628  O O   . GLU A 1 78  ? 8.739   16.858  -7.612  1.00 19.53 ? 281 GLU A O   1 
ATOM   629  C CB  . GLU A 1 78  ? 8.109   18.960  -5.461  1.00 28.43 ? 281 GLU A CB  1 
ATOM   630  C CG  . GLU A 1 78  ? 6.691   19.451  -5.390  1.00 32.23 ? 281 GLU A CG  1 
ATOM   631  C CD  . GLU A 1 78  ? 6.600   20.910  -4.984  1.00 39.45 ? 281 GLU A CD  1 
ATOM   632  O OE1 . GLU A 1 78  ? 6.558   21.756  -5.889  1.00 42.51 ? 281 GLU A OE1 1 
ATOM   633  O OE2 . GLU A 1 78  ? 6.603   21.182  -3.765  1.00 43.60 ? 281 GLU A OE2 1 
ATOM   634  N N   . GLY A 1 79  ? 6.790   16.134  -6.801  1.00 16.66 ? 282 GLY A N   1 
ATOM   635  C CA  . GLY A 1 79  ? 6.348   15.543  -8.083  1.00 15.84 ? 282 GLY A CA  1 
ATOM   636  C C   . GLY A 1 79  ? 6.994   14.185  -8.332  1.00 14.13 ? 282 GLY A C   1 
ATOM   637  O O   . GLY A 1 79  ? 6.708   13.576  -9.341  1.00 14.13 ? 282 GLY A O   1 
ATOM   638  N N   . HIS A 1 80  ? 7.818   13.705  -7.402  1.00 14.08 ? 283 HIS A N   1 
ATOM   639  C CA  . HIS A 1 80  ? 8.428   12.364  -7.526  1.00 12.81 ? 283 HIS A CA  1 
ATOM   640  C C   . HIS A 1 80  ? 7.483   11.313  -6.940  1.00 11.31 ? 283 HIS A C   1 
ATOM   641  O O   . HIS A 1 80  ? 7.220   11.375  -5.753  1.00 11.75 ? 283 HIS A O   1 
ATOM   642  C CB  . HIS A 1 80  ? 9.812   12.310  -6.909  1.00 13.72 ? 283 HIS A CB  1 
ATOM   643  C CG  . HIS A 1 80  ? 10.484  11.033  -7.249  1.00 15.49 ? 283 HIS A CG  1 
ATOM   644  N ND1 . HIS A 1 80  ? 11.189  10.895  -8.431  1.00 19.67 ? 283 HIS A ND1 1 
ATOM   645  C CD2 . HIS A 1 80  ? 10.390  9.802   -6.692  1.00 15.18 ? 283 HIS A CD2 1 
ATOM   646  C CE1 . HIS A 1 80  ? 11.623  9.635   -8.506  1.00 22.78 ? 283 HIS A CE1 1 
ATOM   647  N NE2 . HIS A 1 80  ? 11.143  8.958   -7.449  1.00 16.55 ? 283 HIS A NE2 1 
ATOM   648  N N   . PHE A 1 81  ? 7.026   10.393  -7.785  1.00 10.97 ? 284 PHE A N   1 
ATOM   649  C CA  . PHE A 1 81  ? 6.177   9.259   -7.372  1.00 10.11 ? 284 PHE A CA  1 
ATOM   650  C C   . PHE A 1 81  ? 6.885   7.970   -7.678  1.00 9.33  ? 284 PHE A C   1 
ATOM   651  O O   . PHE A 1 81  ? 7.417   7.786   -8.769  1.00 10.98 ? 284 PHE A O   1 
ATOM   652  C CB  . PHE A 1 81  ? 4.832   9.278   -8.090  1.00 10.29 ? 284 PHE A CB  1 
ATOM   653  C CG  . PHE A 1 81  ? 3.979   10.461  -7.732  1.00 10.57 ? 284 PHE A CG  1 
ATOM   654  C CD1 . PHE A 1 81  ? 3.142   10.436  -6.624  1.00 10.74 ? 284 PHE A CD1 1 
ATOM   655  C CD2 . PHE A 1 81  ? 4.035   11.585  -8.533  1.00 11.39 ? 284 PHE A CD2 1 
ATOM   656  C CE1 . PHE A 1 81  ? 2.374   11.537  -6.302  1.00 13.30 ? 284 PHE A CE1 1 
ATOM   657  C CE2 . PHE A 1 81  ? 3.242   12.680  -8.228  1.00 13.17 ? 284 PHE A CE2 1 
ATOM   658  C CZ  . PHE A 1 81  ? 2.419   12.648  -7.125  1.00 12.27 ? 284 PHE A CZ  1 
ATOM   659  N N   . ALA A 1 82  ? 6.825   7.041   -6.738  1.00 8.62  ? 285 ALA A N   1 
ATOM   660  C CA  . ALA A 1 82  ? 7.074   5.631   -7.003  1.00 8.80  ? 285 ALA A CA  1 
ATOM   661  C C   . ALA A 1 82  ? 5.863   5.037   -7.696  1.00 8.50  ? 285 ALA A C   1 
ATOM   662  O O   . ALA A 1 82  ? 4.738   5.549   -7.565  1.00 8.92  ? 285 ALA A O   1 
ATOM   663  C CB  . ALA A 1 82  ? 7.371   4.888   -5.741  1.00 9.09  ? 285 ALA A CB  1 
ATOM   664  N N   . THR A 1 83  ? 6.069   3.978   -8.430  1.00 8.20  ? 286 THR A N   1 
ATOM   665  C CA  . THR A 1 83  ? 4.969   3.168   -8.969  1.00 8.87  ? 286 THR A CA  1 
ATOM   666  C C   . THR A 1 83  ? 4.936   1.882   -8.155  1.00 9.19  ? 286 THR A C   1 
ATOM   667  O O   . THR A 1 83  ? 5.946   1.139   -8.161  1.00 9.78  ? 286 THR A O   1 
ATOM   668  C CB  . THR A 1 83  ? 5.164   2.944   -10.461 1.00 10.12 ? 286 THR A CB  1 
ATOM   669  O OG1 . THR A 1 83  ? 5.169   4.205   -11.116 1.00 12.40 ? 286 THR A OG1 1 
ATOM   670  C CG2 . THR A 1 83  ? 4.049   2.099   -11.027 1.00 10.96 ? 286 THR A CG2 1 
ATOM   671  N N   . ILE A 1 84  ? 3.827   1.633   -7.484  1.00 8.38  ? 287 ILE A N   1 
ATOM   672  C CA  . ILE A 1 84  ? 3.662   0.437   -6.645  1.00 9.37  ? 287 ILE A CA  1 
ATOM   673  C C   . ILE A 1 84  ? 2.574   -0.440  -7.226  1.00 9.14  ? 287 ILE A C   1 
ATOM   674  O O   . ILE A 1 84  ? 1.460   0.058   -7.450  1.00 8.99  ? 287 ILE A O   1 
ATOM   675  C CB  . ILE A 1 84  ? 3.408   0.809   -5.185  1.00 10.99 ? 287 ILE A CB  1 
ATOM   676  C CG1 . ILE A 1 84  ? 4.603   1.631   -4.684  1.00 12.98 ? 287 ILE A CG1 1 
ATOM   677  C CG2 . ILE A 1 84  ? 3.146   -0.445  -4.381  1.00 12.60 ? 287 ILE A CG2 1 
ATOM   678  C CD1 . ILE A 1 84  ? 4.673   1.922   -3.252  1.00 14.32 ? 287 ILE A CD1 1 
ATOM   679  N N   . THR A 1 85  ? 2.865   -1.703  -7.406  1.00 9.13  ? 288 THR A N   1 
ATOM   680  C CA  . THR A 1 85  ? 1.885   -2.711  -7.802  1.00 9.61  ? 288 THR A CA  1 
ATOM   681  C C   . THR A 1 85  ? 1.667   -3.681  -6.663  1.00 8.70  ? 288 THR A C   1 
ATOM   682  O O   . THR A 1 85  ? 2.674   -4.226  -6.168  1.00 9.45  ? 288 THR A O   1 
ATOM   683  C CB  . THR A 1 85  ? 2.376   -3.436  -9.055  1.00 11.38 ? 288 THR A CB  1 
ATOM   684  O OG1 . THR A 1 85  ? 2.613   -2.477  -10.093 1.00 14.53 ? 288 THR A OG1 1 
ATOM   685  C CG2 . THR A 1 85  ? 1.426   -4.514  -9.530  1.00 13.14 ? 288 THR A CG2 1 
ATOM   686  N N   . LEU A 1 86  ? 0.431   -3.909  -6.279  1.00 9.18  ? 289 LEU A N   1 
ATOM   687  C CA  . LEU A 1 86  ? 0.057   -4.911  -5.280  1.00 9.98  ? 289 LEU A CA  1 
ATOM   688  C C   . LEU A 1 86  ? -0.737  -5.993  -5.983  1.00 10.72 ? 289 LEU A C   1 
ATOM   689  O O   . LEU A 1 86  ? -1.742  -5.649  -6.656  1.00 11.32 ? 289 LEU A O   1 
ATOM   690  C CB  . LEU A 1 86  ? -0.808  -4.307  -4.191  1.00 10.82 ? 289 LEU A CB  1 
ATOM   691  C CG  . LEU A 1 86  ? -0.204  -3.144  -3.399  1.00 11.94 ? 289 LEU A CG  1 
ATOM   692  C CD1 . LEU A 1 86  ? -1.178  -2.574  -2.406  1.00 12.88 ? 289 LEU A CD1 1 
ATOM   693  C CD2 . LEU A 1 86  ? 1.038   -3.599  -2.645  1.00 13.92 ? 289 LEU A CD2 1 
ATOM   694  N N   . THR A 1 87  ? -0.301  -7.214  -5.889  1.00 11.49 ? 290 THR A N   1 
ATOM   695  C CA  . THR A 1 87  ? -1.022  -8.349  -6.509  1.00 11.74 ? 290 THR A CA  1 
ATOM   696  C C   . THR A 1 87  ? -1.520  -9.264  -5.388  1.00 11.55 ? 290 THR A C   1 
ATOM   697  O O   . THR A 1 87  ? -0.723  -9.607  -4.493  1.00 12.34 ? 290 THR A O   1 
ATOM   698  C CB  . THR A 1 87  ? -0.108  -9.080  -7.495  1.00 13.18 ? 290 THR A CB  1 
ATOM   699  O OG1 . THR A 1 87  ? 0.408   -8.141  -8.460  1.00 16.41 ? 290 THR A OG1 1 
ATOM   700  C CG2 . THR A 1 87  ? -0.826  -10.230 -8.182  1.00 15.41 ? 290 THR A CG2 1 
ATOM   701  N N   . PHE A 1 88  ? -2.785  -9.614  -5.435  1.00 11.96 ? 291 PHE A N   1 
ATOM   702  C CA  . PHE A 1 88  ? -3.508  -10.416 -4.432  1.00 12.47 ? 291 PHE A CA  1 
ATOM   703  C C   . PHE A 1 88  ? -3.683  -11.825 -4.999  1.00 14.19 ? 291 PHE A C   1 
ATOM   704  O O   . PHE A 1 88  ? -4.298  -11.943 -6.043  1.00 18.34 ? 291 PHE A O   1 
ATOM   705  C CB  . PHE A 1 88  ? -4.844  -9.769  -4.105  1.00 12.09 ? 291 PHE A CB  1 
ATOM   706  C CG  . PHE A 1 88  ? -4.773  -8.367  -3.538  1.00 12.47 ? 291 PHE A CG  1 
ATOM   707  C CD1 . PHE A 1 88  ? -4.501  -7.280  -4.349  1.00 12.97 ? 291 PHE A CD1 1 
ATOM   708  C CD2 . PHE A 1 88  ? -4.941  -8.120  -2.194  1.00 13.37 ? 291 PHE A CD2 1 
ATOM   709  C CE1 . PHE A 1 88  ? -4.394  -6.005  -3.825  1.00 12.13 ? 291 PHE A CE1 1 
ATOM   710  C CE2 . PHE A 1 88  ? -4.902  -6.838  -1.683  1.00 12.96 ? 291 PHE A CE2 1 
ATOM   711  C CZ  . PHE A 1 88  ? -4.542  -5.796  -2.484  1.00 12.47 ? 291 PHE A CZ  1 
ATOM   712  N N   . ILE A 1 89  ? -3.089  -12.825 -4.375  1.00 15.08 ? 292 ILE A N   1 
ATOM   713  C CA  . ILE A 1 89  ? -3.183  -14.217 -4.902  1.00 17.86 ? 292 ILE A CA  1 
ATOM   714  C C   . ILE A 1 89  ? -3.864  -15.029 -3.817  1.00 16.05 ? 292 ILE A C   1 
ATOM   715  O O   . ILE A 1 89  ? -3.365  -15.000 -2.683  1.00 16.88 ? 292 ILE A O   1 
ATOM   716  C CB  . ILE A 1 89  ? -1.805  -14.807 -5.249  1.00 21.95 ? 292 ILE A CB  1 
ATOM   717  C CG1 . ILE A 1 89  ? -1.099  -14.032 -6.362  1.00 26.20 ? 292 ILE A CG1 1 
ATOM   718  C CG2 . ILE A 1 89  ? -1.970  -16.285 -5.593  1.00 23.86 ? 292 ILE A CG2 1 
ATOM   719  C CD1 . ILE A 1 89  ? -0.034  -13.125 -5.867  1.00 30.54 ? 292 ILE A CD1 1 
ATOM   720  N N   . ASP A 1 90  ? -4.922  -15.757 -4.163  1.00 17.34 ? 293 ASP A N   1 
ATOM   721  C CA  . ASP A 1 90  ? -5.557  -16.697 -3.211  1.00 18.97 ? 293 ASP A CA  1 
ATOM   722  C C   . ASP A 1 90  ? -4.694  -17.956 -3.076  1.00 20.19 ? 293 ASP A C   1 
ATOM   723  O O   . ASP A 1 90  ? -4.389  -18.581 -4.088  1.00 19.21 ? 293 ASP A O   1 
ATOM   724  C CB  . ASP A 1 90  ? -7.011  -16.992 -3.579  1.00 22.21 ? 293 ASP A CB  1 
ATOM   725  C CG  . ASP A 1 90  ? -7.729  -17.840 -2.542  1.00 27.23 ? 293 ASP A CG  1 
ATOM   726  O OD1 . ASP A 1 90  ? -7.221  -18.924 -2.249  1.00 30.66 ? 293 ASP A OD1 1 
ATOM   727  O OD2 . ASP A 1 90  ? -8.780  -17.396 -2.026  1.00 36.26 ? 293 ASP A OD2 1 
ATOM   728  N N   . LYS A 1 91  ? -4.262  -18.272 -1.860  1.00 21.13 ? 294 LYS A N   1 
ATOM   729  C CA  . LYS A 1 91  ? -3.564  -19.538 -1.532  1.00 26.99 ? 294 LYS A CA  1 
ATOM   730  C C   . LYS A 1 91  ? -4.427  -20.233 -0.475  1.00 27.38 ? 294 LYS A C   1 
ATOM   731  O O   . LYS A 1 91  ? -4.310  -19.926 0.734   1.00 26.72 ? 294 LYS A O   1 
ATOM   732  C CB  . LYS A 1 91  ? -2.119  -19.246 -1.117  1.00 31.83 ? 294 LYS A CB  1 
ATOM   733  C CG  . LYS A 1 91  ? -1.043  -19.637 -2.133  1.00 38.35 ? 294 LYS A CG  1 
ATOM   734  C CD  . LYS A 1 91  ? 0.366   -19.647 -1.540  1.00 40.70 ? 294 LYS A CD  1 
ATOM   735  C CE  . LYS A 1 91  ? 0.910   -18.243 -1.340  1.00 41.97 ? 294 LYS A CE  1 
ATOM   736  N NZ  . LYS A 1 91  ? 2.292   -18.222 -0.806  1.00 44.20 ? 294 LYS A NZ  1 
ATOM   737  N N   . ASN A 1 92  ? -5.370  -21.052 -0.917  1.00 29.13 ? 295 ASN A N   1 
ATOM   738  C CA  . ASN A 1 92  ? -6.143  -21.859 0.055   1.00 28.99 ? 295 ASN A CA  1 
ATOM   739  C C   . ASN A 1 92  ? -6.972  -20.918 0.939   1.00 25.45 ? 295 ASN A C   1 
ATOM   740  O O   . ASN A 1 92  ? -7.083  -21.197 2.133   1.00 28.37 ? 295 ASN A O   1 
ATOM   741  C CB  . ASN A 1 92  ? -5.177  -22.710 0.873   1.00 33.95 ? 295 ASN A CB  1 
ATOM   742  C CG  . ASN A 1 92  ? -4.563  -23.808 0.036   1.00 38.47 ? 295 ASN A CG  1 
ATOM   743  O OD1 . ASN A 1 92  ? -5.182  -24.279 -0.918  1.00 40.21 ? 295 ASN A OD1 1 
ATOM   744  N ND2 . ASN A 1 92  ? -3.360  -24.221 0.389   1.00 40.24 ? 295 ASN A ND2 1 
ATOM   745  N N   . GLY A 1 93  ? -7.553  -19.859 0.367   1.00 22.70 ? 296 GLY A N   1 
ATOM   746  C CA  . GLY A 1 93  ? -8.448  -18.924 1.076   1.00 21.14 ? 296 GLY A CA  1 
ATOM   747  C C   . GLY A 1 93  ? -7.690  -17.922 1.941   1.00 21.00 ? 296 GLY A C   1 
ATOM   748  O O   . GLY A 1 93  ? -8.348  -17.094 2.565   1.00 21.54 ? 296 GLY A O   1 
ATOM   749  N N   . GLU A 1 94  ? -6.367  -18.039 1.970   1.00 18.92 ? 297 GLU A N   1 
ATOM   750  C CA  . GLU A 1 94  ? -5.424  -17.030 2.510   1.00 17.57 ? 297 GLU A CA  1 
ATOM   751  C C   . GLU A 1 94  ? -4.907  -16.194 1.352   1.00 16.53 ? 297 GLU A C   1 
ATOM   752  O O   . GLU A 1 94  ? -5.176  -16.529 0.202   1.00 20.04 ? 297 GLU A O   1 
ATOM   753  C CB  . GLU A 1 94  ? -4.227  -17.659 3.179   1.00 16.53 ? 297 GLU A CB  1 
ATOM   754  C CG  . GLU A 1 94  ? -4.618  -18.556 4.348   1.00 19.86 ? 297 GLU A CG  1 
ATOM   755  C CD  . GLU A 1 94  ? -3.456  -19.323 4.926   1.00 20.73 ? 297 GLU A CD  1 
ATOM   756  O OE1 . GLU A 1 94  ? -2.304  -18.937 4.693   1.00 22.20 ? 297 GLU A OE1 1 
ATOM   757  O OE2 . GLU A 1 94  ? -3.716  -20.322 5.642   1.00 24.64 ? 297 GLU A OE2 1 
ATOM   758  N N   . THR A 1 95  ? -4.279  -15.071 1.653   1.00 14.11 ? 298 THR A N   1 
ATOM   759  C CA  . THR A 1 95  ? -3.870  -14.149 0.581   1.00 14.34 ? 298 THR A CA  1 
ATOM   760  C C   . THR A 1 95  ? -2.362  -13.993 0.623   1.00 13.58 ? 298 THR A C   1 
ATOM   761  O O   . THR A 1 95  ? -1.800  -13.593 1.649   1.00 13.74 ? 298 THR A O   1 
ATOM   762  C CB  . THR A 1 95  ? -4.574  -12.798 0.678   1.00 15.46 ? 298 THR A CB  1 
ATOM   763  O OG1 . THR A 1 95  ? -6.002  -12.925 0.638   1.00 18.25 ? 298 THR A OG1 1 
ATOM   764  C CG2 . THR A 1 95  ? -4.110  -11.914 -0.448  1.00 15.29 ? 298 THR A CG2 1 
ATOM   765  N N   . GLU A 1 96  ? -1.725  -14.262 -0.509  1.00 12.22 ? 299 GLU A N   1 
ATOM   766  C CA  . GLU A 1 96  ? -0.317  -13.892 -0.712  1.00 13.82 ? 299 GLU A CA  1 
ATOM   767  C C   . GLU A 1 96  ? -0.333  -12.536 -1.406  1.00 11.59 ? 299 GLU A C   1 
ATOM   768  O O   . GLU A 1 96  ? -0.898  -12.438 -2.496  1.00 14.18 ? 299 GLU A O   1 
ATOM   769  C CB  . GLU A 1 96  ? 0.427   -14.908 -1.571  1.00 18.07 ? 299 GLU A CB  1 
ATOM   770  C CG  . GLU A 1 96  ? 1.911   -14.621 -1.611  1.00 23.68 ? 299 GLU A CG  1 
ATOM   771  C CD  . GLU A 1 96  ? 2.807   -15.492 -2.491  1.00 32.51 ? 299 GLU A CD  1 
ATOM   772  O OE1 . GLU A 1 96  ? 2.349   -16.559 -2.945  1.00 44.89 ? 299 GLU A OE1 1 
ATOM   773  O OE2 . GLU A 1 96  ? 3.987   -15.097 -2.688  1.00 43.05 ? 299 GLU A OE2 1 
ATOM   774  N N   . LEU A 1 97  ? 0.196   -11.530 -0.743  1.00 10.50 ? 300 LEU A N   1 
ATOM   775  C CA  . LEU A 1 97  ? 0.279   -10.161 -1.306  1.00 10.76 ? 300 LEU A CA  1 
ATOM   776  C C   . LEU A 1 97  ? 1.711   -9.993  -1.811  1.00 11.96 ? 300 LEU A C   1 
ATOM   777  O O   . LEU A 1 97  ? 2.665   -10.100 -1.010  1.00 12.17 ? 300 LEU A O   1 
ATOM   778  C CB  . LEU A 1 97  ? -0.005  -9.155  -0.211  1.00 11.36 ? 300 LEU A CB  1 
ATOM   779  C CG  . LEU A 1 97  ? -0.063  -7.706  -0.664  1.00 12.37 ? 300 LEU A CG  1 
ATOM   780  C CD1 . LEU A 1 97  ? -1.196  -7.463  -1.621  1.00 13.06 ? 300 LEU A CD1 1 
ATOM   781  C CD2 . LEU A 1 97  ? -0.180  -6.820  0.537   1.00 14.19 ? 300 LEU A CD2 1 
ATOM   782  N N   . CYS A 1 98  ? 1.855   -9.690  -3.086  1.00 12.41 ? 301 CYS A N   1 
ATOM   783  C CA  . CYS A 1 98  ? 3.136   -9.308  -3.678  1.00 13.95 ? 301 CYS A CA  1 
ATOM   784  C C   . CYS A 1 98  ? 3.130   -7.790  -3.870  1.00 14.32 ? 301 CYS A C   1 
ATOM   785  O O   . CYS A 1 98  ? 2.182   -7.252  -4.489  1.00 13.72 ? 301 CYS A O   1 
ATOM   786  C CB  . CYS A 1 98  ? 3.301   -9.985  -5.020  1.00 16.68 ? 301 CYS A CB  1 
ATOM   787  S SG  . CYS A 1 98  ? 4.905   -9.541  -5.700  1.00 26.71 ? 301 CYS A SG  1 
ATOM   788  N N   . MET A 1 99  ? 4.079   -7.097  -3.300  1.00 13.35 ? 302 MET A N   1 
ATOM   789  C CA  . MET A 1 99  ? 4.241   -5.654  -3.514  1.00 11.96 ? 302 MET A CA  1 
ATOM   790  C C   . MET A 1 99  ? 5.516   -5.434  -4.311  1.00 12.67 ? 302 MET A C   1 
ATOM   791  O O   . MET A 1 99  ? 6.572   -5.906  -3.918  1.00 14.36 ? 302 MET A O   1 
ATOM   792  C CB  . MET A 1 99  ? 4.260   -4.945  -2.159  1.00 14.31 ? 302 MET A CB  1 
ATOM   793  C CG  . MET A 1 99  ? 4.556   -3.465  -2.208  1.00 13.86 ? 302 MET A CG  1 
ATOM   794  S SD  . MET A 1 99  ? 6.387   -3.129  -2.447  1.00 18.97 ? 302 MET A SD  1 
ATOM   795  C CE  . MET A 1 99  ? 6.358   -1.362  -2.230  1.00 18.08 ? 302 MET A CE  1 
ATOM   796  N N   . GLU A 1 100 ? 5.421   -4.727  -5.425  1.00 11.10 ? 303 GLU A N   1 
ATOM   797  C CA  . GLU A 1 100 ? 6.599   -4.358  -6.204  1.00 12.76 ? 303 GLU A CA  1 
ATOM   798  C C   . GLU A 1 100 ? 6.599   -2.854  -6.275  1.00 11.88 ? 303 GLU A C   1 
ATOM   799  O O   . GLU A 1 100 ? 5.556   -2.277  -6.706  1.00 13.27 ? 303 GLU A O   1 
ATOM   800  C CB  . GLU A 1 100 ? 6.487   -4.958  -7.595  1.00 16.68 ? 303 GLU A CB  1 
ATOM   801  C CG  . GLU A 1 100 ? 6.710   -6.469  -7.647  1.00 24.00 ? 303 GLU A CG  1 
ATOM   802  C CD  . GLU A 1 100 ? 7.081   -6.960  -9.043  1.00 33.35 ? 303 GLU A CD  1 
ATOM   803  O OE1 . GLU A 1 100 ? 7.890   -6.280  -9.724  1.00 42.05 ? 303 GLU A OE1 1 
ATOM   804  O OE2 . GLU A 1 100 ? 6.539   -8.002  -9.464  1.00 42.82 ? 303 GLU A OE2 1 
ATOM   805  N N   . GLY A 1 101 ? 7.640   -2.194  -5.832  1.00 10.90 ? 304 GLY A N   1 
ATOM   806  C CA  . GLY A 1 101 ? 7.774   -0.743  -5.927  1.00 10.38 ? 304 GLY A CA  1 
ATOM   807  C C   . GLY A 1 101 ? 8.933   -0.337  -6.806  1.00 11.39 ? 304 GLY A C   1 
ATOM   808  O O   . GLY A 1 101 ? 10.042  -0.858  -6.614  1.00 12.26 ? 304 GLY A O   1 
ATOM   809  N N   . ARG A 1 102 ? 8.717   0.508   -7.786  1.00 9.71  ? 305 ARG A N   1 
ATOM   810  C CA  . ARG A 1 102 ? 9.744   1.025   -8.677  1.00 12.17 ? 305 ARG A CA  1 
ATOM   811  C C   . ARG A 1 102 ? 9.841   2.522   -8.454  1.00 9.19  ? 305 ARG A C   1 
ATOM   812  O O   . ARG A 1 102 ? 8.824   3.148   -8.133  1.00 10.15 ? 305 ARG A O   1 
ATOM   813  C CB  . ARG A 1 102 ? 9.335   0.756   -10.128 1.00 16.77 ? 305 ARG A CB  1 
ATOM   814  C CG  . ARG A 1 102 ? 9.559   -0.665  -10.641 1.00 23.78 ? 305 ARG A CG  1 
ATOM   815  C CD  . ARG A 1 102 ? 9.535   -0.696  -12.172 1.00 32.11 ? 305 ARG A CD  1 
ATOM   816  N NE  . ARG A 1 102 ? 8.332   -0.023  -12.662 1.00 36.95 ? 305 ARG A NE  1 
ATOM   817  C CZ  . ARG A 1 102 ? 8.268   0.807   -13.709 1.00 43.54 ? 305 ARG A CZ  1 
ATOM   818  N NH1 . ARG A 1 102 ? 9.332   1.032   -14.471 1.00 46.03 ? 305 ARG A NH1 1 
ATOM   819  N NH2 . ARG A 1 102 ? 7.113   1.390   -14.005 1.00 46.16 ? 305 ARG A NH2 1 
ATOM   820  N N   . GLY A 1 103 ? 10.964  3.122   -8.748  1.00 9.12  ? 306 GLY A N   1 
ATOM   821  C CA  . GLY A 1 103 ? 11.072  4.585   -8.695  1.00 8.40  ? 306 GLY A CA  1 
ATOM   822  C C   . GLY A 1 103 ? 11.137  5.124   -7.275  1.00 9.35  ? 306 GLY A C   1 
ATOM   823  O O   . GLY A 1 103 ? 10.857  6.305   -7.058  1.00 11.54 ? 306 GLY A O   1 
ATOM   824  N N   . ILE A 1 104 ? 11.570  4.319   -6.340  1.00 9.20  ? 307 ILE A N   1 
ATOM   825  C CA  . ILE A 1 104 ? 11.749  4.774   -4.942  1.00 10.15 ? 307 ILE A CA  1 
ATOM   826  C C   . ILE A 1 104 ? 13.089  5.487   -4.864  1.00 9.93  ? 307 ILE A C   1 
ATOM   827  O O   . ILE A 1 104 ? 14.100  4.918   -5.289  1.00 10.25 ? 307 ILE A O   1 
ATOM   828  C CB  . ILE A 1 104 ? 11.690  3.589   -3.987  1.00 10.61 ? 307 ILE A CB  1 
ATOM   829  C CG1 . ILE A 1 104 ? 10.303  2.924   -3.988  1.00 11.57 ? 307 ILE A CG1 1 
ATOM   830  C CG2 . ILE A 1 104 ? 12.106  4.029   -2.610  1.00 10.50 ? 307 ILE A CG2 1 
ATOM   831  C CD1 . ILE A 1 104 ? 10.329  1.497   -3.585  1.00 15.67 ? 307 ILE A CD1 1 
ATOM   832  N N   . PRO A 1 105 ? 13.155  6.714   -4.340  1.00 9.40  ? 308 PRO A N   1 
ATOM   833  C CA  . PRO A 1 105 ? 14.451  7.379   -4.247  1.00 10.30 ? 308 PRO A CA  1 
ATOM   834  C C   . PRO A 1 105 ? 15.388  6.434   -3.501  1.00 11.51 ? 308 PRO A C   1 
ATOM   835  O O   . PRO A 1 105 ? 15.056  5.958   -2.425  1.00 11.86 ? 308 PRO A O   1 
ATOM   836  C CB  . PRO A 1 105 ? 14.120  8.652   -3.499  1.00 10.56 ? 308 PRO A CB  1 
ATOM   837  C CG  . PRO A 1 105 ? 12.690  8.963   -3.807  1.00 10.24 ? 308 PRO A CG  1 
ATOM   838  C CD  . PRO A 1 105 ? 12.061  7.579   -3.874  1.00 10.01 ? 308 PRO A CD  1 
ATOM   839  N N   . ALA A 1 106 ? 16.610  6.301   -4.010  1.00 12.88 ? 309 ALA A N   1 
ATOM   840  C CA  . ALA A 1 106 ? 17.546  5.315   -3.454  1.00 15.17 ? 309 ALA A CA  1 
ATOM   841  C C   . ALA A 1 106 ? 17.842  5.594   -1.984  1.00 15.79 ? 309 ALA A C   1 
ATOM   842  O O   . ALA A 1 106 ? 17.899  4.623   -1.213  1.00 17.24 ? 309 ALA A O   1 
ATOM   843  C CB  . ALA A 1 106 ? 18.772  5.232   -4.313  1.00 17.34 ? 309 ALA A CB  1 
ATOM   844  N N   . PRO A 1 107 ? 18.000  6.856   -1.526  1.00 16.00 ? 310 PRO A N   1 
ATOM   845  C CA  . PRO A 1 107 ? 18.287  7.139   -0.122  1.00 18.74 ? 310 PRO A CA  1 
ATOM   846  C C   . PRO A 1 107 ? 17.129  6.679   0.772   1.00 20.26 ? 310 PRO A C   1 
ATOM   847  O O   . PRO A 1 107 ? 17.309  6.407   1.986   1.00 21.48 ? 310 PRO A O   1 
ATOM   848  C CB  . PRO A 1 107 ? 18.491  8.649   -0.022  1.00 19.63 ? 310 PRO A CB  1 
ATOM   849  C CG  . PRO A 1 107 ? 18.809  9.081   -1.458  1.00 20.99 ? 310 PRO A CG  1 
ATOM   850  C CD  . PRO A 1 107 ? 18.033  8.099   -2.323  1.00 18.42 ? 310 PRO A CD  1 
ATOM   851  N N   . GLU A 1 108 ? 15.935  6.600   0.161   1.00 15.87 ? 311 GLU A N   1 
ATOM   852  C CA  . GLU A 1 108 ? 14.678  6.302   0.888   1.00 16.28 ? 311 GLU A CA  1 
ATOM   853  C C   . GLU A 1 108 ? 14.354  4.808   0.859   1.00 14.80 ? 311 GLU A C   1 
ATOM   854  O O   . GLU A 1 108 ? 13.251  4.467   1.358   1.00 14.10 ? 311 GLU A O   1 
ATOM   855  C CB  . GLU A 1 108 ? 13.537  7.130   0.298   1.00 16.20 ? 311 GLU A CB  1 
ATOM   856  C CG  . GLU A 1 108 ? 13.810  8.630   0.374   1.00 19.90 ? 311 GLU A CG  1 
ATOM   857  C CD  . GLU A 1 108 ? 13.266  9.376   1.578   1.00 20.21 ? 311 GLU A CD  1 
ATOM   858  O OE1 . GLU A 1 108 ? 12.388  8.851   2.254   1.00 21.45 ? 311 GLU A OE1 1 
ATOM   859  O OE2 . GLU A 1 108 ? 13.561  10.575  1.687   1.00 28.28 ? 311 GLU A OE2 1 
ATOM   860  N N   . GLU A 1 109 ? 15.238  3.926   0.411   1.00 14.61 ? 312 GLU A N   1 
ATOM   861  C CA  . GLU A 1 109 ? 14.925  2.500   0.254   1.00 15.84 ? 312 GLU A CA  1 
ATOM   862  C C   . GLU A 1 109 ? 14.529  1.920   1.606   1.00 17.57 ? 312 GLU A C   1 
ATOM   863  O O   . GLU A 1 109 ? 13.493  1.242   1.722   1.00 15.21 ? 312 GLU A O   1 
ATOM   864  C CB  . GLU A 1 109 ? 16.086  1.700   -0.313  1.00 16.86 ? 312 GLU A CB  1 
ATOM   865  C CG  . GLU A 1 109 ? 15.682  0.274   -0.552  1.00 19.27 ? 312 GLU A CG  1 
ATOM   866  C CD  . GLU A 1 109 ? 16.753  -0.639  -1.093  1.00 24.24 ? 312 GLU A CD  1 
ATOM   867  O OE1 . GLU A 1 109 ? 17.779  -0.119  -1.580  1.00 28.26 ? 312 GLU A OE1 1 
ATOM   868  O OE2 . GLU A 1 109 ? 16.545  -1.858  -1.027  1.00 29.33 ? 312 GLU A OE2 1 
ATOM   869  N N   . GLU A 1 110 ? 15.344  2.106   2.636   1.00 16.95 ? 313 GLU A N   1 
ATOM   870  C CA  . GLU A 1 110 ? 15.048  1.389   3.901   1.00 18.46 ? 313 GLU A CA  1 
ATOM   871  C C   . GLU A 1 110 ? 13.829  1.990   4.577   1.00 15.61 ? 313 GLU A C   1 
ATOM   872  O O   . GLU A 1 110 ? 13.029  1.221   5.087   1.00 14.02 ? 313 GLU A O   1 
ATOM   873  C CB  . GLU A 1 110 ? 16.269  1.399   4.817   1.00 22.01 ? 313 GLU A CB  1 
ATOM   874  C CG  . GLU A 1 110 ? 17.268  0.338   4.423   1.00 30.27 ? 313 GLU A CG  1 
ATOM   875  C CD  . GLU A 1 110 ? 16.652  -1.052  4.364   1.00 35.26 ? 313 GLU A CD  1 
ATOM   876  O OE1 . GLU A 1 110 ? 16.738  -1.680  3.283   1.00 39.14 ? 313 GLU A OE1 1 
ATOM   877  O OE2 . GLU A 1 110 ? 16.009  -1.460  5.376   1.00 39.55 ? 313 GLU A OE2 1 
ATOM   878  N N   . ARG A 1 111 ? 13.633  3.298   4.529   1.00 14.65 ? 314 ARG A N   1 
ATOM   879  C CA  . ARG A 1 111 ? 12.444  3.955   5.099   1.00 14.33 ? 314 ARG A CA  1 
ATOM   880  C C   . ARG A 1 111 ? 11.207  3.379   4.406   1.00 13.89 ? 314 ARG A C   1 
ATOM   881  O O   . ARG A 1 111 ? 10.161  3.109   5.059   1.00 14.31 ? 314 ARG A O   1 
ATOM   882  C CB  . ARG A 1 111 ? 12.516  5.473   4.943   1.00 16.68 ? 314 ARG A CB  1 
ATOM   883  C CG  . ARG A 1 111 ? 11.270  6.172   5.451   1.00 17.19 ? 314 ARG A CG  1 
ATOM   884  C CD  . ARG A 1 111 ? 11.114  7.551   4.909   1.00 18.81 ? 314 ARG A CD  1 
ATOM   885  N NE  . ARG A 1 111 ? 10.032  8.313   5.488   1.00 21.31 ? 314 ARG A NE  1 
ATOM   886  C CZ  . ARG A 1 111 ? 9.683   9.498   5.036   1.00 19.57 ? 314 ARG A CZ  1 
ATOM   887  N NH1 . ARG A 1 111 ? 10.334  10.009  4.005   1.00 19.63 ? 314 ARG A NH1 1 
ATOM   888  N NH2 . ARG A 1 111 ? 8.701   10.148  5.600   1.00 21.59 ? 314 ARG A NH2 1 
ATOM   889  N N   . THR A 1 112 ? 11.309  3.174   3.104   1.00 13.30 ? 315 THR A N   1 
ATOM   890  C CA  . THR A 1 112 ? 10.115  2.745   2.334   1.00 12.97 ? 315 THR A CA  1 
ATOM   891  C C   . THR A 1 112 ? 9.887   1.267   2.606   1.00 13.52 ? 315 THR A C   1 
ATOM   892  O O   . THR A 1 112 ? 8.699   0.849   2.841   1.00 12.54 ? 315 THR A O   1 
ATOM   893  C CB  . THR A 1 112 ? 10.297  3.065   0.850   1.00 12.76 ? 315 THR A CB  1 
ATOM   894  O OG1 . THR A 1 112 ? 10.519  4.466   0.724   1.00 12.44 ? 315 THR A OG1 1 
ATOM   895  C CG2 . THR A 1 112 ? 9.085   2.651   0.046   1.00 13.27 ? 315 THR A CG2 1 
ATOM   896  N N   . ARG A 1 113 ? 10.928  0.460   2.663   1.00 13.83 ? 316 ARG A N   1 
ATOM   897  C CA  . ARG A 1 113 ? 10.755  -0.970  2.971   1.00 15.76 ? 316 ARG A CA  1 
ATOM   898  C C   . ARG A 1 113 ? 10.149  -1.109  4.368   1.00 16.08 ? 316 ARG A C   1 
ATOM   899  O O   . ARG A 1 113 ? 9.169   -1.912  4.516   1.00 14.21 ? 316 ARG A O   1 
ATOM   900  C CB  . ARG A 1 113 ? 12.094  -1.701  2.998   1.00 19.03 ? 316 ARG A CB  1 
ATOM   901  C CG  . ARG A 1 113 ? 12.717  -2.027  1.665   1.00 20.82 ? 316 ARG A CG  1 
ATOM   902  C CD  . ARG A 1 113 ? 14.049  -2.788  1.899   1.00 24.32 ? 316 ARG A CD  1 
ATOM   903  N NE  . ARG A 1 113 ? 14.621  -3.155  0.620   1.00 28.40 ? 316 ARG A NE  1 
ATOM   904  C CZ  . ARG A 1 113 ? 14.309  -4.238  -0.070  1.00 32.30 ? 316 ARG A CZ  1 
ATOM   905  N NH1 . ARG A 1 113 ? 13.408  -5.104  0.384   1.00 31.46 ? 316 ARG A NH1 1 
ATOM   906  N NH2 . ARG A 1 113 ? 14.907  -4.446  -1.231  1.00 35.29 ? 316 ARG A NH2 1 
ATOM   907  N N   . GLN A 1 114 ? 10.745  -0.434  5.354   1.00 16.38 ? 317 GLN A N   1 
ATOM   908  C CA  . GLN A 1 114 ? 10.286  -0.549  6.767   1.00 21.30 ? 317 GLN A CA  1 
ATOM   909  C C   . GLN A 1 114 ? 8.891   0.045   6.878   1.00 19.38 ? 317 GLN A C   1 
ATOM   910  O O   . GLN A 1 114 ? 8.078   -0.513  7.678   1.00 23.60 ? 317 GLN A O   1 
ATOM   911  C CB  . GLN A 1 114 ? 11.257  0.142   7.729   1.00 22.94 ? 317 GLN A CB  1 
ATOM   912  C CG  . GLN A 1 114 ? 12.576  -0.588  7.801   1.00 28.84 ? 317 GLN A CG  1 
ATOM   913  C CD  . GLN A 1 114 ? 13.524  0.004   8.815   1.00 33.91 ? 317 GLN A CD  1 
ATOM   914  O OE1 . GLN A 1 114 ? 13.610  1.220   8.980   1.00 43.77 ? 317 GLN A OE1 1 
ATOM   915  N NE2 . GLN A 1 114 ? 14.273  -0.861  9.472   1.00 41.86 ? 317 GLN A NE2 1 
ATOM   916  N N   . GLY A 1 115 ? 8.589   1.128   6.158   1.00 16.94 ? 318 GLY A N   1 
ATOM   917  C CA  . GLY A 1 115 ? 7.261   1.765   6.168   1.00 17.85 ? 318 GLY A CA  1 
ATOM   918  C C   . GLY A 1 115 ? 6.211   0.773   5.698   1.00 16.60 ? 318 GLY A C   1 
ATOM   919  O O   . GLY A 1 115 ? 5.174   0.589   6.389   1.00 16.43 ? 318 GLY A O   1 
ATOM   920  N N   . TRP A 1 116 ? 6.473   0.062   4.598   1.00 14.45 ? 319 TRP A N   1 
ATOM   921  C CA  . TRP A 1 116 ? 5.544   -0.942  4.034   1.00 13.34 ? 319 TRP A CA  1 
ATOM   922  C C   . TRP A 1 116 ? 5.410   -2.120  4.999   1.00 15.63 ? 319 TRP A C   1 
ATOM   923  O O   . TRP A 1 116 ? 4.281   -2.556  5.324   1.00 14.75 ? 319 TRP A O   1 
ATOM   924  C CB  . TRP A 1 116 ? 5.959   -1.373  2.628   1.00 13.45 ? 319 TRP A CB  1 
ATOM   925  C CG  . TRP A 1 116 ? 5.396   -0.439  1.636   1.00 14.22 ? 319 TRP A CG  1 
ATOM   926  C CD1 . TRP A 1 116 ? 5.862   0.792   1.278   1.00 14.29 ? 319 TRP A CD1 1 
ATOM   927  C CD2 . TRP A 1 116 ? 4.111   -0.592  1.026   1.00 13.46 ? 319 TRP A CD2 1 
ATOM   928  N NE1 . TRP A 1 116 ? 4.968   1.403   0.432   1.00 14.75 ? 319 TRP A NE1 1 
ATOM   929  C CE2 . TRP A 1 116 ? 3.866   0.588   0.295   1.00 13.58 ? 319 TRP A CE2 1 
ATOM   930  C CE3 . TRP A 1 116 ? 3.143   -1.601  1.080   1.00 13.95 ? 319 TRP A CE3 1 
ATOM   931  C CZ2 . TRP A 1 116 ? 2.706   0.760   -0.434  1.00 13.91 ? 319 TRP A CZ2 1 
ATOM   932  C CZ3 . TRP A 1 116 ? 1.993   -1.413  0.344   1.00 14.23 ? 319 TRP A CZ3 1 
ATOM   933  C CH2 . TRP A 1 116 ? 1.763   -0.248  -0.348  1.00 14.17 ? 319 TRP A CH2 1 
ATOM   934  N N   . GLN A 1 117 ? 6.511   -2.648  5.470   1.00 15.32 ? 320 GLN A N   1 
ATOM   935  C CA  . GLN A 1 117 ? 6.468   -3.815  6.370   1.00 18.61 ? 320 GLN A CA  1 
ATOM   936  C C   . GLN A 1 117 ? 5.737   -3.444  7.653   1.00 19.33 ? 320 GLN A C   1 
ATOM   937  O O   . GLN A 1 117 ? 4.946   -4.284  8.141   1.00 19.37 ? 320 GLN A O   1 
ATOM   938  C CB  . GLN A 1 117 ? 7.891   -4.291  6.671   1.00 21.14 ? 320 GLN A CB  1 
ATOM   939  C CG  . GLN A 1 117 ? 7.951   -5.657  7.342   1.00 28.15 ? 320 GLN A CG  1 
ATOM   940  C CD  . GLN A 1 117 ? 7.589   -6.757  6.371   1.00 31.89 ? 320 GLN A CD  1 
ATOM   941  O OE1 . GLN A 1 117 ? 8.160   -6.859  5.282   1.00 37.03 ? 320 GLN A OE1 1 
ATOM   942  N NE2 . GLN A 1 117 ? 6.639   -7.599  6.766   1.00 34.01 ? 320 GLN A NE2 1 
ATOM   943  N N   . ARG A 1 118 ? 6.009   -2.303  8.263   1.00 17.28 ? 321 ARG A N   1 
ATOM   944  C CA  . ARG A 1 118 ? 5.499   -2.003  9.622   1.00 21.09 ? 321 ARG A CA  1 
ATOM   945  C C   . ARG A 1 118 ? 4.131   -1.324  9.501   1.00 19.27 ? 321 ARG A C   1 
ATOM   946  O O   . ARG A 1 118 ? 3.149   -1.798  10.135  1.00 20.16 ? 321 ARG A O   1 
ATOM   947  C CB  . ARG A 1 118 ? 6.474   -1.102  10.394  1.00 24.93 ? 321 ARG A CB  1 
ATOM   948  C CG  . ARG A 1 118 ? 6.031   -0.840  11.822  1.00 33.83 ? 321 ARG A CG  1 
ATOM   949  C CD  . ARG A 1 118 ? 6.856   0.227   12.515  1.00 37.74 ? 321 ARG A CD  1 
ATOM   950  N NE  . ARG A 1 118 ? 8.094   -0.344  13.030  1.00 42.46 ? 321 ARG A NE  1 
ATOM   951  C CZ  . ARG A 1 118 ? 8.619   -0.119  14.234  1.00 43.02 ? 321 ARG A CZ  1 
ATOM   952  N NH1 . ARG A 1 118 ? 8.027   0.690   15.101  1.00 47.33 ? 321 ARG A NH1 1 
ATOM   953  N NH2 . ARG A 1 118 ? 9.754   -0.709  14.565  1.00 46.65 ? 321 ARG A NH2 1 
ATOM   954  N N   . TYR A 1 119 ? 3.966   -0.294  8.683   1.00 17.34 ? 322 TYR A N   1 
ATOM   955  C CA  . TYR A 1 119 ? 2.745   0.524   8.706   1.00 17.99 ? 322 TYR A CA  1 
ATOM   956  C C   . TYR A 1 119 ? 1.642   -0.054  7.826   1.00 17.27 ? 322 TYR A C   1 
ATOM   957  O O   . TYR A 1 119 ? 0.427   0.166   8.173   1.00 18.17 ? 322 TYR A O   1 
ATOM   958  C CB  . TYR A 1 119 ? 3.059   1.983   8.423   1.00 20.84 ? 322 TYR A CB  1 
ATOM   959  C CG  . TYR A 1 119 ? 3.929   2.555   9.506   1.00 25.50 ? 322 TYR A CG  1 
ATOM   960  C CD1 . TYR A 1 119 ? 3.443   2.813   10.783  1.00 28.82 ? 322 TYR A CD1 1 
ATOM   961  C CD2 . TYR A 1 119 ? 5.278   2.757   9.277   1.00 25.47 ? 322 TYR A CD2 1 
ATOM   962  C CE1 . TYR A 1 119 ? 4.276   3.307   11.781  1.00 28.87 ? 322 TYR A CE1 1 
ATOM   963  C CE2 . TYR A 1 119 ? 6.114   3.266   10.254  1.00 28.23 ? 322 TYR A CE2 1 
ATOM   964  C CZ  . TYR A 1 119 ? 5.614   3.543   11.511  1.00 31.28 ? 322 TYR A CZ  1 
ATOM   965  O OH  . TYR A 1 119 ? 6.464   4.035   12.468  1.00 38.33 ? 322 TYR A OH  1 
ATOM   966  N N   . TYR A 1 120 ? 1.974   -0.769  6.762   1.00 12.68 ? 323 TYR A N   1 
ATOM   967  C CA  . TYR A 1 120 ? 0.960   -1.501  5.983   1.00 13.01 ? 323 TYR A CA  1 
ATOM   968  C C   . TYR A 1 120 ? 0.819   -2.912  6.544   1.00 13.21 ? 323 TYR A C   1 
ATOM   969  O O   . TYR A 1 120 ? -0.249  -3.225  7.079   1.00 12.51 ? 323 TYR A O   1 
ATOM   970  C CB  . TYR A 1 120 ? 1.237   -1.494  4.480   1.00 12.10 ? 323 TYR A CB  1 
ATOM   971  C CG  . TYR A 1 120 ? 0.871   -0.236  3.724   1.00 11.82 ? 323 TYR A CG  1 
ATOM   972  C CD1 . TYR A 1 120 ? -0.415  0.067   3.342   1.00 11.58 ? 323 TYR A CD1 1 
ATOM   973  C CD2 . TYR A 1 120 ? 1.876   0.635   3.344   1.00 12.18 ? 323 TYR A CD2 1 
ATOM   974  C CE1 . TYR A 1 120 ? -0.701  1.168   2.560   1.00 12.47 ? 323 TYR A CE1 1 
ATOM   975  C CE2 . TYR A 1 120 ? 1.619   1.758   2.583   1.00 12.15 ? 323 TYR A CE2 1 
ATOM   976  C CZ  . TYR A 1 120 ? 0.328   2.052   2.205   1.00 11.29 ? 323 TYR A CZ  1 
ATOM   977  O OH  . TYR A 1 120 ? 0.046   3.138   1.427   1.00 12.77 ? 323 TYR A OH  1 
ATOM   978  N N   . PHE A 1 121 ? 1.826   -3.767  6.411   1.00 12.48 ? 324 PHE A N   1 
ATOM   979  C CA  . PHE A 1 121 ? 1.635   -5.226  6.612   1.00 12.21 ? 324 PHE A CA  1 
ATOM   980  C C   . PHE A 1 121 ? 1.387   -5.514  8.087   1.00 12.41 ? 324 PHE A C   1 
ATOM   981  O O   . PHE A 1 121 ? 0.337   -6.125  8.392   1.00 10.71 ? 324 PHE A O   1 
ATOM   982  C CB  . PHE A 1 121 ? 2.843   -6.001  6.088   1.00 13.02 ? 324 PHE A CB  1 
ATOM   983  C CG  . PHE A 1 121 ? 3.072   -5.896  4.603   1.00 15.12 ? 324 PHE A CG  1 
ATOM   984  C CD1 . PHE A 1 121 ? 2.150   -5.322  3.757   1.00 16.03 ? 324 PHE A CD1 1 
ATOM   985  C CD2 . PHE A 1 121 ? 4.291   -6.303  4.097   1.00 18.91 ? 324 PHE A CD2 1 
ATOM   986  C CE1 . PHE A 1 121 ? 2.419   -5.171  2.400   1.00 17.19 ? 324 PHE A CE1 1 
ATOM   987  C CE2 . PHE A 1 121 ? 4.542   -6.213  2.733   1.00 19.57 ? 324 PHE A CE2 1 
ATOM   988  C CZ  . PHE A 1 121 ? 3.603   -5.664  1.902   1.00 17.86 ? 324 PHE A CZ  1 
ATOM   989  N N   . GLU A 1 122 ? 2.275   -5.073  8.992   1.00 13.46 ? 325 GLU A N   1 
ATOM   990  C CA  . GLU A 1 122 ? 2.079   -5.360  10.437  1.00 14.21 ? 325 GLU A CA  1 
ATOM   991  C C   . GLU A 1 122 ? 0.854   -4.595  10.923  1.00 13.37 ? 325 GLU A C   1 
ATOM   992  O O   . GLU A 1 122 ? 0.083   -5.129  11.679  1.00 12.84 ? 325 GLU A O   1 
ATOM   993  C CB  . GLU A 1 122 ? 3.316   -5.002  11.265  1.00 17.71 ? 325 GLU A CB  1 
ATOM   994  C CG  . GLU A 1 122 ? 4.485   -5.918  10.990  1.00 22.31 ? 325 GLU A CG  1 
ATOM   995  C CD  . GLU A 1 122 ? 5.799   -5.568  11.686  1.00 28.58 ? 325 GLU A CD  1 
ATOM   996  O OE1 . GLU A 1 122 ? 6.794   -6.275  11.424  1.00 35.05 ? 325 GLU A OE1 1 
ATOM   997  O OE2 . GLU A 1 122 ? 5.823   -4.587  12.461  1.00 29.76 ? 325 GLU A OE2 1 
ATOM   998  N N   . GLY A 1 123 ? 0.645   -3.371  10.462  1.00 11.93 ? 326 GLY A N   1 
ATOM   999  C CA  . GLY A 1 123 ? -0.488  -2.560  10.873  1.00 11.68 ? 326 GLY A CA  1 
ATOM   1000 C C   . GLY A 1 123 ? -1.798  -3.238  10.516  1.00 11.50 ? 326 GLY A C   1 
ATOM   1001 O O   . GLY A 1 123 ? -2.748  -3.326  11.322  1.00 11.64 ? 326 GLY A O   1 
ATOM   1002 N N   . ILE A 1 124 ? -1.911  -3.681  9.266   1.00 10.29 ? 327 ILE A N   1 
ATOM   1003 C CA  . ILE A 1 124 ? -3.127  -4.399  8.825   1.00 9.81  ? 327 ILE A CA  1 
ATOM   1004 C C   . ILE A 1 124 ? -3.314  -5.662  9.638   1.00 10.77 ? 327 ILE A C   1 
ATOM   1005 O O   . ILE A 1 124 ? -4.425  -5.926  10.109  1.00 9.18  ? 327 ILE A O   1 
ATOM   1006 C CB  . ILE A 1 124 ? -3.068  -4.682  7.308   1.00 9.54  ? 327 ILE A CB  1 
ATOM   1007 C CG1 . ILE A 1 124 ? -3.294  -3.403  6.500   1.00 9.17  ? 327 ILE A CG1 1 
ATOM   1008 C CG2 . ILE A 1 124 ? -4.060  -5.772  6.935   1.00 9.28  ? 327 ILE A CG2 1 
ATOM   1009 C CD1 . ILE A 1 124 ? -2.968  -3.545  5.023   1.00 10.33 ? 327 ILE A CD1 1 
ATOM   1010 N N   . LYS A 1 125 ? -2.280  -6.463  9.801   1.00 11.27 ? 328 LYS A N   1 
ATOM   1011 C CA  . LYS A 1 125 ? -2.434  -7.763  10.508  1.00 10.81 ? 328 LYS A CA  1 
ATOM   1012 C C   . LYS A 1 125 ? -2.880  -7.498  11.947  1.00 10.76 ? 328 LYS A C   1 
ATOM   1013 O O   . LYS A 1 125 ? -3.742  -8.239  12.456  1.00 11.90 ? 328 LYS A O   1 
ATOM   1014 C CB  . LYS A 1 125 ? -1.143  -8.573  10.454  1.00 10.61 ? 328 LYS A CB  1 
ATOM   1015 C CG  . LYS A 1 125 ? -0.912  -9.239  9.144   1.00 11.10 ? 328 LYS A CG  1 
ATOM   1016 C CD  . LYS A 1 125 ? 0.384   -9.999  9.091   1.00 11.88 ? 328 LYS A CD  1 
ATOM   1017 C CE  . LYS A 1 125 ? 0.467   -10.796 7.820   1.00 13.90 ? 328 LYS A CE  1 
ATOM   1018 N NZ  . LYS A 1 125 ? 1.696   -11.637 7.788   1.00 16.17 ? 328 LYS A NZ  1 
ATOM   1019 N N   . GLN A 1 126 ? -2.316  -6.508  12.613  1.00 10.83 ? 329 GLN A N   1 
ATOM   1020 C CA  . GLN A 1 126 ? -2.599  -6.242  14.056  1.00 12.76 ? 329 GLN A CA  1 
ATOM   1021 C C   . GLN A 1 126 ? -3.976  -5.613  14.195  1.00 12.23 ? 329 GLN A C   1 
ATOM   1022 O O   . GLN A 1 126 ? -4.674  -5.930  15.161  1.00 15.39 ? 329 GLN A O   1 
ATOM   1023 C CB  . GLN A 1 126 ? -1.523  -5.350  14.647  1.00 16.43 ? 329 GLN A CB  1 
ATOM   1024 C CG  . GLN A 1 126 ? -0.189  -6.081  14.730  1.00 21.60 ? 329 GLN A CG  1 
ATOM   1025 C CD  . GLN A 1 126 ? -0.007  -6.938  15.956  1.00 29.51 ? 329 GLN A CD  1 
ATOM   1026 O OE1 . GLN A 1 126 ? -0.909  -7.108  16.785  1.00 34.00 ? 329 GLN A OE1 1 
ATOM   1027 N NE2 . GLN A 1 126 ? 1.208   -7.447  16.110  1.00 33.37 ? 329 GLN A NE2 1 
ATOM   1028 N N   . THR A 1 127 ? -4.383  -4.738  13.276  1.00 11.25 ? 330 THR A N   1 
ATOM   1029 C CA  . THR A 1 127 ? -5.701  -4.070  13.358  1.00 11.46 ? 330 THR A CA  1 
ATOM   1030 C C   . THR A 1 127 ? -6.831  -5.068  13.124  1.00 11.74 ? 330 THR A C   1 
ATOM   1031 O O   . THR A 1 127 ? -7.815  -5.050  13.878  1.00 12.33 ? 330 THR A O   1 
ATOM   1032 C CB  . THR A 1 127 ? -5.811  -2.876  12.401  1.00 11.95 ? 330 THR A CB  1 
ATOM   1033 O OG1 . THR A 1 127 ? -4.793  -1.934  12.762  1.00 12.91 ? 330 THR A OG1 1 
ATOM   1034 C CG2 . THR A 1 127 ? -7.197  -2.259  12.430  1.00 11.13 ? 330 THR A CG2 1 
ATOM   1035 N N   . PHE A 1 128 ? -6.691  -5.903  12.112  1.00 10.67 ? 331 PHE A N   1 
ATOM   1036 C CA  . PHE A 1 128 ? -7.788  -6.764  11.627  1.00 10.34 ? 331 PHE A CA  1 
ATOM   1037 C C   . PHE A 1 128 ? -7.702  -8.215  12.087  1.00 11.50 ? 331 PHE A C   1 
ATOM   1038 O O   . PHE A 1 128 ? -8.687  -8.938  11.903  1.00 13.32 ? 331 PHE A O   1 
ATOM   1039 C CB  . PHE A 1 128 ? -7.886  -6.659  10.110  1.00 10.64 ? 331 PHE A CB  1 
ATOM   1040 C CG  . PHE A 1 128 ? -8.247  -5.274  9.659   1.00 10.86 ? 331 PHE A CG  1 
ATOM   1041 C CD1 . PHE A 1 128 ? -9.540  -4.781  9.806   1.00 11.47 ? 331 PHE A CD1 1 
ATOM   1042 C CD2 . PHE A 1 128 ? -7.289  -4.455  9.081   1.00 10.85 ? 331 PHE A CD2 1 
ATOM   1043 C CE1 . PHE A 1 128 ? -9.835  -3.486  9.391   1.00 13.23 ? 331 PHE A CE1 1 
ATOM   1044 C CE2 . PHE A 1 128 ? -7.582  -3.147  8.705   1.00 11.40 ? 331 PHE A CE2 1 
ATOM   1045 C CZ  . PHE A 1 128 ? -8.850  -2.672  8.869   1.00 11.40 ? 331 PHE A CZ  1 
ATOM   1046 N N   . GLY A 1 129 ? -6.569  -8.607  12.663  1.00 11.36 ? 332 GLY A N   1 
ATOM   1047 C CA  . GLY A 1 129 ? -6.322  -9.998  13.101  1.00 10.96 ? 332 GLY A CA  1 
ATOM   1048 C C   . GLY A 1 129 ? -6.146  -10.940 11.933  1.00 11.09 ? 332 GLY A C   1 
ATOM   1049 O O   . GLY A 1 129 ? -6.784  -11.996 11.827  1.00 12.03 ? 332 GLY A O   1 
ATOM   1050 N N   . TYR A 1 130 ? -5.190  -10.623 11.061  1.00 10.57 ? 333 TYR A N   1 
ATOM   1051 C CA  . TYR A 1 130 ? -4.940  -11.455 9.848   1.00 11.05 ? 333 TYR A CA  1 
ATOM   1052 C C   . TYR A 1 130 ? -3.670  -12.299 9.985   1.00 12.23 ? 333 TYR A C   1 
ATOM   1053 O O   . TYR A 1 130 ? -3.040  -12.571 8.981   1.00 12.96 ? 333 TYR A O   1 
ATOM   1054 C CB  . TYR A 1 130 ? -4.869  -10.591 8.592   1.00 12.16 ? 333 TYR A CB  1 
ATOM   1055 C CG  . TYR A 1 130 ? -6.141  -9.899  8.176   1.00 12.32 ? 333 TYR A CG  1 
ATOM   1056 C CD1 . TYR A 1 130 ? -7.383  -10.319 8.614   1.00 11.94 ? 333 TYR A CD1 1 
ATOM   1057 C CD2 . TYR A 1 130 ? -6.090  -8.820  7.314   1.00 12.16 ? 333 TYR A CD2 1 
ATOM   1058 C CE1 . TYR A 1 130 ? -8.542  -9.677  8.214   1.00 12.35 ? 333 TYR A CE1 1 
ATOM   1059 C CE2 . TYR A 1 130 ? -7.238  -8.176  6.895   1.00 12.87 ? 333 TYR A CE2 1 
ATOM   1060 C CZ  . TYR A 1 130 ? -8.468  -8.608  7.343   1.00 11.76 ? 333 TYR A CZ  1 
ATOM   1061 O OH  . TYR A 1 130 ? -9.596  -7.969  6.936   1.00 15.70 ? 333 TYR A OH  1 
ATOM   1062 N N   . GLY A 1 131 ? -3.322  -12.643 11.208  1.00 13.38 ? 334 GLY A N   1 
ATOM   1063 C CA  . GLY A 1 131 ? -2.227  -13.585 11.463  1.00 13.86 ? 334 GLY A CA  1 
ATOM   1064 C C   . GLY A 1 131 ? -0.983  -12.879 11.907  1.00 16.60 ? 334 GLY A C   1 
ATOM   1065 O O   . GLY A 1 131 ? -0.923  -11.647 11.929  1.00 17.94 ? 334 GLY A O   1 
ATOM   1066 N N   . ALA A 1 132 ? 0.032   -13.652 12.267  1.00 17.78 ? 335 ALA A N   1 
ATOM   1067 C CA  . ALA A 1 132 ? 1.336   -13.089 12.601  1.00 20.84 ? 335 ALA A CA  1 
ATOM   1068 C C   . ALA A 1 132 ? 2.047   -12.652 11.313  1.00 23.67 ? 335 ALA A C   1 
ATOM   1069 O O   . ALA A 1 132 ? 2.881   -11.758 11.525  1.00 29.93 ? 335 ALA A O   1 
ATOM   1070 C CB  . ALA A 1 132 ? 2.117   -14.115 13.398  1.00 22.02 ? 335 ALA A CB  1 
HETATM 1071 O O   . HOH B 2 .   ? -4.447  -1.141  15.124  1.00 28.77 ? 401 HOH A O   1 
HETATM 1072 O O   . HOH B 2 .   ? -11.925 -1.207  -6.911  1.00 30.94 ? 402 HOH A O   1 
HETATM 1073 O O   . HOH B 2 .   ? 7.079   -8.514  3.615   1.00 31.36 ? 403 HOH A O   1 
HETATM 1074 O O   . HOH B 2 .   ? 0.383   5.271   10.788  1.00 21.88 ? 404 HOH A O   1 
HETATM 1075 O O   . HOH B 2 .   ? -0.058  1.225   10.585  1.00 22.98 ? 405 HOH A O   1 
HETATM 1076 O O   . HOH B 2 .   ? -7.288  2.136   14.817  1.00 31.60 ? 406 HOH A O   1 
HETATM 1077 O O   . HOH B 2 .   ? -14.763 8.640   6.179   1.00 24.67 ? 407 HOH A O   1 
HETATM 1078 O O   . HOH B 2 .   ? 10.492  -5.704  5.494   1.00 32.63 ? 408 HOH A O   1 
HETATM 1079 O O   . HOH B 2 .   ? -16.108 3.894   2.228   1.00 25.19 ? 409 HOH A O   1 
HETATM 1080 O O   . HOH B 2 .   ? -12.652 11.138  0.495   1.00 28.88 ? 410 HOH A O   1 
HETATM 1081 O O   . HOH B 2 .   ? -4.062  12.219  8.560   1.00 25.78 ? 411 HOH A O   1 
HETATM 1082 O O   . HOH B 2 .   ? 19.014  1.897   -2.787  1.00 25.04 ? 412 HOH A O   1 
HETATM 1083 O O   . HOH B 2 .   ? 2.201   -2.684  -12.722 1.00 30.12 ? 413 HOH A O   1 
HETATM 1084 O O   . HOH B 2 .   ? -11.987 -9.112  7.288   1.00 23.54 ? 414 HOH A O   1 
HETATM 1085 O O   . HOH B 2 .   ? 7.674   12.439  4.650   1.00 23.98 ? 415 HOH A O   1 
HETATM 1086 O O   . HOH B 2 .   ? 7.135   6.037   -10.867 1.00 14.45 ? 416 HOH A O   1 
HETATM 1087 O O   . HOH B 2 .   ? -1.572  1.626   -14.150 1.00 21.33 ? 417 HOH A O   1 
HETATM 1088 O O   . HOH B 2 .   ? 0.124   -9.797  13.616  1.00 27.95 ? 418 HOH A O   1 
HETATM 1089 O O   . HOH B 2 .   ? -12.058 3.657   11.036  0.50 18.07 ? 419 HOH A O   1 
HETATM 1090 O O   . HOH B 2 .   ? -8.173  5.915   13.039  1.00 31.41 ? 420 HOH A O   1 
HETATM 1091 O O   . HOH B 2 .   ? 19.464  6.507   3.684   1.00 21.99 ? 421 HOH A O   1 
HETATM 1092 O O   . HOH B 2 .   ? -4.030  7.969   7.420   1.00 14.29 ? 422 HOH A O   1 
HETATM 1093 O O   . HOH B 2 .   ? -8.361  -15.217 9.835   1.00 17.02 ? 423 HOH A O   1 
HETATM 1094 O O   . HOH B 2 .   ? -13.292 4.715   0.737   1.00 24.93 ? 424 HOH A O   1 
HETATM 1095 O O   . HOH B 2 .   ? 4.927   14.656  -11.162 1.00 20.96 ? 425 HOH A O   1 
HETATM 1096 O O   . HOH B 2 .   ? -7.765  -3.673  16.283  1.00 32.19 ? 426 HOH A O   1 
HETATM 1097 O O   . HOH B 2 .   ? 5.022   4.166   -13.892 1.00 25.45 ? 427 HOH A O   1 
HETATM 1098 O O   . HOH B 2 .   ? 3.613   15.177  -1.014  1.00 23.58 ? 428 HOH A O   1 
HETATM 1099 O O   . HOH B 2 .   ? -11.307 -8.186  11.296  1.00 26.20 ? 429 HOH A O   1 
HETATM 1100 O O   . HOH B 2 .   ? -9.782  -11.476 12.327  1.00 24.29 ? 430 HOH A O   1 
HETATM 1101 O O   . HOH B 2 .   ? 2.822   -7.092  -7.499  1.00 15.98 ? 431 HOH A O   1 
HETATM 1102 O O   . HOH B 2 .   ? -13.424 5.865   -2.282  1.00 28.86 ? 432 HOH A O   1 
HETATM 1103 O O   . HOH B 2 .   ? 17.473  9.790   -4.918  1.00 27.68 ? 433 HOH A O   1 
HETATM 1104 O O   . HOH B 2 .   ? 9.283   4.019   7.580   1.00 26.00 ? 434 HOH A O   1 
HETATM 1105 O O   . HOH B 2 .   ? 15.877  5.198   4.106   1.00 17.83 ? 435 HOH A O   1 
HETATM 1106 O O   . HOH B 2 .   ? 17.886  3.377   2.501   1.00 24.37 ? 436 HOH A O   1 
HETATM 1107 O O   . HOH B 2 .   ? 13.581  -6.235  -3.011  1.00 24.81 ? 437 HOH A O   1 
HETATM 1108 O O   . HOH B 2 .   ? 10.062  17.868  -1.048  1.00 27.10 ? 438 HOH A O   1 
HETATM 1109 O O   . HOH B 2 .   ? 2.773   -8.896  11.695  1.00 31.78 ? 439 HOH A O   1 
HETATM 1110 O O   . HOH B 2 .   ? 8.996   -9.820  1.742   1.00 24.92 ? 440 HOH A O   1 
HETATM 1111 O O   . HOH B 2 .   ? -10.157 -12.959 7.645   1.00 26.33 ? 441 HOH A O   1 
HETATM 1112 O O   . HOH B 2 .   ? 7.484   10.780  -10.611 1.00 17.02 ? 442 HOH A O   1 
HETATM 1113 O O   . HOH B 2 .   ? 17.869  5.547   -10.966 1.00 19.88 ? 443 HOH A O   1 
HETATM 1114 O O   . HOH B 2 .   ? 14.075  11.964  -0.811  1.00 27.71 ? 444 HOH A O   1 
HETATM 1115 O O   . HOH B 2 .   ? -3.892  1.759   0.890   1.00 24.82 ? 445 HOH A O   1 
HETATM 1116 O O   . HOH B 2 .   ? -7.869  12.003  -1.476  1.00 32.57 ? 446 HOH A O   1 
HETATM 1117 O O   . HOH B 2 .   ? 3.960   -13.345 5.683   1.00 27.99 ? 447 HOH A O   1 
HETATM 1118 O O   . HOH B 2 .   ? -15.879 7.292   2.154   1.00 37.07 ? 448 HOH A O   1 
HETATM 1119 O O   . HOH B 2 .   ? 5.301   -1.334  -9.847  1.00 19.60 ? 449 HOH A O   1 
HETATM 1120 O O   . HOH B 2 .   ? 4.577   16.196  -4.842  1.00 25.30 ? 450 HOH A O   1 
HETATM 1121 O O   . HOH B 2 .   ? -11.624 -13.289 -2.239  1.00 21.16 ? 451 HOH A O   1 
HETATM 1122 O O   . HOH B 2 .   ? -5.767  4.605   17.093  1.00 32.13 ? 452 HOH A O   1 
HETATM 1123 O O   . HOH B 2 .   ? 1.192   4.168   -12.700 1.00 28.09 ? 453 HOH A O   1 
HETATM 1124 O O   . HOH B 2 .   ? -1.823  12.770  -5.031  1.00 32.60 ? 454 HOH A O   1 
HETATM 1125 O O   . HOH B 2 .   ? 8.588   6.620   7.567   1.00 27.11 ? 455 HOH A O   1 
HETATM 1126 O O   . HOH B 2 .   ? -3.992  12.851  5.414   1.00 37.54 ? 456 HOH A O   1 
HETATM 1127 O O   . HOH B 2 .   ? -2.969  -10.512 14.759  1.00 34.03 ? 457 HOH A O   1 
HETATM 1128 O O   . HOH B 2 .   ? -0.022  -15.967 7.505   1.00 38.19 ? 458 HOH A O   1 
HETATM 1129 O O   . HOH B 2 .   ? -2.744  3.661   -0.511  1.00 27.84 ? 459 HOH A O   1 
HETATM 1130 O O   . HOH B 2 .   ? -1.493  2.519   17.599  1.00 33.29 ? 460 HOH A O   1 
HETATM 1131 O O   . HOH B 2 .   ? -12.131 -5.961  5.521   1.00 39.49 ? 461 HOH A O   1 
HETATM 1132 O O   . HOH B 2 .   ? 0.364   3.284   12.491  1.00 27.82 ? 462 HOH A O   1 
HETATM 1133 O O   . HOH B 2 .   ? -6.430  13.220  4.871   1.00 35.58 ? 463 HOH A O   1 
HETATM 1134 O O   . HOH B 2 .   ? -15.678 -3.951  -3.276  1.00 35.89 ? 464 HOH A O   1 
HETATM 1135 O O   . HOH B 2 .   ? 3.433   -0.178  -13.867 1.00 36.82 ? 465 HOH A O   1 
HETATM 1136 O O   . HOH B 2 .   ? 0.608   0.102   16.340  1.00 30.49 ? 466 HOH A O   1 
HETATM 1137 O O   . HOH B 2 .   ? 3.060   4.101   5.367   1.00 28.56 ? 467 HOH A O   1 
HETATM 1138 O O   . HOH B 2 .   ? 16.851  5.010   6.792   0.50 25.64 ? 468 HOH A O   1 
HETATM 1139 O O   . HOH B 2 .   ? 5.952   6.578   8.485   1.00 37.58 ? 469 HOH A O   1 
HETATM 1140 O O   . HOH B 2 .   ? 2.773   6.871   10.953  1.00 29.04 ? 470 HOH A O   1 
# 
